data_1FAO
# 
_entry.id   1FAO 
# 
_audit_conform.dict_name       mmcif_pdbx.dic 
_audit_conform.dict_version    5.398 
_audit_conform.dict_location   http://mmcif.pdb.org/dictionaries/ascii/mmcif_pdbx.dic 
# 
loop_
_database_2.database_id 
_database_2.database_code 
_database_2.pdbx_database_accession 
_database_2.pdbx_DOI 
PDB   1FAO         pdb_00001fao 10.2210/pdb1fao/pdb 
RCSB  RCSB011440   ?            ?                   
WWPDB D_1000011440 ?            ?                   
# 
loop_
_pdbx_audit_revision_history.ordinal 
_pdbx_audit_revision_history.data_content_type 
_pdbx_audit_revision_history.major_revision 
_pdbx_audit_revision_history.minor_revision 
_pdbx_audit_revision_history.revision_date 
1 'Structure model' 1 0 2000-07-20 
2 'Structure model' 1 1 2008-04-27 
3 'Structure model' 1 2 2011-07-13 
4 'Structure model' 1 3 2023-08-09 
5 'Structure model' 1 4 2024-10-30 
# 
_pdbx_audit_revision_details.ordinal             1 
_pdbx_audit_revision_details.revision_ordinal    1 
_pdbx_audit_revision_details.data_content_type   'Structure model' 
_pdbx_audit_revision_details.provider            repository 
_pdbx_audit_revision_details.type                'Initial release' 
_pdbx_audit_revision_details.description         ? 
_pdbx_audit_revision_details.details             ? 
# 
loop_
_pdbx_audit_revision_group.ordinal 
_pdbx_audit_revision_group.revision_ordinal 
_pdbx_audit_revision_group.data_content_type 
_pdbx_audit_revision_group.group 
1 2 'Structure model' 'Version format compliance' 
2 3 'Structure model' 'Version format compliance' 
3 4 'Structure model' 'Data collection'           
4 4 'Structure model' 'Database references'       
5 4 'Structure model' 'Derived calculations'      
6 4 'Structure model' 'Refinement description'    
7 5 'Structure model' 'Structure summary'         
# 
loop_
_pdbx_audit_revision_category.ordinal 
_pdbx_audit_revision_category.revision_ordinal 
_pdbx_audit_revision_category.data_content_type 
_pdbx_audit_revision_category.category 
1 4 'Structure model' chem_comp_atom                
2 4 'Structure model' chem_comp_bond                
3 4 'Structure model' database_2                    
4 4 'Structure model' pdbx_initial_refinement_model 
5 4 'Structure model' struct_site                   
6 5 'Structure model' pdbx_entry_details            
7 5 'Structure model' pdbx_modification_feature     
# 
loop_
_pdbx_audit_revision_item.ordinal 
_pdbx_audit_revision_item.revision_ordinal 
_pdbx_audit_revision_item.data_content_type 
_pdbx_audit_revision_item.item 
1 4 'Structure model' '_database_2.pdbx_DOI'                
2 4 'Structure model' '_database_2.pdbx_database_accession' 
3 4 'Structure model' '_struct_site.pdbx_auth_asym_id'      
4 4 'Structure model' '_struct_site.pdbx_auth_comp_id'      
5 4 'Structure model' '_struct_site.pdbx_auth_seq_id'       
# 
_pdbx_database_status.status_code                     REL 
_pdbx_database_status.entry_id                        1FAO 
_pdbx_database_status.recvd_initial_deposition_date   2000-07-13 
_pdbx_database_status.deposit_site                    RCSB 
_pdbx_database_status.process_site                    RCSB 
_pdbx_database_status.SG_entry                        . 
_pdbx_database_status.pdb_format_compatible           Y 
_pdbx_database_status.status_code_mr                  ? 
_pdbx_database_status.status_code_sf                  ? 
_pdbx_database_status.status_code_cs                  ? 
_pdbx_database_status.status_code_nmr_data            ? 
_pdbx_database_status.methods_development_category    ? 
# 
_pdbx_database_related.db_name        PDB 
_pdbx_database_related.db_id          1FB8 
_pdbx_database_related.details        'STRUCTURE OF THE PLECKSTRIN HOMOLOGY DOMAIN FROM DAPP1/PHISH' 
_pdbx_database_related.content_type   unspecified 
# 
loop_
_audit_author.name 
_audit_author.pdbx_ordinal 
'Ferguson, K.M.' 1 
'Kavran, J.M.'   2 
'Sankaran, V.G.' 3 
'Fournier, E.'   4 
'Isakoff, S.J.'  5 
'Skolnik, E.Y.'  6 
'Lemmon, M.A.'   7 
# 
_citation.id                        primary 
_citation.title                     'Structural basis for discrimination of 3-phosphoinositides by pleckstrin homology domains.' 
_citation.journal_abbrev            Mol.Cell 
_citation.journal_volume            6 
_citation.page_first                373 
_citation.page_last                 384 
_citation.year                      2000 
_citation.journal_id_ASTM           MOCEFL 
_citation.country                   US 
_citation.journal_id_ISSN           1097-2765 
_citation.journal_id_CSD            2168 
_citation.book_publisher            ? 
_citation.pdbx_database_id_PubMed   10983984 
_citation.pdbx_database_id_DOI      '10.1016/S1097-2765(00)00037-X' 
# 
loop_
_citation_author.citation_id 
_citation_author.name 
_citation_author.ordinal 
_citation_author.identifier_ORCID 
primary 'Ferguson, K.M.' 1 ? 
primary 'Kavran, J.M.'   2 ? 
primary 'Sankaran, V.G.' 3 ? 
primary 'Fournier, E.'   4 ? 
primary 'Isakoff, S.J.'  5 ? 
primary 'Skolnik, E.Y.'  6 ? 
primary 'Lemmon, M.A.'   7 ? 
# 
loop_
_entity.id 
_entity.type 
_entity.src_method 
_entity.pdbx_description 
_entity.formula_weight 
_entity.pdbx_number_of_molecules 
_entity.pdbx_ec 
_entity.pdbx_mutation 
_entity.pdbx_fragment 
_entity.details 
1 polymer     man 'DUAL ADAPTOR OF PHOSPHOTYROSINE AND 3-PHOSPHOINOSITIDES' 14805.023 1   ? ? 'PLECKSTRIN HOMOLOGY DOMAIN' 
'COMPLEX WITH INOSITOL 1,3,4,5-TETRAKISPHOSPHATE' 
2 non-polymer syn 'INOSITOL-(1,3,4,5)-TETRAKISPHOSPHATE'                    500.075   1   ? ? ?                            ? 
3 water       nat water                                                     18.015    105 ? ? ?                            ? 
# 
_entity_name_com.entity_id   1 
_entity_name_com.name        'DAPP1, PHISH, BAM32' 
# 
_entity_poly.entity_id                      1 
_entity_poly.type                           'polypeptide(L)' 
_entity_poly.nstd_linkage                   no 
_entity_poly.nstd_monomer                   no 
_entity_poly.pdbx_seq_one_letter_code       
;MQTGRTEDDLVPTAPSLGTKEGYLTKQGGLVKTWKTRWFTLHRNELKYFKDQMSPEPIRILDLTECSAVQFDYSQERVNC
FCLVFPFRTFYLCAKTGVEADEWIKILRWKLSQIRKQLNQGEGTIR
;
_entity_poly.pdbx_seq_one_letter_code_can   
;MQTGRTEDDLVPTAPSLGTKEGYLTKQGGLVKTWKTRWFTLHRNELKYFKDQMSPEPIRILDLTECSAVQFDYSQERVNC
FCLVFPFRTFYLCAKTGVEADEWIKILRWKLSQIRKQLNQGEGTIR
;
_entity_poly.pdbx_strand_id                 A 
_entity_poly.pdbx_target_identifier         ? 
# 
loop_
_pdbx_entity_nonpoly.entity_id 
_pdbx_entity_nonpoly.name 
_pdbx_entity_nonpoly.comp_id 
2 'INOSITOL-(1,3,4,5)-TETRAKISPHOSPHATE' 4IP 
3 water                                  HOH 
# 
loop_
_entity_poly_seq.entity_id 
_entity_poly_seq.num 
_entity_poly_seq.mon_id 
_entity_poly_seq.hetero 
1 1   MET n 
1 2   GLN n 
1 3   THR n 
1 4   GLY n 
1 5   ARG n 
1 6   THR n 
1 7   GLU n 
1 8   ASP n 
1 9   ASP n 
1 10  LEU n 
1 11  VAL n 
1 12  PRO n 
1 13  THR n 
1 14  ALA n 
1 15  PRO n 
1 16  SER n 
1 17  LEU n 
1 18  GLY n 
1 19  THR n 
1 20  LYS n 
1 21  GLU n 
1 22  GLY n 
1 23  TYR n 
1 24  LEU n 
1 25  THR n 
1 26  LYS n 
1 27  GLN n 
1 28  GLY n 
1 29  GLY n 
1 30  LEU n 
1 31  VAL n 
1 32  LYS n 
1 33  THR n 
1 34  TRP n 
1 35  LYS n 
1 36  THR n 
1 37  ARG n 
1 38  TRP n 
1 39  PHE n 
1 40  THR n 
1 41  LEU n 
1 42  HIS n 
1 43  ARG n 
1 44  ASN n 
1 45  GLU n 
1 46  LEU n 
1 47  LYS n 
1 48  TYR n 
1 49  PHE n 
1 50  LYS n 
1 51  ASP n 
1 52  GLN n 
1 53  MET n 
1 54  SER n 
1 55  PRO n 
1 56  GLU n 
1 57  PRO n 
1 58  ILE n 
1 59  ARG n 
1 60  ILE n 
1 61  LEU n 
1 62  ASP n 
1 63  LEU n 
1 64  THR n 
1 65  GLU n 
1 66  CYS n 
1 67  SER n 
1 68  ALA n 
1 69  VAL n 
1 70  GLN n 
1 71  PHE n 
1 72  ASP n 
1 73  TYR n 
1 74  SER n 
1 75  GLN n 
1 76  GLU n 
1 77  ARG n 
1 78  VAL n 
1 79  ASN n 
1 80  CYS n 
1 81  PHE n 
1 82  CYS n 
1 83  LEU n 
1 84  VAL n 
1 85  PHE n 
1 86  PRO n 
1 87  PHE n 
1 88  ARG n 
1 89  THR n 
1 90  PHE n 
1 91  TYR n 
1 92  LEU n 
1 93  CYS n 
1 94  ALA n 
1 95  LYS n 
1 96  THR n 
1 97  GLY n 
1 98  VAL n 
1 99  GLU n 
1 100 ALA n 
1 101 ASP n 
1 102 GLU n 
1 103 TRP n 
1 104 ILE n 
1 105 LYS n 
1 106 ILE n 
1 107 LEU n 
1 108 ARG n 
1 109 TRP n 
1 110 LYS n 
1 111 LEU n 
1 112 SER n 
1 113 GLN n 
1 114 ILE n 
1 115 ARG n 
1 116 LYS n 
1 117 GLN n 
1 118 LEU n 
1 119 ASN n 
1 120 GLN n 
1 121 GLY n 
1 122 GLU n 
1 123 GLY n 
1 124 THR n 
1 125 ILE n 
1 126 ARG n 
# 
_entity_src_gen.entity_id                          1 
_entity_src_gen.pdbx_src_id                        1 
_entity_src_gen.pdbx_alt_source_flag               sample 
_entity_src_gen.pdbx_seq_type                      ? 
_entity_src_gen.pdbx_beg_seq_num                   ? 
_entity_src_gen.pdbx_end_seq_num                   ? 
_entity_src_gen.gene_src_common_name               human 
_entity_src_gen.gene_src_genus                     Homo 
_entity_src_gen.pdbx_gene_src_gene                 ? 
_entity_src_gen.gene_src_species                   ? 
_entity_src_gen.gene_src_strain                    ? 
_entity_src_gen.gene_src_tissue                    ? 
_entity_src_gen.gene_src_tissue_fraction           ? 
_entity_src_gen.gene_src_details                   ? 
_entity_src_gen.pdbx_gene_src_fragment             ? 
_entity_src_gen.pdbx_gene_src_scientific_name      'Homo sapiens' 
_entity_src_gen.pdbx_gene_src_ncbi_taxonomy_id     9606 
_entity_src_gen.pdbx_gene_src_variant              ? 
_entity_src_gen.pdbx_gene_src_cell_line            ? 
_entity_src_gen.pdbx_gene_src_atcc                 ? 
_entity_src_gen.pdbx_gene_src_organ                ? 
_entity_src_gen.pdbx_gene_src_organelle            ? 
_entity_src_gen.pdbx_gene_src_cell                 ? 
_entity_src_gen.pdbx_gene_src_cellular_location    ? 
_entity_src_gen.host_org_common_name               ? 
_entity_src_gen.pdbx_host_org_scientific_name      'Escherichia coli' 
_entity_src_gen.pdbx_host_org_ncbi_taxonomy_id     562 
_entity_src_gen.host_org_genus                     Escherichia 
_entity_src_gen.pdbx_host_org_gene                 ? 
_entity_src_gen.pdbx_host_org_organ                ? 
_entity_src_gen.host_org_species                   ? 
_entity_src_gen.pdbx_host_org_tissue               ? 
_entity_src_gen.pdbx_host_org_tissue_fraction      ? 
_entity_src_gen.pdbx_host_org_strain               ? 
_entity_src_gen.pdbx_host_org_variant              ? 
_entity_src_gen.pdbx_host_org_cell_line            ? 
_entity_src_gen.pdbx_host_org_atcc                 ? 
_entity_src_gen.pdbx_host_org_culture_collection   ? 
_entity_src_gen.pdbx_host_org_cell                 ? 
_entity_src_gen.pdbx_host_org_organelle            ? 
_entity_src_gen.pdbx_host_org_cellular_location    ? 
_entity_src_gen.pdbx_host_org_vector_type          PLASMID 
_entity_src_gen.pdbx_host_org_vector               ? 
_entity_src_gen.host_org_details                   ? 
_entity_src_gen.expression_system_id               ? 
_entity_src_gen.plasmid_name                       PET11A 
_entity_src_gen.plasmid_details                    ? 
_entity_src_gen.pdbx_description                   ? 
# 
loop_
_chem_comp.id 
_chem_comp.type 
_chem_comp.mon_nstd_flag 
_chem_comp.name 
_chem_comp.pdbx_synonyms 
_chem_comp.formula 
_chem_comp.formula_weight 
4IP non-polymer         . 'INOSITOL-(1,3,4,5)-TETRAKISPHOSPHATE' ? 'C6 H16 O18 P4'  500.075 
ALA 'L-peptide linking' y ALANINE                                ? 'C3 H7 N O2'     89.093  
ARG 'L-peptide linking' y ARGININE                               ? 'C6 H15 N4 O2 1' 175.209 
ASN 'L-peptide linking' y ASPARAGINE                             ? 'C4 H8 N2 O3'    132.118 
ASP 'L-peptide linking' y 'ASPARTIC ACID'                        ? 'C4 H7 N O4'     133.103 
CYS 'L-peptide linking' y CYSTEINE                               ? 'C3 H7 N O2 S'   121.158 
GLN 'L-peptide linking' y GLUTAMINE                              ? 'C5 H10 N2 O3'   146.144 
GLU 'L-peptide linking' y 'GLUTAMIC ACID'                        ? 'C5 H9 N O4'     147.129 
GLY 'peptide linking'   y GLYCINE                                ? 'C2 H5 N O2'     75.067  
HIS 'L-peptide linking' y HISTIDINE                              ? 'C6 H10 N3 O2 1' 156.162 
HOH non-polymer         . WATER                                  ? 'H2 O'           18.015  
ILE 'L-peptide linking' y ISOLEUCINE                             ? 'C6 H13 N O2'    131.173 
LEU 'L-peptide linking' y LEUCINE                                ? 'C6 H13 N O2'    131.173 
LYS 'L-peptide linking' y LYSINE                                 ? 'C6 H15 N2 O2 1' 147.195 
MET 'L-peptide linking' y METHIONINE                             ? 'C5 H11 N O2 S'  149.211 
PHE 'L-peptide linking' y PHENYLALANINE                          ? 'C9 H11 N O2'    165.189 
PRO 'L-peptide linking' y PROLINE                                ? 'C5 H9 N O2'     115.130 
SER 'L-peptide linking' y SERINE                                 ? 'C3 H7 N O3'     105.093 
THR 'L-peptide linking' y THREONINE                              ? 'C4 H9 N O3'     119.119 
TRP 'L-peptide linking' y TRYPTOPHAN                             ? 'C11 H12 N2 O2'  204.225 
TYR 'L-peptide linking' y TYROSINE                               ? 'C9 H11 N O3'    181.189 
VAL 'L-peptide linking' y VALINE                                 ? 'C5 H11 N O2'    117.146 
# 
loop_
_pdbx_poly_seq_scheme.asym_id 
_pdbx_poly_seq_scheme.entity_id 
_pdbx_poly_seq_scheme.seq_id 
_pdbx_poly_seq_scheme.mon_id 
_pdbx_poly_seq_scheme.ndb_seq_num 
_pdbx_poly_seq_scheme.pdb_seq_num 
_pdbx_poly_seq_scheme.auth_seq_num 
_pdbx_poly_seq_scheme.pdb_mon_id 
_pdbx_poly_seq_scheme.auth_mon_id 
_pdbx_poly_seq_scheme.pdb_strand_id 
_pdbx_poly_seq_scheme.pdb_ins_code 
_pdbx_poly_seq_scheme.hetero 
A 1 1   MET 1   148 ?   ?   ?   A . n 
A 1 2   GLN 2   149 ?   ?   ?   A . n 
A 1 3   THR 3   150 ?   ?   ?   A . n 
A 1 4   GLY 4   151 ?   ?   ?   A . n 
A 1 5   ARG 5   152 ?   ?   ?   A . n 
A 1 6   THR 6   153 ?   ?   ?   A . n 
A 1 7   GLU 7   154 ?   ?   ?   A . n 
A 1 8   ASP 8   155 ?   ?   ?   A . n 
A 1 9   ASP 9   156 ?   ?   ?   A . n 
A 1 10  LEU 10  157 ?   ?   ?   A . n 
A 1 11  VAL 11  158 ?   ?   ?   A . n 
A 1 12  PRO 12  159 ?   ?   ?   A . n 
A 1 13  THR 13  160 ?   ?   ?   A . n 
A 1 14  ALA 14  161 ?   ?   ?   A . n 
A 1 15  PRO 15  162 162 PRO PRO A . n 
A 1 16  SER 16  163 163 SER SER A . n 
A 1 17  LEU 17  164 164 LEU LEU A . n 
A 1 18  GLY 18  165 165 GLY GLY A . n 
A 1 19  THR 19  166 166 THR THR A . n 
A 1 20  LYS 20  167 167 LYS LYS A . n 
A 1 21  GLU 21  168 168 GLU GLU A . n 
A 1 22  GLY 22  169 169 GLY GLY A . n 
A 1 23  TYR 23  170 170 TYR TYR A . n 
A 1 24  LEU 24  171 171 LEU LEU A . n 
A 1 25  THR 25  172 172 THR THR A . n 
A 1 26  LYS 26  173 173 LYS LYS A . n 
A 1 27  GLN 27  174 174 GLN GLN A . n 
A 1 28  GLY 28  175 175 GLY GLY A . n 
A 1 29  GLY 29  176 176 GLY GLY A . n 
A 1 30  LEU 30  177 177 LEU LEU A . n 
A 1 31  VAL 31  178 178 VAL VAL A . n 
A 1 32  LYS 32  179 179 LYS LYS A . n 
A 1 33  THR 33  180 180 THR THR A . n 
A 1 34  TRP 34  181 181 TRP TRP A . n 
A 1 35  LYS 35  182 182 LYS LYS A . n 
A 1 36  THR 36  183 183 THR THR A . n 
A 1 37  ARG 37  184 184 ARG ARG A . n 
A 1 38  TRP 38  185 185 TRP TRP A . n 
A 1 39  PHE 39  186 186 PHE PHE A . n 
A 1 40  THR 40  187 187 THR THR A . n 
A 1 41  LEU 41  188 188 LEU LEU A . n 
A 1 42  HIS 42  189 189 HIS HIS A . n 
A 1 43  ARG 43  190 190 ARG ARG A . n 
A 1 44  ASN 44  191 191 ASN ASN A . n 
A 1 45  GLU 45  192 192 GLU GLU A . n 
A 1 46  LEU 46  193 193 LEU LEU A . n 
A 1 47  LYS 47  194 194 LYS LYS A . n 
A 1 48  TYR 48  195 195 TYR TYR A . n 
A 1 49  PHE 49  196 196 PHE PHE A . n 
A 1 50  LYS 50  197 197 LYS LYS A . n 
A 1 51  ASP 51  198 198 ASP ASP A . n 
A 1 52  GLN 52  199 199 GLN GLN A . n 
A 1 53  MET 53  200 200 MET MET A . n 
A 1 54  SER 54  201 201 SER SER A . n 
A 1 55  PRO 55  202 202 PRO PRO A . n 
A 1 56  GLU 56  203 203 GLU GLU A . n 
A 1 57  PRO 57  204 204 PRO PRO A . n 
A 1 58  ILE 58  205 205 ILE ILE A . n 
A 1 59  ARG 59  206 206 ARG ARG A . n 
A 1 60  ILE 60  207 207 ILE ILE A . n 
A 1 61  LEU 61  208 208 LEU LEU A . n 
A 1 62  ASP 62  209 209 ASP ASP A . n 
A 1 63  LEU 63  210 210 LEU LEU A . n 
A 1 64  THR 64  211 211 THR THR A . n 
A 1 65  GLU 65  212 212 GLU GLU A . n 
A 1 66  CYS 66  213 213 CYS CYS A . n 
A 1 67  SER 67  214 214 SER SER A . n 
A 1 68  ALA 68  215 215 ALA ALA A . n 
A 1 69  VAL 69  216 216 VAL VAL A . n 
A 1 70  GLN 70  217 217 GLN GLN A . n 
A 1 71  PHE 71  218 218 PHE PHE A . n 
A 1 72  ASP 72  219 219 ASP ASP A . n 
A 1 73  TYR 73  220 220 TYR TYR A . n 
A 1 74  SER 74  221 221 SER SER A . n 
A 1 75  GLN 75  222 222 GLN GLN A . n 
A 1 76  GLU 76  223 223 GLU GLU A . n 
A 1 77  ARG 77  224 224 ARG ARG A . n 
A 1 78  VAL 78  225 225 VAL VAL A . n 
A 1 79  ASN 79  226 226 ASN ASN A . n 
A 1 80  CYS 80  227 227 CYS CYS A . n 
A 1 81  PHE 81  228 228 PHE PHE A . n 
A 1 82  CYS 82  229 229 CYS CYS A . n 
A 1 83  LEU 83  230 230 LEU LEU A . n 
A 1 84  VAL 84  231 231 VAL VAL A . n 
A 1 85  PHE 85  232 232 PHE PHE A . n 
A 1 86  PRO 86  233 233 PRO PRO A . n 
A 1 87  PHE 87  234 234 PHE PHE A . n 
A 1 88  ARG 88  235 235 ARG ARG A . n 
A 1 89  THR 89  236 236 THR THR A . n 
A 1 90  PHE 90  237 237 PHE PHE A . n 
A 1 91  TYR 91  238 238 TYR TYR A . n 
A 1 92  LEU 92  239 239 LEU LEU A . n 
A 1 93  CYS 93  240 240 CYS CYS A . n 
A 1 94  ALA 94  241 241 ALA ALA A . n 
A 1 95  LYS 95  242 242 LYS LYS A . n 
A 1 96  THR 96  243 243 THR THR A . n 
A 1 97  GLY 97  244 244 GLY GLY A . n 
A 1 98  VAL 98  245 245 VAL VAL A . n 
A 1 99  GLU 99  246 246 GLU GLU A . n 
A 1 100 ALA 100 247 247 ALA ALA A . n 
A 1 101 ASP 101 248 248 ASP ASP A . n 
A 1 102 GLU 102 249 249 GLU GLU A . n 
A 1 103 TRP 103 250 250 TRP TRP A . n 
A 1 104 ILE 104 251 251 ILE ILE A . n 
A 1 105 LYS 105 252 252 LYS LYS A . n 
A 1 106 ILE 106 253 253 ILE ILE A . n 
A 1 107 LEU 107 254 254 LEU LEU A . n 
A 1 108 ARG 108 255 255 ARG ARG A . n 
A 1 109 TRP 109 256 256 TRP TRP A . n 
A 1 110 LYS 110 257 257 LYS LYS A . n 
A 1 111 LEU 111 258 258 LEU LEU A . n 
A 1 112 SER 112 259 259 SER SER A . n 
A 1 113 GLN 113 260 260 GLN GLN A . n 
A 1 114 ILE 114 261 261 ILE ILE A . n 
A 1 115 ARG 115 262 ?   ?   ?   A . n 
A 1 116 LYS 116 263 ?   ?   ?   A . n 
A 1 117 GLN 117 264 ?   ?   ?   A . n 
A 1 118 LEU 118 265 ?   ?   ?   A . n 
A 1 119 ASN 119 266 ?   ?   ?   A . n 
A 1 120 GLN 120 267 ?   ?   ?   A . n 
A 1 121 GLY 121 268 ?   ?   ?   A . n 
A 1 122 GLU 122 269 ?   ?   ?   A . n 
A 1 123 GLY 123 270 ?   ?   ?   A . n 
A 1 124 THR 124 271 ?   ?   ?   A . n 
A 1 125 ILE 125 272 ?   ?   ?   A . n 
A 1 126 ARG 126 273 ?   ?   ?   A . n 
# 
loop_
_pdbx_nonpoly_scheme.asym_id 
_pdbx_nonpoly_scheme.entity_id 
_pdbx_nonpoly_scheme.mon_id 
_pdbx_nonpoly_scheme.ndb_seq_num 
_pdbx_nonpoly_scheme.pdb_seq_num 
_pdbx_nonpoly_scheme.auth_seq_num 
_pdbx_nonpoly_scheme.pdb_mon_id 
_pdbx_nonpoly_scheme.auth_mon_id 
_pdbx_nonpoly_scheme.pdb_strand_id 
_pdbx_nonpoly_scheme.pdb_ins_code 
B 2 4IP 1   274 1   4IP ITS A . 
C 3 HOH 1   1   1   HOH TIP A . 
C 3 HOH 2   2   2   HOH TIP A . 
C 3 HOH 3   3   3   HOH TIP A . 
C 3 HOH 4   4   4   HOH TIP A . 
C 3 HOH 5   5   5   HOH TIP A . 
C 3 HOH 6   6   6   HOH TIP A . 
C 3 HOH 7   7   7   HOH TIP A . 
C 3 HOH 8   8   8   HOH TIP A . 
C 3 HOH 9   9   9   HOH TIP A . 
C 3 HOH 10  10  10  HOH TIP A . 
C 3 HOH 11  11  11  HOH TIP A . 
C 3 HOH 12  12  12  HOH TIP A . 
C 3 HOH 13  13  13  HOH TIP A . 
C 3 HOH 14  14  14  HOH TIP A . 
C 3 HOH 15  15  15  HOH TIP A . 
C 3 HOH 16  16  16  HOH TIP A . 
C 3 HOH 17  17  17  HOH TIP A . 
C 3 HOH 18  18  18  HOH TIP A . 
C 3 HOH 19  19  19  HOH TIP A . 
C 3 HOH 20  20  20  HOH TIP A . 
C 3 HOH 21  21  21  HOH TIP A . 
C 3 HOH 22  22  22  HOH TIP A . 
C 3 HOH 23  23  23  HOH TIP A . 
C 3 HOH 24  24  24  HOH TIP A . 
C 3 HOH 25  25  25  HOH TIP A . 
C 3 HOH 26  26  26  HOH TIP A . 
C 3 HOH 27  27  27  HOH TIP A . 
C 3 HOH 28  28  28  HOH TIP A . 
C 3 HOH 29  29  29  HOH TIP A . 
C 3 HOH 30  30  30  HOH TIP A . 
C 3 HOH 31  31  31  HOH TIP A . 
C 3 HOH 32  32  32  HOH TIP A . 
C 3 HOH 33  33  33  HOH TIP A . 
C 3 HOH 34  34  34  HOH TIP A . 
C 3 HOH 35  35  35  HOH TIP A . 
C 3 HOH 36  36  36  HOH TIP A . 
C 3 HOH 37  37  37  HOH TIP A . 
C 3 HOH 38  38  38  HOH TIP A . 
C 3 HOH 39  39  39  HOH TIP A . 
C 3 HOH 40  40  40  HOH TIP A . 
C 3 HOH 41  41  41  HOH TIP A . 
C 3 HOH 42  42  42  HOH TIP A . 
C 3 HOH 43  43  43  HOH TIP A . 
C 3 HOH 44  44  44  HOH TIP A . 
C 3 HOH 45  45  45  HOH TIP A . 
C 3 HOH 46  46  46  HOH TIP A . 
C 3 HOH 47  47  47  HOH TIP A . 
C 3 HOH 48  48  48  HOH TIP A . 
C 3 HOH 49  49  49  HOH TIP A . 
C 3 HOH 50  50  50  HOH TIP A . 
C 3 HOH 51  51  51  HOH TIP A . 
C 3 HOH 52  52  52  HOH TIP A . 
C 3 HOH 53  53  53  HOH TIP A . 
C 3 HOH 54  54  54  HOH TIP A . 
C 3 HOH 55  55  55  HOH TIP A . 
C 3 HOH 56  56  56  HOH TIP A . 
C 3 HOH 57  57  57  HOH TIP A . 
C 3 HOH 58  58  58  HOH TIP A . 
C 3 HOH 59  59  59  HOH TIP A . 
C 3 HOH 60  60  60  HOH TIP A . 
C 3 HOH 61  61  61  HOH TIP A . 
C 3 HOH 62  62  62  HOH TIP A . 
C 3 HOH 63  63  63  HOH TIP A . 
C 3 HOH 64  64  64  HOH TIP A . 
C 3 HOH 65  65  65  HOH TIP A . 
C 3 HOH 66  66  66  HOH TIP A . 
C 3 HOH 67  67  67  HOH TIP A . 
C 3 HOH 68  68  68  HOH TIP A . 
C 3 HOH 69  69  69  HOH TIP A . 
C 3 HOH 70  70  70  HOH TIP A . 
C 3 HOH 71  71  71  HOH TIP A . 
C 3 HOH 72  72  72  HOH TIP A . 
C 3 HOH 73  73  73  HOH TIP A . 
C 3 HOH 74  74  74  HOH TIP A . 
C 3 HOH 75  75  75  HOH TIP A . 
C 3 HOH 76  76  76  HOH TIP A . 
C 3 HOH 77  77  77  HOH TIP A . 
C 3 HOH 78  78  78  HOH TIP A . 
C 3 HOH 79  79  79  HOH TIP A . 
C 3 HOH 80  80  80  HOH TIP A . 
C 3 HOH 81  81  81  HOH TIP A . 
C 3 HOH 82  82  82  HOH TIP A . 
C 3 HOH 83  83  83  HOH TIP A . 
C 3 HOH 84  84  84  HOH TIP A . 
C 3 HOH 85  85  85  HOH TIP A . 
C 3 HOH 86  86  86  HOH TIP A . 
C 3 HOH 87  87  87  HOH TIP A . 
C 3 HOH 88  88  88  HOH TIP A . 
C 3 HOH 89  89  89  HOH TIP A . 
C 3 HOH 90  90  90  HOH TIP A . 
C 3 HOH 91  91  91  HOH TIP A . 
C 3 HOH 92  92  92  HOH TIP A . 
C 3 HOH 93  93  93  HOH TIP A . 
C 3 HOH 94  94  94  HOH TIP A . 
C 3 HOH 95  95  95  HOH TIP A . 
C 3 HOH 96  96  96  HOH TIP A . 
C 3 HOH 97  97  97  HOH TIP A . 
C 3 HOH 98  98  98  HOH TIP A . 
C 3 HOH 99  99  99  HOH TIP A . 
C 3 HOH 100 100 100 HOH TIP A . 
C 3 HOH 101 101 101 HOH TIP A . 
C 3 HOH 102 102 102 HOH TIP A . 
C 3 HOH 103 103 103 HOH TIP A . 
C 3 HOH 104 104 104 HOH TIP A . 
C 3 HOH 105 105 105 HOH TIP A . 
# 
loop_
_software.name 
_software.classification 
_software.version 
_software.citation_id 
_software.pdbx_ordinal 
DENZO     'data reduction' .   ? 1 
SCALEPACK 'data scaling'   .   ? 2 
AMoRE     phasing          .   ? 3 
CNS       refinement       0.9 ? 4 
# 
_cell.entry_id           1FAO 
_cell.length_a           40.674 
_cell.length_b           46.273 
_cell.length_c           64.743 
_cell.angle_alpha        90.00 
_cell.angle_beta         90.00 
_cell.angle_gamma        90.00 
_cell.Z_PDB              4 
_cell.pdbx_unique_axis   ? 
# 
_symmetry.entry_id                         1FAO 
_symmetry.space_group_name_H-M             'P 21 21 21' 
_symmetry.pdbx_full_space_group_name_H-M   ? 
_symmetry.cell_setting                     ? 
_symmetry.Int_Tables_number                19 
# 
_exptl.entry_id          1FAO 
_exptl.method            'X-RAY DIFFRACTION' 
_exptl.crystals_number   1 
# 
_exptl_crystal.id                    1 
_exptl_crystal.density_meas          ? 
_exptl_crystal.density_Matthews      2.06 
_exptl_crystal.density_percent_sol   35 
_exptl_crystal.description           ? 
# 
_exptl_crystal_grow.crystal_id      1 
_exptl_crystal_grow.method          'VAPOR DIFFUSION, HANGING DROP' 
_exptl_crystal_grow.temp            291 
_exptl_crystal_grow.temp_details    ? 
_exptl_crystal_grow.pH              7.0 
_exptl_crystal_grow.pdbx_details    'PEG 3450,  Tris, pH 7.0, VAPOR DIFFUSION, HANGING DROP, temperature 291K' 
_exptl_crystal_grow.pdbx_pH_range   ? 
# 
_diffrn.id                     1 
_diffrn.ambient_temp           100 
_diffrn.ambient_temp_details   ? 
_diffrn.crystal_id             1 
# 
_diffrn_detector.diffrn_id              1 
_diffrn_detector.detector               CCD 
_diffrn_detector.type                   'BRANDEIS - B4' 
_diffrn_detector.pdbx_collection_date   1999-02-10 
_diffrn_detector.details                ? 
# 
_diffrn_radiation.diffrn_id                        1 
_diffrn_radiation.wavelength_id                    1 
_diffrn_radiation.pdbx_monochromatic_or_laue_m_l   M 
_diffrn_radiation.monochromator                    ? 
_diffrn_radiation.pdbx_diffrn_protocol             'SINGLE WAVELENGTH' 
_diffrn_radiation.pdbx_scattering_type             x-ray 
# 
_diffrn_radiation_wavelength.id           1 
_diffrn_radiation_wavelength.wavelength   1.0 
_diffrn_radiation_wavelength.wt           1.0 
# 
_diffrn_source.diffrn_id                   1 
_diffrn_source.source                      SYNCHROTRON 
_diffrn_source.type                        'NSLS BEAMLINE X25' 
_diffrn_source.pdbx_synchrotron_site       NSLS 
_diffrn_source.pdbx_synchrotron_beamline   X25 
_diffrn_source.pdbx_wavelength             1.0 
_diffrn_source.pdbx_wavelength_list        ? 
# 
_reflns.entry_id                     1FAO 
_reflns.observed_criterion_sigma_I   0.0 
_reflns.observed_criterion_sigma_F   0.0 
_reflns.d_resolution_low             50.0 
_reflns.d_resolution_high            1.8 
_reflns.number_obs                   11260 
_reflns.number_all                   11260 
_reflns.percent_possible_obs         94.8 
_reflns.pdbx_Rmerge_I_obs            0.04 
_reflns.pdbx_Rsym_value              0.04 
_reflns.pdbx_netI_over_sigmaI        26.6 
_reflns.B_iso_Wilson_estimate        10.0 
_reflns.pdbx_redundancy              4.5 
_reflns.R_free_details               ? 
_reflns.limit_h_max                  ? 
_reflns.limit_h_min                  ? 
_reflns.limit_k_max                  ? 
_reflns.limit_k_min                  ? 
_reflns.limit_l_max                  ? 
_reflns.limit_l_min                  ? 
_reflns.observed_criterion_F_max     ? 
_reflns.observed_criterion_F_min     ? 
_reflns.pdbx_diffrn_id               1 
_reflns.pdbx_ordinal                 1 
# 
_reflns_shell.d_res_high             1.80 
_reflns_shell.d_res_low              1.85 
_reflns_shell.percent_possible_all   99.4 
_reflns_shell.Rmerge_I_obs           0.05 
_reflns_shell.pdbx_Rsym_value        0.05 
_reflns_shell.meanI_over_sigI_obs    29.0 
_reflns_shell.pdbx_redundancy        4 
_reflns_shell.percent_possible_obs   ? 
_reflns_shell.number_unique_all      966 
_reflns_shell.pdbx_diffrn_id         ? 
_reflns_shell.pdbx_ordinal           1 
# 
_refine.entry_id                                 1FAO 
_refine.ls_number_reflns_obs                     11421 
_refine.ls_number_reflns_all                     11421 
_refine.pdbx_ls_sigma_I                          0.0 
_refine.pdbx_ls_sigma_F                          0.0 
_refine.pdbx_data_cutoff_high_absF               ? 
_refine.pdbx_data_cutoff_low_absF                0.00000 
_refine.ls_d_res_low                             30.0 
_refine.ls_d_res_high                            1.80 
_refine.ls_percent_reflns_obs                    96.4 
_refine.ls_R_factor_obs                          ? 
_refine.ls_R_factor_all                          ? 
_refine.ls_R_factor_R_work                       0.219 
_refine.ls_R_factor_R_free                       0.232 
_refine.ls_R_factor_R_free_error                 0.007 
_refine.ls_R_factor_R_free_error_details         ? 
_refine.ls_percent_reflns_R_free                 9.5 
_refine.ls_number_reflns_R_free                  1083 
_refine.ls_number_parameters                     ? 
_refine.ls_number_restraints                     ? 
_refine.occupancy_min                            ? 
_refine.occupancy_max                            ? 
_refine.B_iso_mean                               16.5 
_refine.aniso_B[1][1]                            2.51 
_refine.aniso_B[2][2]                            -2.97 
_refine.aniso_B[3][3]                            0.46 
_refine.aniso_B[1][2]                            0.00 
_refine.aniso_B[1][3]                            0.00 
_refine.aniso_B[2][3]                            0.00 
_refine.solvent_model_details                    'FLAT MODEL' 
_refine.solvent_model_param_ksol                 0.398 
_refine.solvent_model_param_bsol                 40.12 
_refine.pdbx_ls_cross_valid_method               THROUGHOUT 
_refine.details                                  ? 
_refine.pdbx_starting_model                      'PDB ID 1FB8:  UNLIGANDED DAPP1' 
_refine.pdbx_method_to_determine_struct          'MOLECULAR REPLACEMENT' 
_refine.pdbx_isotropic_thermal_model             RESTRAINED 
_refine.pdbx_stereochemistry_target_values       'Engh & Huber' 
_refine.pdbx_stereochem_target_val_spec_case     ? 
_refine.pdbx_R_Free_selection_details            RANDOM 
_refine.pdbx_overall_ESU_R_Free                  ? 
_refine.overall_SU_B                             ? 
_refine.ls_redundancy_reflns_obs                 ? 
_refine.B_iso_min                                ? 
_refine.B_iso_max                                ? 
_refine.overall_SU_ML                            ? 
_refine.pdbx_overall_ESU_R                       ? 
_refine.pdbx_data_cutoff_high_rms_absF           ? 
_refine.pdbx_refine_id                           'X-RAY DIFFRACTION' 
_refine.pdbx_diffrn_id                           1 
_refine.pdbx_TLS_residual_ADP_flag               ? 
_refine.correlation_coeff_Fo_to_Fc               ? 
_refine.correlation_coeff_Fo_to_Fc_free          ? 
_refine.pdbx_solvent_vdw_probe_radii             ? 
_refine.pdbx_solvent_ion_probe_radii             ? 
_refine.pdbx_solvent_shrinkage_radii             ? 
_refine.pdbx_overall_phase_error                 ? 
_refine.overall_SU_R_Cruickshank_DPI             ? 
_refine.pdbx_overall_SU_R_free_Cruickshank_DPI   ? 
_refine.pdbx_overall_SU_R_Blow_DPI               ? 
_refine.pdbx_overall_SU_R_free_Blow_DPI          ? 
# 
_refine_analyze.entry_id                        1FAO 
_refine_analyze.Luzzati_coordinate_error_obs    0.22 
_refine_analyze.Luzzati_sigma_a_obs             0.03 
_refine_analyze.Luzzati_d_res_low_obs           5.00 
_refine_analyze.Luzzati_coordinate_error_free   0.23 
_refine_analyze.Luzzati_sigma_a_free            0.13 
_refine_analyze.Luzzati_d_res_low_free          ? 
_refine_analyze.number_disordered_residues      ? 
_refine_analyze.occupancy_sum_hydrogen          ? 
_refine_analyze.occupancy_sum_non_hydrogen      ? 
_refine_analyze.pdbx_Luzzati_d_res_high_obs     ? 
_refine_analyze.pdbx_refine_id                  'X-RAY DIFFRACTION' 
# 
_refine_hist.pdbx_refine_id                   'X-RAY DIFFRACTION' 
_refine_hist.cycle_id                         LAST 
_refine_hist.pdbx_number_atoms_protein        838 
_refine_hist.pdbx_number_atoms_nucleic_acid   0 
_refine_hist.pdbx_number_atoms_ligand         28 
_refine_hist.number_atoms_solvent             105 
_refine_hist.number_atoms_total               971 
_refine_hist.d_res_high                       1.80 
_refine_hist.d_res_low                        30.0 
# 
loop_
_refine_ls_restr.type 
_refine_ls_restr.dev_ideal 
_refine_ls_restr.dev_ideal_target 
_refine_ls_restr.weight 
_refine_ls_restr.number 
_refine_ls_restr.pdbx_refine_id 
_refine_ls_restr.pdbx_restraint_function 
c_bond_d           0.005 ?    ? ? 'X-RAY DIFFRACTION' ? 
c_angle_deg        1.3   ?    ? ? 'X-RAY DIFFRACTION' ? 
c_dihedral_angle_d 23.9  ?    ? ? 'X-RAY DIFFRACTION' ? 
c_improper_angle_d 0.72  ?    ? ? 'X-RAY DIFFRACTION' ? 
c_mcbond_it        1.62  1.50 ? ? 'X-RAY DIFFRACTION' ? 
c_mcangle_it       2.01  2.00 ? ? 'X-RAY DIFFRACTION' ? 
c_scbond_it        2.72  2.00 ? ? 'X-RAY DIFFRACTION' ? 
c_scangle_it       3.45  2.50 ? ? 'X-RAY DIFFRACTION' ? 
# 
_refine_ls_shell.pdbx_total_number_of_bins_used   6 
_refine_ls_shell.d_res_high                       1.80 
_refine_ls_shell.d_res_low                        1.91 
_refine_ls_shell.number_reflns_R_work             1722 
_refine_ls_shell.R_factor_R_work                  0.226 
_refine_ls_shell.percent_reflns_obs               99.2 
_refine_ls_shell.R_factor_R_free                  0.277 
_refine_ls_shell.R_factor_R_free_error            0.020 
_refine_ls_shell.percent_reflns_R_free            10.5 
_refine_ls_shell.number_reflns_R_free             201 
_refine_ls_shell.redundancy_reflns_obs            ? 
_refine_ls_shell.number_reflns_all                ? 
_refine_ls_shell.number_reflns_obs                ? 
_refine_ls_shell.pdbx_refine_id                   'X-RAY DIFFRACTION' 
_refine_ls_shell.R_factor_all                     ? 
# 
loop_
_pdbx_xplor_file.serial_no 
_pdbx_xplor_file.param_file 
_pdbx_xplor_file.topol_file 
_pdbx_xplor_file.pdbx_refine_id 
1 PROTEIN_REP.PARAM  PROTEIN.TOP      'X-RAY DIFFRACTION' 
2 WATER_REP.PARAM    WATER.TOP        'X-RAY DIFFRACTION' 
3 CARBOHYDRATE.PARAM CARBOHYDRATE.TOP 'X-RAY DIFFRACTION' 
4 PARAM.IP4          TOP.IP4          'X-RAY DIFFRACTION' 
# 
_struct.entry_id                  1FAO 
_struct.title                     
'STRUCTURE OF THE PLECKSTRIN HOMOLOGY DOMAIN FROM DAPP1/PHISH IN COMPLEX WITH INOSITOL 1,3,4,5-TETRAKISPHOSPHATE' 
_struct.pdbx_model_details        ? 
_struct.pdbx_CASP_flag            ? 
_struct.pdbx_model_type_details   ? 
# 
_struct_keywords.entry_id        1FAO 
_struct_keywords.pdbx_keywords   'SIGNALING PROTEIN' 
_struct_keywords.text            
'PLECKSTRIN, 3-PHOSPHOINOSITIDES, INOSITOL TETRAKISPHOSPHATE SIGNAL TRANSDUCTION PROTEIN, ADAPTOR PROTEIN, SIGNALING PROTEIN' 
# 
loop_
_struct_asym.id 
_struct_asym.pdbx_blank_PDB_chainid_flag 
_struct_asym.pdbx_modified 
_struct_asym.entity_id 
_struct_asym.details 
A N N 1 ? 
B N N 2 ? 
C N N 3 ? 
# 
_struct_ref.id                         1 
_struct_ref.db_name                    UNP 
_struct_ref.db_code                    DAPP1_HUMAN 
_struct_ref.entity_id                  1 
_struct_ref.pdbx_seq_one_letter_code   
;MQTGRTEDDLVPTAPSLGTKEGYLTKQGGLVKTWKTRWFTLHRNELKYFKDQMSPEPIRILDLTECSAVQFDYSQERVNC
FCLVFPFRTFYLCAKTGVEADEWIKILRWKLSQIRKQLNQGEGTIR
;
_struct_ref.pdbx_align_begin           148 
_struct_ref.pdbx_db_accession          Q9UN19 
_struct_ref.pdbx_db_isoform            ? 
# 
_struct_ref_seq.align_id                      1 
_struct_ref_seq.ref_id                        1 
_struct_ref_seq.pdbx_PDB_id_code              1FAO 
_struct_ref_seq.pdbx_strand_id                A 
_struct_ref_seq.seq_align_beg                 1 
_struct_ref_seq.pdbx_seq_align_beg_ins_code   ? 
_struct_ref_seq.seq_align_end                 126 
_struct_ref_seq.pdbx_seq_align_end_ins_code   ? 
_struct_ref_seq.pdbx_db_accession             Q9UN19 
_struct_ref_seq.db_align_beg                  148 
_struct_ref_seq.pdbx_db_align_beg_ins_code    ? 
_struct_ref_seq.db_align_end                  273 
_struct_ref_seq.pdbx_db_align_end_ins_code    ? 
_struct_ref_seq.pdbx_auth_seq_align_beg       148 
_struct_ref_seq.pdbx_auth_seq_align_end       273 
# 
_pdbx_struct_assembly.id                   1 
_pdbx_struct_assembly.details              author_defined_assembly 
_pdbx_struct_assembly.method_details       ? 
_pdbx_struct_assembly.oligomeric_details   monomeric 
_pdbx_struct_assembly.oligomeric_count     1 
# 
_pdbx_struct_assembly_gen.assembly_id       1 
_pdbx_struct_assembly_gen.oper_expression   1 
_pdbx_struct_assembly_gen.asym_id_list      A,B,C 
# 
_pdbx_struct_oper_list.id                   1 
_pdbx_struct_oper_list.type                 'identity operation' 
_pdbx_struct_oper_list.name                 1_555 
_pdbx_struct_oper_list.symmetry_operation   x,y,z 
_pdbx_struct_oper_list.matrix[1][1]         1.0000000000 
_pdbx_struct_oper_list.matrix[1][2]         0.0000000000 
_pdbx_struct_oper_list.matrix[1][3]         0.0000000000 
_pdbx_struct_oper_list.vector[1]            0.0000000000 
_pdbx_struct_oper_list.matrix[2][1]         0.0000000000 
_pdbx_struct_oper_list.matrix[2][2]         1.0000000000 
_pdbx_struct_oper_list.matrix[2][3]         0.0000000000 
_pdbx_struct_oper_list.vector[2]            0.0000000000 
_pdbx_struct_oper_list.matrix[3][1]         0.0000000000 
_pdbx_struct_oper_list.matrix[3][2]         0.0000000000 
_pdbx_struct_oper_list.matrix[3][3]         1.0000000000 
_pdbx_struct_oper_list.vector[3]            0.0000000000 
# 
_struct_biol.id                    1 
_struct_biol.details               'The biological assembly is a monomer' 
_struct_biol.pdbx_parent_biol_id   ? 
# 
loop_
_struct_conf.conf_type_id 
_struct_conf.id 
_struct_conf.pdbx_PDB_helix_id 
_struct_conf.beg_label_comp_id 
_struct_conf.beg_label_asym_id 
_struct_conf.beg_label_seq_id 
_struct_conf.pdbx_beg_PDB_ins_code 
_struct_conf.end_label_comp_id 
_struct_conf.end_label_asym_id 
_struct_conf.end_label_seq_id 
_struct_conf.pdbx_end_PDB_ins_code 
_struct_conf.beg_auth_comp_id 
_struct_conf.beg_auth_asym_id 
_struct_conf.beg_auth_seq_id 
_struct_conf.end_auth_comp_id 
_struct_conf.end_auth_asym_id 
_struct_conf.end_auth_seq_id 
_struct_conf.pdbx_PDB_helix_class 
_struct_conf.details 
_struct_conf.pdbx_PDB_helix_length 
HELX_P HELX_P1 1 THR A 64 ? CYS A 66  ? THR A 211 CYS A 213 5 ? 3  
HELX_P HELX_P2 2 THR A 96 ? GLN A 113 ? THR A 243 GLN A 260 1 ? 18 
# 
_struct_conf_type.id          HELX_P 
_struct_conf_type.criteria    ? 
_struct_conf_type.reference   ? 
# 
_struct_conn.id                            disulf1 
_struct_conn.conn_type_id                  disulf 
_struct_conn.pdbx_leaving_atom_flag        ? 
_struct_conn.pdbx_PDB_id                   ? 
_struct_conn.ptnr1_label_asym_id           A 
_struct_conn.ptnr1_label_comp_id           CYS 
_struct_conn.ptnr1_label_seq_id            80 
_struct_conn.ptnr1_label_atom_id           SG 
_struct_conn.pdbx_ptnr1_label_alt_id       ? 
_struct_conn.pdbx_ptnr1_PDB_ins_code       ? 
_struct_conn.pdbx_ptnr1_standard_comp_id   ? 
_struct_conn.ptnr1_symmetry                1_555 
_struct_conn.ptnr2_label_asym_id           A 
_struct_conn.ptnr2_label_comp_id           CYS 
_struct_conn.ptnr2_label_seq_id            93 
_struct_conn.ptnr2_label_atom_id           SG 
_struct_conn.pdbx_ptnr2_label_alt_id       ? 
_struct_conn.pdbx_ptnr2_PDB_ins_code       ? 
_struct_conn.ptnr1_auth_asym_id            A 
_struct_conn.ptnr1_auth_comp_id            CYS 
_struct_conn.ptnr1_auth_seq_id             227 
_struct_conn.ptnr2_auth_asym_id            A 
_struct_conn.ptnr2_auth_comp_id            CYS 
_struct_conn.ptnr2_auth_seq_id             240 
_struct_conn.ptnr2_symmetry                1_555 
_struct_conn.pdbx_ptnr3_label_atom_id      ? 
_struct_conn.pdbx_ptnr3_label_seq_id       ? 
_struct_conn.pdbx_ptnr3_label_comp_id      ? 
_struct_conn.pdbx_ptnr3_label_asym_id      ? 
_struct_conn.pdbx_ptnr3_label_alt_id       ? 
_struct_conn.pdbx_ptnr3_PDB_ins_code       ? 
_struct_conn.details                       ? 
_struct_conn.pdbx_dist_value               2.035 
_struct_conn.pdbx_value_order              ? 
_struct_conn.pdbx_role                     ? 
# 
_struct_conn_type.id          disulf 
_struct_conn_type.criteria    ? 
_struct_conn_type.reference   ? 
# 
_pdbx_modification_feature.ordinal                            1 
_pdbx_modification_feature.label_comp_id                      CYS 
_pdbx_modification_feature.label_asym_id                      A 
_pdbx_modification_feature.label_seq_id                       80 
_pdbx_modification_feature.label_alt_id                       ? 
_pdbx_modification_feature.modified_residue_label_comp_id     CYS 
_pdbx_modification_feature.modified_residue_label_asym_id     A 
_pdbx_modification_feature.modified_residue_label_seq_id      93 
_pdbx_modification_feature.modified_residue_label_alt_id      ? 
_pdbx_modification_feature.auth_comp_id                       CYS 
_pdbx_modification_feature.auth_asym_id                       A 
_pdbx_modification_feature.auth_seq_id                        227 
_pdbx_modification_feature.PDB_ins_code                       ? 
_pdbx_modification_feature.symmetry                           1_555 
_pdbx_modification_feature.modified_residue_auth_comp_id      CYS 
_pdbx_modification_feature.modified_residue_auth_asym_id      A 
_pdbx_modification_feature.modified_residue_auth_seq_id       240 
_pdbx_modification_feature.modified_residue_PDB_ins_code      ? 
_pdbx_modification_feature.modified_residue_symmetry          1_555 
_pdbx_modification_feature.comp_id_linking_atom               SG 
_pdbx_modification_feature.modified_residue_id_linking_atom   SG 
_pdbx_modification_feature.modified_residue_id                . 
_pdbx_modification_feature.ref_pcm_id                         . 
_pdbx_modification_feature.ref_comp_id                        . 
_pdbx_modification_feature.type                               None 
_pdbx_modification_feature.category                           'Disulfide bridge' 
# 
_struct_sheet.id               A 
_struct_sheet.type             ? 
_struct_sheet.number_strands   7 
_struct_sheet.details          ? 
# 
loop_
_struct_sheet_order.sheet_id 
_struct_sheet_order.range_id_1 
_struct_sheet_order.range_id_2 
_struct_sheet_order.offset 
_struct_sheet_order.sense 
A 1 2 ? anti-parallel 
A 2 3 ? anti-parallel 
A 3 4 ? anti-parallel 
A 4 5 ? anti-parallel 
A 5 6 ? anti-parallel 
A 6 7 ? anti-parallel 
# 
loop_
_struct_sheet_range.sheet_id 
_struct_sheet_range.id 
_struct_sheet_range.beg_label_comp_id 
_struct_sheet_range.beg_label_asym_id 
_struct_sheet_range.beg_label_seq_id 
_struct_sheet_range.pdbx_beg_PDB_ins_code 
_struct_sheet_range.end_label_comp_id 
_struct_sheet_range.end_label_asym_id 
_struct_sheet_range.end_label_seq_id 
_struct_sheet_range.pdbx_end_PDB_ins_code 
_struct_sheet_range.beg_auth_comp_id 
_struct_sheet_range.beg_auth_asym_id 
_struct_sheet_range.beg_auth_seq_id 
_struct_sheet_range.end_auth_comp_id 
_struct_sheet_range.end_auth_asym_id 
_struct_sheet_range.end_auth_seq_id 
A 1 ARG A 59 ? ASP A 62 ? ARG A 206 ASP A 209 
A 2 GLU A 45 ? PHE A 49 ? GLU A 192 PHE A 196 
A 3 TRP A 34 ? HIS A 42 ? TRP A 181 HIS A 189 
A 4 LYS A 20 ? GLN A 27 ? LYS A 167 GLN A 174 
A 5 ARG A 88 ? CYS A 93 ? ARG A 235 CYS A 240 
A 6 CYS A 80 ? PHE A 85 ? CYS A 227 PHE A 232 
A 7 ALA A 68 ? ASP A 72 ? ALA A 215 ASP A 219 
# 
loop_
_pdbx_struct_sheet_hbond.sheet_id 
_pdbx_struct_sheet_hbond.range_id_1 
_pdbx_struct_sheet_hbond.range_id_2 
_pdbx_struct_sheet_hbond.range_1_label_atom_id 
_pdbx_struct_sheet_hbond.range_1_label_comp_id 
_pdbx_struct_sheet_hbond.range_1_label_asym_id 
_pdbx_struct_sheet_hbond.range_1_label_seq_id 
_pdbx_struct_sheet_hbond.range_1_PDB_ins_code 
_pdbx_struct_sheet_hbond.range_1_auth_atom_id 
_pdbx_struct_sheet_hbond.range_1_auth_comp_id 
_pdbx_struct_sheet_hbond.range_1_auth_asym_id 
_pdbx_struct_sheet_hbond.range_1_auth_seq_id 
_pdbx_struct_sheet_hbond.range_2_label_atom_id 
_pdbx_struct_sheet_hbond.range_2_label_comp_id 
_pdbx_struct_sheet_hbond.range_2_label_asym_id 
_pdbx_struct_sheet_hbond.range_2_label_seq_id 
_pdbx_struct_sheet_hbond.range_2_PDB_ins_code 
_pdbx_struct_sheet_hbond.range_2_auth_atom_id 
_pdbx_struct_sheet_hbond.range_2_auth_comp_id 
_pdbx_struct_sheet_hbond.range_2_auth_asym_id 
_pdbx_struct_sheet_hbond.range_2_auth_seq_id 
A 1 2 O LEU A 61 ? O LEU A 208 N LEU A 46 ? N LEU A 193 
A 2 3 N PHE A 49 ? N PHE A 196 O TRP A 38 ? O TRP A 185 
A 3 4 N LEU A 41 ? N LEU A 188 O LYS A 20 ? O LYS A 167 
A 4 5 N GLN A 27 ? N GLN A 174 O TYR A 91 ? O TYR A 238 
A 5 6 N LEU A 92 ? N LEU A 239 O PHE A 81 ? O PHE A 228 
A 6 7 N VAL A 84 ? N VAL A 231 O ALA A 68 ? O ALA A 215 
# 
_struct_site.id                   AC1 
_struct_site.pdbx_evidence_code   Software 
_struct_site.pdbx_auth_asym_id    A 
_struct_site.pdbx_auth_comp_id    4IP 
_struct_site.pdbx_auth_seq_id     274 
_struct_site.pdbx_auth_ins_code   ? 
_struct_site.pdbx_num_residues    21 
_struct_site.details              'BINDING SITE FOR RESIDUE 4IP A 274' 
# 
loop_
_struct_site_gen.id 
_struct_site_gen.site_id 
_struct_site_gen.pdbx_num_res 
_struct_site_gen.label_comp_id 
_struct_site_gen.label_asym_id 
_struct_site_gen.label_seq_id 
_struct_site_gen.pdbx_auth_ins_code 
_struct_site_gen.auth_comp_id 
_struct_site_gen.auth_asym_id 
_struct_site_gen.auth_seq_id 
_struct_site_gen.label_atom_id 
_struct_site_gen.label_alt_id 
_struct_site_gen.symmetry 
_struct_site_gen.details 
1  AC1 21 HOH C .  ? HOH A 1   . ? 1_555 ? 
2  AC1 21 HOH C .  ? HOH A 31  . ? 1_555 ? 
3  AC1 21 HOH C .  ? HOH A 57  . ? 1_555 ? 
4  AC1 21 HOH C .  ? HOH A 64  . ? 1_555 ? 
5  AC1 21 HOH C .  ? HOH A 80  . ? 1_555 ? 
6  AC1 21 HOH C .  ? HOH A 91  . ? 1_555 ? 
7  AC1 21 HOH C .  ? HOH A 102 . ? 1_555 ? 
8  AC1 21 HOH C .  ? HOH A 103 . ? 1_555 ? 
9  AC1 21 LYS A 26 ? LYS A 173 . ? 1_555 ? 
10 AC1 21 GLY A 28 ? GLY A 175 . ? 1_555 ? 
11 AC1 21 GLY A 29 ? GLY A 176 . ? 1_555 ? 
12 AC1 21 LEU A 30 ? LEU A 177 . ? 1_555 ? 
13 AC1 21 VAL A 31 ? VAL A 178 . ? 1_555 ? 
14 AC1 21 THR A 33 ? THR A 180 . ? 1_555 ? 
15 AC1 21 LYS A 35 ? LYS A 182 . ? 1_555 ? 
16 AC1 21 ARG A 37 ? ARG A 184 . ? 1_555 ? 
17 AC1 21 TYR A 48 ? TYR A 195 . ? 1_555 ? 
18 AC1 21 LYS A 50 ? LYS A 197 . ? 1_555 ? 
19 AC1 21 ILE A 58 ? ILE A 205 . ? 1_555 ? 
20 AC1 21 ARG A 88 ? ARG A 235 . ? 1_555 ? 
21 AC1 21 LYS A 95 ? LYS A 242 . ? 3_645 ? 
# 
_pdbx_entry_details.entry_id                   1FAO 
_pdbx_entry_details.compound_details           ? 
_pdbx_entry_details.source_details             ? 
_pdbx_entry_details.nonpolymer_details         ? 
_pdbx_entry_details.sequence_details           ? 
_pdbx_entry_details.has_ligand_of_interest     ? 
_pdbx_entry_details.has_protein_modification   Y 
# 
loop_
_pdbx_validate_torsion.id 
_pdbx_validate_torsion.PDB_model_num 
_pdbx_validate_torsion.auth_comp_id 
_pdbx_validate_torsion.auth_asym_id 
_pdbx_validate_torsion.auth_seq_id 
_pdbx_validate_torsion.PDB_ins_code 
_pdbx_validate_torsion.label_alt_id 
_pdbx_validate_torsion.phi 
_pdbx_validate_torsion.psi 
1 1 LYS A 179 ? ? -80.83 44.91   
2 1 ARG A 190 ? ? 55.69  -126.76 
# 
loop_
_pdbx_unobs_or_zero_occ_residues.id 
_pdbx_unobs_or_zero_occ_residues.PDB_model_num 
_pdbx_unobs_or_zero_occ_residues.polymer_flag 
_pdbx_unobs_or_zero_occ_residues.occupancy_flag 
_pdbx_unobs_or_zero_occ_residues.auth_asym_id 
_pdbx_unobs_or_zero_occ_residues.auth_comp_id 
_pdbx_unobs_or_zero_occ_residues.auth_seq_id 
_pdbx_unobs_or_zero_occ_residues.PDB_ins_code 
_pdbx_unobs_or_zero_occ_residues.label_asym_id 
_pdbx_unobs_or_zero_occ_residues.label_comp_id 
_pdbx_unobs_or_zero_occ_residues.label_seq_id 
1  1 Y 1 A MET 148 ? A MET 1   
2  1 Y 1 A GLN 149 ? A GLN 2   
3  1 Y 1 A THR 150 ? A THR 3   
4  1 Y 1 A GLY 151 ? A GLY 4   
5  1 Y 1 A ARG 152 ? A ARG 5   
6  1 Y 1 A THR 153 ? A THR 6   
7  1 Y 1 A GLU 154 ? A GLU 7   
8  1 Y 1 A ASP 155 ? A ASP 8   
9  1 Y 1 A ASP 156 ? A ASP 9   
10 1 Y 1 A LEU 157 ? A LEU 10  
11 1 Y 1 A VAL 158 ? A VAL 11  
12 1 Y 1 A PRO 159 ? A PRO 12  
13 1 Y 1 A THR 160 ? A THR 13  
14 1 Y 1 A ALA 161 ? A ALA 14  
15 1 Y 1 A ARG 262 ? A ARG 115 
16 1 Y 1 A LYS 263 ? A LYS 116 
17 1 Y 1 A GLN 264 ? A GLN 117 
18 1 Y 1 A LEU 265 ? A LEU 118 
19 1 Y 1 A ASN 266 ? A ASN 119 
20 1 Y 1 A GLN 267 ? A GLN 120 
21 1 Y 1 A GLY 268 ? A GLY 121 
22 1 Y 1 A GLU 269 ? A GLU 122 
23 1 Y 1 A GLY 270 ? A GLY 123 
24 1 Y 1 A THR 271 ? A THR 124 
25 1 Y 1 A ILE 272 ? A ILE 125 
26 1 Y 1 A ARG 273 ? A ARG 126 
# 
loop_
_chem_comp_atom.comp_id 
_chem_comp_atom.atom_id 
_chem_comp_atom.type_symbol 
_chem_comp_atom.pdbx_aromatic_flag 
_chem_comp_atom.pdbx_stereo_config 
_chem_comp_atom.pdbx_ordinal 
4IP C1   C N N 1   
4IP O1   O N N 2   
4IP C2   C N S 3   
4IP O2   O N N 4   
4IP C3   C N S 5   
4IP O3   O N N 6   
4IP C4   C N N 7   
4IP O4   O N N 8   
4IP C5   C N R 9   
4IP O5   O N N 10  
4IP C6   C N S 11  
4IP O6   O N N 12  
4IP P1   P N N 13  
4IP O1P  O N N 14  
4IP O2P  O N N 15  
4IP O3P  O N N 16  
4IP P3   P N N 17  
4IP O4P  O N N 18  
4IP O5P  O N N 19  
4IP O6P  O N N 20  
4IP P4   P N N 21  
4IP O7P  O N N 22  
4IP O8P  O N N 23  
4IP O9P  O N N 24  
4IP P5   P N N 25  
4IP OPF  O N N 26  
4IP OPG  O N N 27  
4IP OPH  O N N 28  
4IP H1   H N N 29  
4IP H2   H N N 30  
4IP HO2  H N N 31  
4IP H3   H N N 32  
4IP H4   H N N 33  
4IP H5   H N N 34  
4IP H6   H N N 35  
4IP HO6  H N N 36  
4IP HO2P H N N 37  
4IP HO3P H N N 38  
4IP HO5P H N N 39  
4IP HO6P H N N 40  
4IP HO7P H N N 41  
4IP HO8P H N N 42  
4IP HOP1 H N N 43  
4IP HOP3 H N N 44  
ALA N    N N N 45  
ALA CA   C N S 46  
ALA C    C N N 47  
ALA O    O N N 48  
ALA CB   C N N 49  
ALA OXT  O N N 50  
ALA H    H N N 51  
ALA H2   H N N 52  
ALA HA   H N N 53  
ALA HB1  H N N 54  
ALA HB2  H N N 55  
ALA HB3  H N N 56  
ALA HXT  H N N 57  
ARG N    N N N 58  
ARG CA   C N S 59  
ARG C    C N N 60  
ARG O    O N N 61  
ARG CB   C N N 62  
ARG CG   C N N 63  
ARG CD   C N N 64  
ARG NE   N N N 65  
ARG CZ   C N N 66  
ARG NH1  N N N 67  
ARG NH2  N N N 68  
ARG OXT  O N N 69  
ARG H    H N N 70  
ARG H2   H N N 71  
ARG HA   H N N 72  
ARG HB2  H N N 73  
ARG HB3  H N N 74  
ARG HG2  H N N 75  
ARG HG3  H N N 76  
ARG HD2  H N N 77  
ARG HD3  H N N 78  
ARG HE   H N N 79  
ARG HH11 H N N 80  
ARG HH12 H N N 81  
ARG HH21 H N N 82  
ARG HH22 H N N 83  
ARG HXT  H N N 84  
ASN N    N N N 85  
ASN CA   C N S 86  
ASN C    C N N 87  
ASN O    O N N 88  
ASN CB   C N N 89  
ASN CG   C N N 90  
ASN OD1  O N N 91  
ASN ND2  N N N 92  
ASN OXT  O N N 93  
ASN H    H N N 94  
ASN H2   H N N 95  
ASN HA   H N N 96  
ASN HB2  H N N 97  
ASN HB3  H N N 98  
ASN HD21 H N N 99  
ASN HD22 H N N 100 
ASN HXT  H N N 101 
ASP N    N N N 102 
ASP CA   C N S 103 
ASP C    C N N 104 
ASP O    O N N 105 
ASP CB   C N N 106 
ASP CG   C N N 107 
ASP OD1  O N N 108 
ASP OD2  O N N 109 
ASP OXT  O N N 110 
ASP H    H N N 111 
ASP H2   H N N 112 
ASP HA   H N N 113 
ASP HB2  H N N 114 
ASP HB3  H N N 115 
ASP HD2  H N N 116 
ASP HXT  H N N 117 
CYS N    N N N 118 
CYS CA   C N R 119 
CYS C    C N N 120 
CYS O    O N N 121 
CYS CB   C N N 122 
CYS SG   S N N 123 
CYS OXT  O N N 124 
CYS H    H N N 125 
CYS H2   H N N 126 
CYS HA   H N N 127 
CYS HB2  H N N 128 
CYS HB3  H N N 129 
CYS HG   H N N 130 
CYS HXT  H N N 131 
GLN N    N N N 132 
GLN CA   C N S 133 
GLN C    C N N 134 
GLN O    O N N 135 
GLN CB   C N N 136 
GLN CG   C N N 137 
GLN CD   C N N 138 
GLN OE1  O N N 139 
GLN NE2  N N N 140 
GLN OXT  O N N 141 
GLN H    H N N 142 
GLN H2   H N N 143 
GLN HA   H N N 144 
GLN HB2  H N N 145 
GLN HB3  H N N 146 
GLN HG2  H N N 147 
GLN HG3  H N N 148 
GLN HE21 H N N 149 
GLN HE22 H N N 150 
GLN HXT  H N N 151 
GLU N    N N N 152 
GLU CA   C N S 153 
GLU C    C N N 154 
GLU O    O N N 155 
GLU CB   C N N 156 
GLU CG   C N N 157 
GLU CD   C N N 158 
GLU OE1  O N N 159 
GLU OE2  O N N 160 
GLU OXT  O N N 161 
GLU H    H N N 162 
GLU H2   H N N 163 
GLU HA   H N N 164 
GLU HB2  H N N 165 
GLU HB3  H N N 166 
GLU HG2  H N N 167 
GLU HG3  H N N 168 
GLU HE2  H N N 169 
GLU HXT  H N N 170 
GLY N    N N N 171 
GLY CA   C N N 172 
GLY C    C N N 173 
GLY O    O N N 174 
GLY OXT  O N N 175 
GLY H    H N N 176 
GLY H2   H N N 177 
GLY HA2  H N N 178 
GLY HA3  H N N 179 
GLY HXT  H N N 180 
HIS N    N N N 181 
HIS CA   C N S 182 
HIS C    C N N 183 
HIS O    O N N 184 
HIS CB   C N N 185 
HIS CG   C Y N 186 
HIS ND1  N Y N 187 
HIS CD2  C Y N 188 
HIS CE1  C Y N 189 
HIS NE2  N Y N 190 
HIS OXT  O N N 191 
HIS H    H N N 192 
HIS H2   H N N 193 
HIS HA   H N N 194 
HIS HB2  H N N 195 
HIS HB3  H N N 196 
HIS HD1  H N N 197 
HIS HD2  H N N 198 
HIS HE1  H N N 199 
HIS HE2  H N N 200 
HIS HXT  H N N 201 
HOH O    O N N 202 
HOH H1   H N N 203 
HOH H2   H N N 204 
ILE N    N N N 205 
ILE CA   C N S 206 
ILE C    C N N 207 
ILE O    O N N 208 
ILE CB   C N S 209 
ILE CG1  C N N 210 
ILE CG2  C N N 211 
ILE CD1  C N N 212 
ILE OXT  O N N 213 
ILE H    H N N 214 
ILE H2   H N N 215 
ILE HA   H N N 216 
ILE HB   H N N 217 
ILE HG12 H N N 218 
ILE HG13 H N N 219 
ILE HG21 H N N 220 
ILE HG22 H N N 221 
ILE HG23 H N N 222 
ILE HD11 H N N 223 
ILE HD12 H N N 224 
ILE HD13 H N N 225 
ILE HXT  H N N 226 
LEU N    N N N 227 
LEU CA   C N S 228 
LEU C    C N N 229 
LEU O    O N N 230 
LEU CB   C N N 231 
LEU CG   C N N 232 
LEU CD1  C N N 233 
LEU CD2  C N N 234 
LEU OXT  O N N 235 
LEU H    H N N 236 
LEU H2   H N N 237 
LEU HA   H N N 238 
LEU HB2  H N N 239 
LEU HB3  H N N 240 
LEU HG   H N N 241 
LEU HD11 H N N 242 
LEU HD12 H N N 243 
LEU HD13 H N N 244 
LEU HD21 H N N 245 
LEU HD22 H N N 246 
LEU HD23 H N N 247 
LEU HXT  H N N 248 
LYS N    N N N 249 
LYS CA   C N S 250 
LYS C    C N N 251 
LYS O    O N N 252 
LYS CB   C N N 253 
LYS CG   C N N 254 
LYS CD   C N N 255 
LYS CE   C N N 256 
LYS NZ   N N N 257 
LYS OXT  O N N 258 
LYS H    H N N 259 
LYS H2   H N N 260 
LYS HA   H N N 261 
LYS HB2  H N N 262 
LYS HB3  H N N 263 
LYS HG2  H N N 264 
LYS HG3  H N N 265 
LYS HD2  H N N 266 
LYS HD3  H N N 267 
LYS HE2  H N N 268 
LYS HE3  H N N 269 
LYS HZ1  H N N 270 
LYS HZ2  H N N 271 
LYS HZ3  H N N 272 
LYS HXT  H N N 273 
MET N    N N N 274 
MET CA   C N S 275 
MET C    C N N 276 
MET O    O N N 277 
MET CB   C N N 278 
MET CG   C N N 279 
MET SD   S N N 280 
MET CE   C N N 281 
MET OXT  O N N 282 
MET H    H N N 283 
MET H2   H N N 284 
MET HA   H N N 285 
MET HB2  H N N 286 
MET HB3  H N N 287 
MET HG2  H N N 288 
MET HG3  H N N 289 
MET HE1  H N N 290 
MET HE2  H N N 291 
MET HE3  H N N 292 
MET HXT  H N N 293 
PHE N    N N N 294 
PHE CA   C N S 295 
PHE C    C N N 296 
PHE O    O N N 297 
PHE CB   C N N 298 
PHE CG   C Y N 299 
PHE CD1  C Y N 300 
PHE CD2  C Y N 301 
PHE CE1  C Y N 302 
PHE CE2  C Y N 303 
PHE CZ   C Y N 304 
PHE OXT  O N N 305 
PHE H    H N N 306 
PHE H2   H N N 307 
PHE HA   H N N 308 
PHE HB2  H N N 309 
PHE HB3  H N N 310 
PHE HD1  H N N 311 
PHE HD2  H N N 312 
PHE HE1  H N N 313 
PHE HE2  H N N 314 
PHE HZ   H N N 315 
PHE HXT  H N N 316 
PRO N    N N N 317 
PRO CA   C N S 318 
PRO C    C N N 319 
PRO O    O N N 320 
PRO CB   C N N 321 
PRO CG   C N N 322 
PRO CD   C N N 323 
PRO OXT  O N N 324 
PRO H    H N N 325 
PRO HA   H N N 326 
PRO HB2  H N N 327 
PRO HB3  H N N 328 
PRO HG2  H N N 329 
PRO HG3  H N N 330 
PRO HD2  H N N 331 
PRO HD3  H N N 332 
PRO HXT  H N N 333 
SER N    N N N 334 
SER CA   C N S 335 
SER C    C N N 336 
SER O    O N N 337 
SER CB   C N N 338 
SER OG   O N N 339 
SER OXT  O N N 340 
SER H    H N N 341 
SER H2   H N N 342 
SER HA   H N N 343 
SER HB2  H N N 344 
SER HB3  H N N 345 
SER HG   H N N 346 
SER HXT  H N N 347 
THR N    N N N 348 
THR CA   C N S 349 
THR C    C N N 350 
THR O    O N N 351 
THR CB   C N R 352 
THR OG1  O N N 353 
THR CG2  C N N 354 
THR OXT  O N N 355 
THR H    H N N 356 
THR H2   H N N 357 
THR HA   H N N 358 
THR HB   H N N 359 
THR HG1  H N N 360 
THR HG21 H N N 361 
THR HG22 H N N 362 
THR HG23 H N N 363 
THR HXT  H N N 364 
TRP N    N N N 365 
TRP CA   C N S 366 
TRP C    C N N 367 
TRP O    O N N 368 
TRP CB   C N N 369 
TRP CG   C Y N 370 
TRP CD1  C Y N 371 
TRP CD2  C Y N 372 
TRP NE1  N Y N 373 
TRP CE2  C Y N 374 
TRP CE3  C Y N 375 
TRP CZ2  C Y N 376 
TRP CZ3  C Y N 377 
TRP CH2  C Y N 378 
TRP OXT  O N N 379 
TRP H    H N N 380 
TRP H2   H N N 381 
TRP HA   H N N 382 
TRP HB2  H N N 383 
TRP HB3  H N N 384 
TRP HD1  H N N 385 
TRP HE1  H N N 386 
TRP HE3  H N N 387 
TRP HZ2  H N N 388 
TRP HZ3  H N N 389 
TRP HH2  H N N 390 
TRP HXT  H N N 391 
TYR N    N N N 392 
TYR CA   C N S 393 
TYR C    C N N 394 
TYR O    O N N 395 
TYR CB   C N N 396 
TYR CG   C Y N 397 
TYR CD1  C Y N 398 
TYR CD2  C Y N 399 
TYR CE1  C Y N 400 
TYR CE2  C Y N 401 
TYR CZ   C Y N 402 
TYR OH   O N N 403 
TYR OXT  O N N 404 
TYR H    H N N 405 
TYR H2   H N N 406 
TYR HA   H N N 407 
TYR HB2  H N N 408 
TYR HB3  H N N 409 
TYR HD1  H N N 410 
TYR HD2  H N N 411 
TYR HE1  H N N 412 
TYR HE2  H N N 413 
TYR HH   H N N 414 
TYR HXT  H N N 415 
VAL N    N N N 416 
VAL CA   C N S 417 
VAL C    C N N 418 
VAL O    O N N 419 
VAL CB   C N N 420 
VAL CG1  C N N 421 
VAL CG2  C N N 422 
VAL OXT  O N N 423 
VAL H    H N N 424 
VAL H2   H N N 425 
VAL HA   H N N 426 
VAL HB   H N N 427 
VAL HG11 H N N 428 
VAL HG12 H N N 429 
VAL HG13 H N N 430 
VAL HG21 H N N 431 
VAL HG22 H N N 432 
VAL HG23 H N N 433 
VAL HXT  H N N 434 
# 
loop_
_chem_comp_bond.comp_id 
_chem_comp_bond.atom_id_1 
_chem_comp_bond.atom_id_2 
_chem_comp_bond.value_order 
_chem_comp_bond.pdbx_aromatic_flag 
_chem_comp_bond.pdbx_stereo_config 
_chem_comp_bond.pdbx_ordinal 
4IP C1  O1   sing N N 1   
4IP C1  C2   sing N N 2   
4IP C1  C6   sing N N 3   
4IP C1  H1   sing N N 4   
4IP O1  P1   sing N N 5   
4IP C2  O2   sing N N 6   
4IP C2  C3   sing N N 7   
4IP C2  H2   sing N N 8   
4IP O2  HO2  sing N N 9   
4IP C3  O3   sing N N 10  
4IP C3  C4   sing N N 11  
4IP C3  H3   sing N N 12  
4IP O3  P3   sing N N 13  
4IP C4  O4   sing N N 14  
4IP C4  C5   sing N N 15  
4IP C4  H4   sing N N 16  
4IP O4  P4   sing N N 17  
4IP C5  O5   sing N N 18  
4IP C5  C6   sing N N 19  
4IP C5  H5   sing N N 20  
4IP O5  P5   sing N N 21  
4IP C6  O6   sing N N 22  
4IP C6  H6   sing N N 23  
4IP O6  HO6  sing N N 24  
4IP P1  O1P  doub N N 25  
4IP P1  O2P  sing N N 26  
4IP P1  O3P  sing N N 27  
4IP O2P HO2P sing N N 28  
4IP O3P HO3P sing N N 29  
4IP P3  O4P  doub N N 30  
4IP P3  O5P  sing N N 31  
4IP P3  O6P  sing N N 32  
4IP O5P HO5P sing N N 33  
4IP O6P HO6P sing N N 34  
4IP P4  O7P  sing N N 35  
4IP P4  O8P  sing N N 36  
4IP P4  O9P  doub N N 37  
4IP O7P HO7P sing N N 38  
4IP O8P HO8P sing N N 39  
4IP P5  OPF  sing N N 40  
4IP P5  OPG  doub N N 41  
4IP P5  OPH  sing N N 42  
4IP OPF HOP1 sing N N 43  
4IP OPH HOP3 sing N N 44  
ALA N   CA   sing N N 45  
ALA N   H    sing N N 46  
ALA N   H2   sing N N 47  
ALA CA  C    sing N N 48  
ALA CA  CB   sing N N 49  
ALA CA  HA   sing N N 50  
ALA C   O    doub N N 51  
ALA C   OXT  sing N N 52  
ALA CB  HB1  sing N N 53  
ALA CB  HB2  sing N N 54  
ALA CB  HB3  sing N N 55  
ALA OXT HXT  sing N N 56  
ARG N   CA   sing N N 57  
ARG N   H    sing N N 58  
ARG N   H2   sing N N 59  
ARG CA  C    sing N N 60  
ARG CA  CB   sing N N 61  
ARG CA  HA   sing N N 62  
ARG C   O    doub N N 63  
ARG C   OXT  sing N N 64  
ARG CB  CG   sing N N 65  
ARG CB  HB2  sing N N 66  
ARG CB  HB3  sing N N 67  
ARG CG  CD   sing N N 68  
ARG CG  HG2  sing N N 69  
ARG CG  HG3  sing N N 70  
ARG CD  NE   sing N N 71  
ARG CD  HD2  sing N N 72  
ARG CD  HD3  sing N N 73  
ARG NE  CZ   sing N N 74  
ARG NE  HE   sing N N 75  
ARG CZ  NH1  sing N N 76  
ARG CZ  NH2  doub N N 77  
ARG NH1 HH11 sing N N 78  
ARG NH1 HH12 sing N N 79  
ARG NH2 HH21 sing N N 80  
ARG NH2 HH22 sing N N 81  
ARG OXT HXT  sing N N 82  
ASN N   CA   sing N N 83  
ASN N   H    sing N N 84  
ASN N   H2   sing N N 85  
ASN CA  C    sing N N 86  
ASN CA  CB   sing N N 87  
ASN CA  HA   sing N N 88  
ASN C   O    doub N N 89  
ASN C   OXT  sing N N 90  
ASN CB  CG   sing N N 91  
ASN CB  HB2  sing N N 92  
ASN CB  HB3  sing N N 93  
ASN CG  OD1  doub N N 94  
ASN CG  ND2  sing N N 95  
ASN ND2 HD21 sing N N 96  
ASN ND2 HD22 sing N N 97  
ASN OXT HXT  sing N N 98  
ASP N   CA   sing N N 99  
ASP N   H    sing N N 100 
ASP N   H2   sing N N 101 
ASP CA  C    sing N N 102 
ASP CA  CB   sing N N 103 
ASP CA  HA   sing N N 104 
ASP C   O    doub N N 105 
ASP C   OXT  sing N N 106 
ASP CB  CG   sing N N 107 
ASP CB  HB2  sing N N 108 
ASP CB  HB3  sing N N 109 
ASP CG  OD1  doub N N 110 
ASP CG  OD2  sing N N 111 
ASP OD2 HD2  sing N N 112 
ASP OXT HXT  sing N N 113 
CYS N   CA   sing N N 114 
CYS N   H    sing N N 115 
CYS N   H2   sing N N 116 
CYS CA  C    sing N N 117 
CYS CA  CB   sing N N 118 
CYS CA  HA   sing N N 119 
CYS C   O    doub N N 120 
CYS C   OXT  sing N N 121 
CYS CB  SG   sing N N 122 
CYS CB  HB2  sing N N 123 
CYS CB  HB3  sing N N 124 
CYS SG  HG   sing N N 125 
CYS OXT HXT  sing N N 126 
GLN N   CA   sing N N 127 
GLN N   H    sing N N 128 
GLN N   H2   sing N N 129 
GLN CA  C    sing N N 130 
GLN CA  CB   sing N N 131 
GLN CA  HA   sing N N 132 
GLN C   O    doub N N 133 
GLN C   OXT  sing N N 134 
GLN CB  CG   sing N N 135 
GLN CB  HB2  sing N N 136 
GLN CB  HB3  sing N N 137 
GLN CG  CD   sing N N 138 
GLN CG  HG2  sing N N 139 
GLN CG  HG3  sing N N 140 
GLN CD  OE1  doub N N 141 
GLN CD  NE2  sing N N 142 
GLN NE2 HE21 sing N N 143 
GLN NE2 HE22 sing N N 144 
GLN OXT HXT  sing N N 145 
GLU N   CA   sing N N 146 
GLU N   H    sing N N 147 
GLU N   H2   sing N N 148 
GLU CA  C    sing N N 149 
GLU CA  CB   sing N N 150 
GLU CA  HA   sing N N 151 
GLU C   O    doub N N 152 
GLU C   OXT  sing N N 153 
GLU CB  CG   sing N N 154 
GLU CB  HB2  sing N N 155 
GLU CB  HB3  sing N N 156 
GLU CG  CD   sing N N 157 
GLU CG  HG2  sing N N 158 
GLU CG  HG3  sing N N 159 
GLU CD  OE1  doub N N 160 
GLU CD  OE2  sing N N 161 
GLU OE2 HE2  sing N N 162 
GLU OXT HXT  sing N N 163 
GLY N   CA   sing N N 164 
GLY N   H    sing N N 165 
GLY N   H2   sing N N 166 
GLY CA  C    sing N N 167 
GLY CA  HA2  sing N N 168 
GLY CA  HA3  sing N N 169 
GLY C   O    doub N N 170 
GLY C   OXT  sing N N 171 
GLY OXT HXT  sing N N 172 
HIS N   CA   sing N N 173 
HIS N   H    sing N N 174 
HIS N   H2   sing N N 175 
HIS CA  C    sing N N 176 
HIS CA  CB   sing N N 177 
HIS CA  HA   sing N N 178 
HIS C   O    doub N N 179 
HIS C   OXT  sing N N 180 
HIS CB  CG   sing N N 181 
HIS CB  HB2  sing N N 182 
HIS CB  HB3  sing N N 183 
HIS CG  ND1  sing Y N 184 
HIS CG  CD2  doub Y N 185 
HIS ND1 CE1  doub Y N 186 
HIS ND1 HD1  sing N N 187 
HIS CD2 NE2  sing Y N 188 
HIS CD2 HD2  sing N N 189 
HIS CE1 NE2  sing Y N 190 
HIS CE1 HE1  sing N N 191 
HIS NE2 HE2  sing N N 192 
HIS OXT HXT  sing N N 193 
HOH O   H1   sing N N 194 
HOH O   H2   sing N N 195 
ILE N   CA   sing N N 196 
ILE N   H    sing N N 197 
ILE N   H2   sing N N 198 
ILE CA  C    sing N N 199 
ILE CA  CB   sing N N 200 
ILE CA  HA   sing N N 201 
ILE C   O    doub N N 202 
ILE C   OXT  sing N N 203 
ILE CB  CG1  sing N N 204 
ILE CB  CG2  sing N N 205 
ILE CB  HB   sing N N 206 
ILE CG1 CD1  sing N N 207 
ILE CG1 HG12 sing N N 208 
ILE CG1 HG13 sing N N 209 
ILE CG2 HG21 sing N N 210 
ILE CG2 HG22 sing N N 211 
ILE CG2 HG23 sing N N 212 
ILE CD1 HD11 sing N N 213 
ILE CD1 HD12 sing N N 214 
ILE CD1 HD13 sing N N 215 
ILE OXT HXT  sing N N 216 
LEU N   CA   sing N N 217 
LEU N   H    sing N N 218 
LEU N   H2   sing N N 219 
LEU CA  C    sing N N 220 
LEU CA  CB   sing N N 221 
LEU CA  HA   sing N N 222 
LEU C   O    doub N N 223 
LEU C   OXT  sing N N 224 
LEU CB  CG   sing N N 225 
LEU CB  HB2  sing N N 226 
LEU CB  HB3  sing N N 227 
LEU CG  CD1  sing N N 228 
LEU CG  CD2  sing N N 229 
LEU CG  HG   sing N N 230 
LEU CD1 HD11 sing N N 231 
LEU CD1 HD12 sing N N 232 
LEU CD1 HD13 sing N N 233 
LEU CD2 HD21 sing N N 234 
LEU CD2 HD22 sing N N 235 
LEU CD2 HD23 sing N N 236 
LEU OXT HXT  sing N N 237 
LYS N   CA   sing N N 238 
LYS N   H    sing N N 239 
LYS N   H2   sing N N 240 
LYS CA  C    sing N N 241 
LYS CA  CB   sing N N 242 
LYS CA  HA   sing N N 243 
LYS C   O    doub N N 244 
LYS C   OXT  sing N N 245 
LYS CB  CG   sing N N 246 
LYS CB  HB2  sing N N 247 
LYS CB  HB3  sing N N 248 
LYS CG  CD   sing N N 249 
LYS CG  HG2  sing N N 250 
LYS CG  HG3  sing N N 251 
LYS CD  CE   sing N N 252 
LYS CD  HD2  sing N N 253 
LYS CD  HD3  sing N N 254 
LYS CE  NZ   sing N N 255 
LYS CE  HE2  sing N N 256 
LYS CE  HE3  sing N N 257 
LYS NZ  HZ1  sing N N 258 
LYS NZ  HZ2  sing N N 259 
LYS NZ  HZ3  sing N N 260 
LYS OXT HXT  sing N N 261 
MET N   CA   sing N N 262 
MET N   H    sing N N 263 
MET N   H2   sing N N 264 
MET CA  C    sing N N 265 
MET CA  CB   sing N N 266 
MET CA  HA   sing N N 267 
MET C   O    doub N N 268 
MET C   OXT  sing N N 269 
MET CB  CG   sing N N 270 
MET CB  HB2  sing N N 271 
MET CB  HB3  sing N N 272 
MET CG  SD   sing N N 273 
MET CG  HG2  sing N N 274 
MET CG  HG3  sing N N 275 
MET SD  CE   sing N N 276 
MET CE  HE1  sing N N 277 
MET CE  HE2  sing N N 278 
MET CE  HE3  sing N N 279 
MET OXT HXT  sing N N 280 
PHE N   CA   sing N N 281 
PHE N   H    sing N N 282 
PHE N   H2   sing N N 283 
PHE CA  C    sing N N 284 
PHE CA  CB   sing N N 285 
PHE CA  HA   sing N N 286 
PHE C   O    doub N N 287 
PHE C   OXT  sing N N 288 
PHE CB  CG   sing N N 289 
PHE CB  HB2  sing N N 290 
PHE CB  HB3  sing N N 291 
PHE CG  CD1  doub Y N 292 
PHE CG  CD2  sing Y N 293 
PHE CD1 CE1  sing Y N 294 
PHE CD1 HD1  sing N N 295 
PHE CD2 CE2  doub Y N 296 
PHE CD2 HD2  sing N N 297 
PHE CE1 CZ   doub Y N 298 
PHE CE1 HE1  sing N N 299 
PHE CE2 CZ   sing Y N 300 
PHE CE2 HE2  sing N N 301 
PHE CZ  HZ   sing N N 302 
PHE OXT HXT  sing N N 303 
PRO N   CA   sing N N 304 
PRO N   CD   sing N N 305 
PRO N   H    sing N N 306 
PRO CA  C    sing N N 307 
PRO CA  CB   sing N N 308 
PRO CA  HA   sing N N 309 
PRO C   O    doub N N 310 
PRO C   OXT  sing N N 311 
PRO CB  CG   sing N N 312 
PRO CB  HB2  sing N N 313 
PRO CB  HB3  sing N N 314 
PRO CG  CD   sing N N 315 
PRO CG  HG2  sing N N 316 
PRO CG  HG3  sing N N 317 
PRO CD  HD2  sing N N 318 
PRO CD  HD3  sing N N 319 
PRO OXT HXT  sing N N 320 
SER N   CA   sing N N 321 
SER N   H    sing N N 322 
SER N   H2   sing N N 323 
SER CA  C    sing N N 324 
SER CA  CB   sing N N 325 
SER CA  HA   sing N N 326 
SER C   O    doub N N 327 
SER C   OXT  sing N N 328 
SER CB  OG   sing N N 329 
SER CB  HB2  sing N N 330 
SER CB  HB3  sing N N 331 
SER OG  HG   sing N N 332 
SER OXT HXT  sing N N 333 
THR N   CA   sing N N 334 
THR N   H    sing N N 335 
THR N   H2   sing N N 336 
THR CA  C    sing N N 337 
THR CA  CB   sing N N 338 
THR CA  HA   sing N N 339 
THR C   O    doub N N 340 
THR C   OXT  sing N N 341 
THR CB  OG1  sing N N 342 
THR CB  CG2  sing N N 343 
THR CB  HB   sing N N 344 
THR OG1 HG1  sing N N 345 
THR CG2 HG21 sing N N 346 
THR CG2 HG22 sing N N 347 
THR CG2 HG23 sing N N 348 
THR OXT HXT  sing N N 349 
TRP N   CA   sing N N 350 
TRP N   H    sing N N 351 
TRP N   H2   sing N N 352 
TRP CA  C    sing N N 353 
TRP CA  CB   sing N N 354 
TRP CA  HA   sing N N 355 
TRP C   O    doub N N 356 
TRP C   OXT  sing N N 357 
TRP CB  CG   sing N N 358 
TRP CB  HB2  sing N N 359 
TRP CB  HB3  sing N N 360 
TRP CG  CD1  doub Y N 361 
TRP CG  CD2  sing Y N 362 
TRP CD1 NE1  sing Y N 363 
TRP CD1 HD1  sing N N 364 
TRP CD2 CE2  doub Y N 365 
TRP CD2 CE3  sing Y N 366 
TRP NE1 CE2  sing Y N 367 
TRP NE1 HE1  sing N N 368 
TRP CE2 CZ2  sing Y N 369 
TRP CE3 CZ3  doub Y N 370 
TRP CE3 HE3  sing N N 371 
TRP CZ2 CH2  doub Y N 372 
TRP CZ2 HZ2  sing N N 373 
TRP CZ3 CH2  sing Y N 374 
TRP CZ3 HZ3  sing N N 375 
TRP CH2 HH2  sing N N 376 
TRP OXT HXT  sing N N 377 
TYR N   CA   sing N N 378 
TYR N   H    sing N N 379 
TYR N   H2   sing N N 380 
TYR CA  C    sing N N 381 
TYR CA  CB   sing N N 382 
TYR CA  HA   sing N N 383 
TYR C   O    doub N N 384 
TYR C   OXT  sing N N 385 
TYR CB  CG   sing N N 386 
TYR CB  HB2  sing N N 387 
TYR CB  HB3  sing N N 388 
TYR CG  CD1  doub Y N 389 
TYR CG  CD2  sing Y N 390 
TYR CD1 CE1  sing Y N 391 
TYR CD1 HD1  sing N N 392 
TYR CD2 CE2  doub Y N 393 
TYR CD2 HD2  sing N N 394 
TYR CE1 CZ   doub Y N 395 
TYR CE1 HE1  sing N N 396 
TYR CE2 CZ   sing Y N 397 
TYR CE2 HE2  sing N N 398 
TYR CZ  OH   sing N N 399 
TYR OH  HH   sing N N 400 
TYR OXT HXT  sing N N 401 
VAL N   CA   sing N N 402 
VAL N   H    sing N N 403 
VAL N   H2   sing N N 404 
VAL CA  C    sing N N 405 
VAL CA  CB   sing N N 406 
VAL CA  HA   sing N N 407 
VAL C   O    doub N N 408 
VAL C   OXT  sing N N 409 
VAL CB  CG1  sing N N 410 
VAL CB  CG2  sing N N 411 
VAL CB  HB   sing N N 412 
VAL CG1 HG11 sing N N 413 
VAL CG1 HG12 sing N N 414 
VAL CG1 HG13 sing N N 415 
VAL CG2 HG21 sing N N 416 
VAL CG2 HG22 sing N N 417 
VAL CG2 HG23 sing N N 418 
VAL OXT HXT  sing N N 419 
# 
_pdbx_initial_refinement_model.id               1 
_pdbx_initial_refinement_model.entity_id_list   ? 
_pdbx_initial_refinement_model.type             'experimental model' 
_pdbx_initial_refinement_model.source_name      PDB 
_pdbx_initial_refinement_model.accession_code   1FB8 
_pdbx_initial_refinement_model.details          'PDB ID 1FB8:  UNLIGANDED DAPP1' 
# 
_atom_sites.entry_id                    1FAO 
_atom_sites.fract_transf_matrix[1][1]   -0.01614173 
_atom_sites.fract_transf_matrix[1][2]   -0.01617548 
_atom_sites.fract_transf_matrix[1][3]   -0.00907027 
_atom_sites.fract_transf_matrix[2][1]   0.00833873 
_atom_sites.fract_transf_matrix[2][2]   0.00275145 
_atom_sites.fract_transf_matrix[2][3]   -0.01974666 
_atom_sites.fract_transf_matrix[3][1]   0.01001097 
_atom_sites.fract_transf_matrix[3][2]   -0.01146484 
_atom_sites.fract_transf_matrix[3][3]   0.00263000 
_atom_sites.fract_transf_vector[1]      0.459987 
_atom_sites.fract_transf_vector[2]      0.154881 
_atom_sites.fract_transf_vector[3]      0.349110 
# 
loop_
_atom_type.symbol 
C 
N 
O 
P 
S 
# 
loop_
_atom_site.group_PDB 
_atom_site.id 
_atom_site.type_symbol 
_atom_site.label_atom_id 
_atom_site.label_alt_id 
_atom_site.label_comp_id 
_atom_site.label_asym_id 
_atom_site.label_entity_id 
_atom_site.label_seq_id 
_atom_site.pdbx_PDB_ins_code 
_atom_site.Cartn_x 
_atom_site.Cartn_y 
_atom_site.Cartn_z 
_atom_site.occupancy 
_atom_site.B_iso_or_equiv 
_atom_site.pdbx_formal_charge 
_atom_site.auth_seq_id 
_atom_site.auth_comp_id 
_atom_site.auth_asym_id 
_atom_site.auth_atom_id 
_atom_site.pdbx_PDB_model_num 
ATOM   1   N N   . PRO A 1 15  ? 15.888  10.175  2.771   1.00 39.55 ? 162 PRO A N   1 
ATOM   2   C CA  . PRO A 1 15  ? 15.645  8.756   3.035   1.00 37.66 ? 162 PRO A CA  1 
ATOM   3   C C   . PRO A 1 15  ? 15.912  8.362   4.483   1.00 35.43 ? 162 PRO A C   1 
ATOM   4   O O   . PRO A 1 15  ? 16.782  8.930   5.147   1.00 35.31 ? 162 PRO A O   1 
ATOM   5   C CB  . PRO A 1 15  ? 16.604  8.067   2.075   1.00 38.82 ? 162 PRO A CB  1 
ATOM   6   C CG  . PRO A 1 15  ? 17.786  8.989   2.104   1.00 39.24 ? 162 PRO A CG  1 
ATOM   7   C CD  . PRO A 1 15  ? 17.126  10.355  1.991   1.00 39.54 ? 162 PRO A CD  1 
ATOM   8   N N   . SER A 1 16  ? 15.143  7.391   4.962   1.00 31.57 ? 163 SER A N   1 
ATOM   9   C CA  . SER A 1 16  ? 15.286  6.870   6.314   1.00 26.87 ? 163 SER A CA  1 
ATOM   10  C C   . SER A 1 16  ? 14.913  5.403   6.230   1.00 23.02 ? 163 SER A C   1 
ATOM   11  O O   . SER A 1 16  ? 13.885  5.049   5.652   1.00 20.35 ? 163 SER A O   1 
ATOM   12  C CB  . SER A 1 16  ? 14.346  7.588   7.287   1.00 28.27 ? 163 SER A CB  1 
ATOM   13  O OG  . SER A 1 16  ? 14.662  8.966   7.384   1.00 31.64 ? 163 SER A OG  1 
ATOM   14  N N   . LEU A 1 17  ? 15.755  4.548   6.793   1.00 20.39 ? 164 LEU A N   1 
ATOM   15  C CA  . LEU A 1 17  ? 15.500  3.119   6.760   1.00 19.59 ? 164 LEU A CA  1 
ATOM   16  C C   . LEU A 1 17  ? 14.166  2.829   7.437   1.00 19.09 ? 164 LEU A C   1 
ATOM   17  O O   . LEU A 1 17  ? 13.919  3.277   8.555   1.00 18.98 ? 164 LEU A O   1 
ATOM   18  C CB  . LEU A 1 17  ? 16.640  2.374   7.463   1.00 20.53 ? 164 LEU A CB  1 
ATOM   19  C CG  . LEU A 1 17  ? 16.735  0.859   7.261   1.00 21.72 ? 164 LEU A CG  1 
ATOM   20  C CD1 . LEU A 1 17  ? 18.141  0.393   7.621   1.00 22.08 ? 164 LEU A CD1 1 
ATOM   21  C CD2 . LEU A 1 17  ? 15.692  0.144   8.101   1.00 20.19 ? 164 LEU A CD2 1 
ATOM   22  N N   . GLY A 1 18  ? 13.300  2.095   6.747   1.00 18.15 ? 165 GLY A N   1 
ATOM   23  C CA  . GLY A 1 18  ? 12.005  1.761   7.312   1.00 17.37 ? 165 GLY A CA  1 
ATOM   24  C C   . GLY A 1 18  ? 10.894  2.672   6.835   1.00 15.57 ? 165 GLY A C   1 
ATOM   25  O O   . GLY A 1 18  ? 9.725   2.455   7.151   1.00 15.43 ? 165 GLY A O   1 
ATOM   26  N N   . THR A 1 19  ? 11.250  3.705   6.079   1.00 14.90 ? 166 THR A N   1 
ATOM   27  C CA  . THR A 1 19  ? 10.250  4.625   5.566   1.00 14.31 ? 166 THR A CA  1 
ATOM   28  C C   . THR A 1 19  ? 10.227  4.576   4.044   1.00 13.65 ? 166 THR A C   1 
ATOM   29  O O   . THR A 1 19  ? 11.235  4.272   3.402   1.00 13.25 ? 166 THR A O   1 
ATOM   30  C CB  . THR A 1 19  ? 10.523  6.070   6.018   1.00 16.55 ? 166 THR A CB  1 
ATOM   31  O OG1 . THR A 1 19  ? 11.697  6.567   5.368   1.00 19.99 ? 166 THR A OG1 1 
ATOM   32  C CG2 . THR A 1 19  ? 10.721  6.121   7.529   1.00 16.20 ? 166 THR A CG2 1 
ATOM   33  N N   . LYS A 1 20  ? 9.062   4.854   3.474   1.00 12.78 ? 167 LYS A N   1 
ATOM   34  C CA  . LYS A 1 20  ? 8.910   4.853   2.032   1.00 11.20 ? 167 LYS A CA  1 
ATOM   35  C C   . LYS A 1 20  ? 7.694   5.678   1.650   1.00 13.38 ? 167 LYS A C   1 
ATOM   36  O O   . LYS A 1 20  ? 6.674   5.665   2.338   1.00 11.57 ? 167 LYS A O   1 
ATOM   37  C CB  . LYS A 1 20  ? 8.758   3.420   1.508   1.00 11.47 ? 167 LYS A CB  1 
ATOM   38  C CG  . LYS A 1 20  ? 8.731   3.311   -0.019  1.00 10.83 ? 167 LYS A CG  1 
ATOM   39  C CD  . LYS A 1 20  ? 8.700   1.857   -0.483  1.00 10.67 ? 167 LYS A CD  1 
ATOM   40  C CE  . LYS A 1 20  ? 8.703   1.745   -2.002  1.00 10.99 ? 167 LYS A CE  1 
ATOM   41  N NZ  . LYS A 1 20  ? 9.957   2.299   -2.597  1.00 12.02 ? 167 LYS A NZ  1 
ATOM   42  N N   . GLU A 1 21  ? 7.809   6.423   0.560   1.00 11.38 ? 168 GLU A N   1 
ATOM   43  C CA  . GLU A 1 21  ? 6.691   7.227   0.103   1.00 11.23 ? 168 GLU A CA  1 
ATOM   44  C C   . GLU A 1 21  ? 6.682   7.135   -1.406  1.00 10.98 ? 168 GLU A C   1 
ATOM   45  O O   . GLU A 1 21  ? 7.735   7.020   -2.034  1.00 9.96  ? 168 GLU A O   1 
ATOM   46  C CB  . GLU A 1 21  ? 6.849   8.682   0.538   1.00 13.90 ? 168 GLU A CB  1 
ATOM   47  C CG  . GLU A 1 21  ? 7.122   8.852   2.018   1.00 17.80 ? 168 GLU A CG  1 
ATOM   48  C CD  . GLU A 1 21  ? 7.055   10.298  2.467   1.00 21.38 ? 168 GLU A CD  1 
ATOM   49  O OE1 . GLU A 1 21  ? 7.354   11.193  1.649   1.00 22.35 ? 168 GLU A OE1 1 
ATOM   50  O OE2 . GLU A 1 21  ? 6.716   10.540  3.645   1.00 23.15 ? 168 GLU A OE2 1 
ATOM   51  N N   . GLY A 1 22  ? 5.490   7.171   -1.983  1.00 10.47 ? 169 GLY A N   1 
ATOM   52  C CA  . GLY A 1 22  ? 5.381   7.085   -3.423  1.00 10.50 ? 169 GLY A CA  1 
ATOM   53  C C   . GLY A 1 22  ? 3.951   6.856   -3.847  1.00 10.72 ? 169 GLY A C   1 
ATOM   54  O O   . GLY A 1 22  ? 3.092   6.505   -3.032  1.00 9.46  ? 169 GLY A O   1 
ATOM   55  N N   . TYR A 1 23  ? 3.688   7.061   -5.131  1.00 7.96  ? 170 TYR A N   1 
ATOM   56  C CA  . TYR A 1 23  ? 2.353   6.860   -5.662  1.00 7.67  ? 170 TYR A CA  1 
ATOM   57  C C   . TYR A 1 23  ? 2.076   5.408   -6.004  1.00 8.81  ? 170 TYR A C   1 
ATOM   58  O O   . TYR A 1 23  ? 2.959   4.686   -6.457  1.00 9.42  ? 170 TYR A O   1 
ATOM   59  C CB  . TYR A 1 23  ? 2.148   7.689   -6.934  1.00 8.45  ? 170 TYR A CB  1 
ATOM   60  C CG  . TYR A 1 23  ? 1.958   9.156   -6.688  1.00 7.53  ? 170 TYR A CG  1 
ATOM   61  C CD1 . TYR A 1 23  ? 2.984   10.065  -6.936  1.00 8.14  ? 170 TYR A CD1 1 
ATOM   62  C CD2 . TYR A 1 23  ? 0.740   9.644   -6.222  1.00 9.63  ? 170 TYR A CD2 1 
ATOM   63  C CE1 . TYR A 1 23  ? 2.795   11.428  -6.731  1.00 8.82  ? 170 TYR A CE1 1 
ATOM   64  C CE2 . TYR A 1 23  ? 0.540   10.994  -6.011  1.00 6.84  ? 170 TYR A CE2 1 
ATOM   65  C CZ  . TYR A 1 23  ? 1.561   11.881  -6.267  1.00 9.49  ? 170 TYR A CZ  1 
ATOM   66  O OH  . TYR A 1 23  ? 1.334   13.221  -6.076  1.00 8.91  ? 170 TYR A OH  1 
ATOM   67  N N   . LEU A 1 24  ? 0.832   5.001   -5.788  1.00 8.84  ? 171 LEU A N   1 
ATOM   68  C CA  . LEU A 1 24  ? 0.364   3.662   -6.104  1.00 9.72  ? 171 LEU A CA  1 
ATOM   69  C C   . LEU A 1 24  ? -1.081  3.819   -6.521  1.00 10.35 ? 171 LEU A C   1 
ATOM   70  O O   . LEU A 1 24  ? -1.747  4.757   -6.092  1.00 11.00 ? 171 LEU A O   1 
ATOM   71  C CB  . LEU A 1 24  ? 0.429   2.746   -4.880  1.00 9.68  ? 171 LEU A CB  1 
ATOM   72  C CG  . LEU A 1 24  ? 1.824   2.354   -4.407  1.00 11.00 ? 171 LEU A CG  1 
ATOM   73  C CD1 . LEU A 1 24  ? 1.707   1.482   -3.161  1.00 10.60 ? 171 LEU A CD1 1 
ATOM   74  C CD2 . LEU A 1 24  ? 2.547   1.605   -5.524  1.00 11.67 ? 171 LEU A CD2 1 
ATOM   75  N N   . THR A 1 25  ? -1.566  2.931   -7.379  1.00 9.99  ? 172 THR A N   1 
ATOM   76  C CA  . THR A 1 25  ? -2.963  3.004   -7.773  1.00 11.59 ? 172 THR A CA  1 
ATOM   77  C C   . THR A 1 25  ? -3.662  2.019   -6.853  1.00 11.60 ? 172 THR A C   1 
ATOM   78  O O   . THR A 1 25  ? -3.119  0.963   -6.541  1.00 12.47 ? 172 THR A O   1 
ATOM   79  C CB  . THR A 1 25  ? -3.181  2.609   -9.260  1.00 14.36 ? 172 THR A CB  1 
ATOM   80  O OG1 . THR A 1 25  ? -2.629  1.310   -9.512  1.00 19.64 ? 172 THR A OG1 1 
ATOM   81  C CG2 . THR A 1 25  ? -2.511  3.614   -10.162 1.00 14.11 ? 172 THR A CG2 1 
ATOM   82  N N   . LYS A 1 26  ? -4.847  2.378   -6.383  1.00 11.31 ? 173 LYS A N   1 
ATOM   83  C CA  . LYS A 1 26  ? -5.566  1.495   -5.481  1.00 9.76  ? 173 LYS A CA  1 
ATOM   84  C C   . LYS A 1 26  ? -7.020  1.375   -5.877  1.00 8.71  ? 173 LYS A C   1 
ATOM   85  O O   . LYS A 1 26  ? -7.604  2.301   -6.433  1.00 7.57  ? 173 LYS A O   1 
ATOM   86  C CB  . LYS A 1 26  ? -5.472  2.015   -4.044  1.00 11.49 ? 173 LYS A CB  1 
ATOM   87  C CG  . LYS A 1 26  ? -5.929  3.449   -3.880  1.00 11.28 ? 173 LYS A CG  1 
ATOM   88  C CD  . LYS A 1 26  ? -6.147  3.781   -2.411  1.00 12.27 ? 173 LYS A CD  1 
ATOM   89  C CE  . LYS A 1 26  ? -7.444  3.166   -1.916  1.00 10.78 ? 173 LYS A CE  1 
ATOM   90  N NZ  . LYS A 1 26  ? -8.624  3.784   -2.584  1.00 10.96 ? 173 LYS A NZ  1 
ATOM   91  N N   . GLN A 1 27  ? -7.596  0.221   -5.571  1.00 9.24  ? 174 GLN A N   1 
ATOM   92  C CA  . GLN A 1 27  ? -8.990  -0.052  -5.872  1.00 10.13 ? 174 GLN A CA  1 
ATOM   93  C C   . GLN A 1 27  ? -9.857  0.429   -4.722  1.00 10.40 ? 174 GLN A C   1 
ATOM   94  O O   . GLN A 1 27  ? -9.441  0.394   -3.562  1.00 8.93  ? 174 GLN A O   1 
ATOM   95  C CB  . GLN A 1 27  ? -9.192  -1.552  -6.070  1.00 12.23 ? 174 GLN A CB  1 
ATOM   96  C CG  . GLN A 1 27  ? -10.597 -1.948  -6.476  1.00 15.91 ? 174 GLN A CG  1 
ATOM   97  C CD  . GLN A 1 27  ? -10.713 -3.429  -6.766  1.00 19.61 ? 174 GLN A CD  1 
ATOM   98  O OE1 . GLN A 1 27  ? -10.588 -4.255  -5.870  1.00 23.48 ? 174 GLN A OE1 1 
ATOM   99  N NE2 . GLN A 1 27  ? -10.943 -3.773  -8.030  1.00 22.82 ? 174 GLN A NE2 1 
ATOM   100 N N   . GLY A 1 28  ? -11.062 0.880   -5.045  1.00 11.49 ? 175 GLY A N   1 
ATOM   101 C CA  . GLY A 1 28  ? -11.966 1.345   -4.011  1.00 13.15 ? 175 GLY A CA  1 
ATOM   102 C C   . GLY A 1 28  ? -12.579 0.163   -3.289  1.00 15.09 ? 175 GLY A C   1 
ATOM   103 O O   . GLY A 1 28  ? -12.320 -0.993  -3.646  1.00 12.85 ? 175 GLY A O   1 
ATOM   104 N N   . GLY A 1 29  ? -13.397 0.452   -2.280  1.00 16.50 ? 176 GLY A N   1 
ATOM   105 C CA  . GLY A 1 29  ? -14.036 -0.602  -1.509  1.00 18.33 ? 176 GLY A CA  1 
ATOM   106 C C   . GLY A 1 29  ? -15.304 -1.119  -2.158  1.00 19.27 ? 176 GLY A C   1 
ATOM   107 O O   . GLY A 1 29  ? -15.279 -2.146  -2.838  1.00 19.30 ? 176 GLY A O   1 
ATOM   108 N N   . LEU A 1 30  ? -16.413 -0.416  -1.934  1.00 20.55 ? 177 LEU A N   1 
ATOM   109 C CA  . LEU A 1 30  ? -17.699 -0.791  -2.513  1.00 21.15 ? 177 LEU A CA  1 
ATOM   110 C C   . LEU A 1 30  ? -17.660 -0.470  -3.999  1.00 21.30 ? 177 LEU A C   1 
ATOM   111 O O   . LEU A 1 30  ? -18.001 -1.307  -4.835  1.00 22.29 ? 177 LEU A O   1 
ATOM   112 C CB  . LEU A 1 30  ? -18.837 -0.017  -1.845  1.00 22.90 ? 177 LEU A CB  1 
ATOM   113 C CG  . LEU A 1 30  ? -19.086 -0.287  -0.360  1.00 22.84 ? 177 LEU A CG  1 
ATOM   114 C CD1 . LEU A 1 30  ? -20.219 0.602   0.132   1.00 24.77 ? 177 LEU A CD1 1 
ATOM   115 C CD2 . LEU A 1 30  ? -19.427 -1.753  -0.151  1.00 25.27 ? 177 LEU A CD2 1 
ATOM   116 N N   . VAL A 1 31  ? -17.259 0.756   -4.318  1.00 20.59 ? 178 VAL A N   1 
ATOM   117 C CA  . VAL A 1 31  ? -17.123 1.185   -5.704  1.00 20.27 ? 178 VAL A CA  1 
ATOM   118 C C   . VAL A 1 31  ? -15.653 0.908   -5.997  1.00 20.02 ? 178 VAL A C   1 
ATOM   119 O O   . VAL A 1 31  ? -14.771 1.618   -5.518  1.00 19.66 ? 178 VAL A O   1 
ATOM   120 C CB  . VAL A 1 31  ? -17.418 2.685   -5.861  1.00 20.46 ? 178 VAL A CB  1 
ATOM   121 C CG1 . VAL A 1 31  ? -17.224 3.108   -7.314  1.00 20.80 ? 178 VAL A CG1 1 
ATOM   122 C CG2 . VAL A 1 31  ? -18.842 2.976   -5.409  1.00 20.06 ? 178 VAL A CG2 1 
ATOM   123 N N   . LYS A 1 32  ? -15.401 -0.136  -6.778  1.00 19.54 ? 179 LYS A N   1 
ATOM   124 C CA  . LYS A 1 32  ? -14.041 -0.559  -7.079  1.00 19.80 ? 179 LYS A CA  1 
ATOM   125 C C   . LYS A 1 32  ? -13.284 0.189   -8.166  1.00 19.02 ? 179 LYS A C   1 
ATOM   126 O O   . LYS A 1 32  ? -12.624 -0.422  -9.006  1.00 18.89 ? 179 LYS A O   1 
ATOM   127 C CB  . LYS A 1 32  ? -14.044 -2.054  -7.385  1.00 22.16 ? 179 LYS A CB  1 
ATOM   128 C CG  . LYS A 1 32  ? -14.591 -2.891  -6.237  1.00 25.26 ? 179 LYS A CG  1 
ATOM   129 C CD  . LYS A 1 32  ? -14.564 -4.366  -6.574  1.00 29.07 ? 179 LYS A CD  1 
ATOM   130 C CE  . LYS A 1 32  ? -15.104 -5.197  -5.428  1.00 31.02 ? 179 LYS A CE  1 
ATOM   131 N NZ  . LYS A 1 32  ? -15.067 -6.648  -5.764  1.00 35.39 ? 179 LYS A NZ  1 
ATOM   132 N N   . THR A 1 33  ? -13.363 1.512   -8.139  1.00 17.20 ? 180 THR A N   1 
ATOM   133 C CA  . THR A 1 33  ? -12.644 2.314   -9.112  1.00 15.75 ? 180 THR A CA  1 
ATOM   134 C C   . THR A 1 33  ? -11.179 2.371   -8.685  1.00 15.32 ? 180 THR A C   1 
ATOM   135 O O   . THR A 1 33  ? -10.867 2.274   -7.498  1.00 13.98 ? 180 THR A O   1 
ATOM   136 C CB  . THR A 1 33  ? -13.211 3.739   -9.186  1.00 16.03 ? 180 THR A CB  1 
ATOM   137 O OG1 . THR A 1 33  ? -13.307 4.290   -7.867  1.00 15.89 ? 180 THR A OG1 1 
ATOM   138 C CG2 . THR A 1 33  ? -14.589 3.723   -9.832  1.00 15.97 ? 180 THR A CG2 1 
ATOM   139 N N   . TRP A 1 34  ? -10.278 2.503   -9.651  1.00 14.33 ? 181 TRP A N   1 
ATOM   140 C CA  . TRP A 1 34  ? -8.859  2.581   -9.335  1.00 13.46 ? 181 TRP A CA  1 
ATOM   141 C C   . TRP A 1 34  ? -8.410  4.028   -9.331  1.00 13.83 ? 181 TRP A C   1 
ATOM   142 O O   . TRP A 1 34  ? -8.613  4.756   -10.305 1.00 13.92 ? 181 TRP A O   1 
ATOM   143 C CB  . TRP A 1 34  ? -8.040  1.772   -10.341 1.00 13.71 ? 181 TRP A CB  1 
ATOM   144 C CG  . TRP A 1 34  ? -8.173  0.309   -10.129 1.00 14.79 ? 181 TRP A CG  1 
ATOM   145 C CD1 . TRP A 1 34  ? -9.217  -0.487  -10.505 1.00 17.40 ? 181 TRP A CD1 1 
ATOM   146 C CD2 . TRP A 1 34  ? -7.266  -0.529  -9.411  1.00 15.33 ? 181 TRP A CD2 1 
ATOM   147 N NE1 . TRP A 1 34  ? -9.018  -1.772  -10.059 1.00 19.18 ? 181 TRP A NE1 1 
ATOM   148 C CE2 . TRP A 1 34  ? -7.827  -1.825  -9.383  1.00 16.78 ? 181 TRP A CE2 1 
ATOM   149 C CE3 . TRP A 1 34  ? -6.034  -0.310  -8.783  1.00 14.13 ? 181 TRP A CE3 1 
ATOM   150 C CZ2 . TRP A 1 34  ? -7.195  -2.899  -8.753  1.00 16.37 ? 181 TRP A CZ2 1 
ATOM   151 C CZ3 . TRP A 1 34  ? -5.409  -1.376  -8.157  1.00 13.74 ? 181 TRP A CZ3 1 
ATOM   152 C CH2 . TRP A 1 34  ? -5.991  -2.655  -8.147  1.00 14.88 ? 181 TRP A CH2 1 
ATOM   153 N N   . LYS A 1 35  ? -7.798  4.444   -8.228  1.00 11.47 ? 182 LYS A N   1 
ATOM   154 C CA  . LYS A 1 35  ? -7.332  5.813   -8.092  1.00 10.93 ? 182 LYS A CA  1 
ATOM   155 C C   . LYS A 1 35  ? -5.865  5.839   -7.719  1.00 11.18 ? 182 LYS A C   1 
ATOM   156 O O   . LYS A 1 35  ? -5.381  4.970   -6.991  1.00 9.93  ? 182 LYS A O   1 
ATOM   157 C CB  . LYS A 1 35  ? -8.142  6.542   -7.018  1.00 11.94 ? 182 LYS A CB  1 
ATOM   158 C CG  . LYS A 1 35  ? -9.639  6.598   -7.306  1.00 15.43 ? 182 LYS A CG  1 
ATOM   159 C CD  . LYS A 1 35  ? -9.936  7.472   -8.522  1.00 17.35 ? 182 LYS A CD  1 
ATOM   160 C CE  . LYS A 1 35  ? -11.422 7.471   -8.851  1.00 19.10 ? 182 LYS A CE  1 
ATOM   161 N NZ  . LYS A 1 35  ? -11.730 8.304   -10.048 1.00 21.28 ? 182 LYS A NZ  1 
ATOM   162 N N   . THR A 1 36  ? -5.157  6.839   -8.228  1.00 10.36 ? 183 THR A N   1 
ATOM   163 C CA  . THR A 1 36  ? -3.746  6.988   -7.928  1.00 10.27 ? 183 THR A CA  1 
ATOM   164 C C   . THR A 1 36  ? -3.644  7.823   -6.665  1.00 10.08 ? 183 THR A C   1 
ATOM   165 O O   . THR A 1 36  ? -4.148  8.947   -6.602  1.00 10.71 ? 183 THR A O   1 
ATOM   166 C CB  . THR A 1 36  ? -3.000  7.688   -9.069  1.00 11.84 ? 183 THR A CB  1 
ATOM   167 O OG1 . THR A 1 36  ? -3.304  7.024   -10.302 1.00 12.87 ? 183 THR A OG1 1 
ATOM   168 C CG2 . THR A 1 36  ? -1.500  7.627   -8.830  1.00 10.04 ? 183 THR A CG2 1 
ATOM   169 N N   . ARG A 1 37  ? -2.992  7.257   -5.658  1.00 8.87  ? 184 ARG A N   1 
ATOM   170 C CA  . ARG A 1 37  ? -2.843  7.926   -4.380  1.00 7.91  ? 184 ARG A CA  1 
ATOM   171 C C   . ARG A 1 37  ? -1.401  7.941   -3.918  1.00 8.30  ? 184 ARG A C   1 
ATOM   172 O O   . ARG A 1 37  ? -0.593  7.117   -4.339  1.00 7.51  ? 184 ARG A O   1 
ATOM   173 C CB  . ARG A 1 37  ? -3.707  7.214   -3.339  1.00 7.71  ? 184 ARG A CB  1 
ATOM   174 C CG  . ARG A 1 37  ? -5.182  7.243   -3.669  1.00 8.59  ? 184 ARG A CG  1 
ATOM   175 C CD  . ARG A 1 37  ? -5.739  8.650   -3.511  1.00 10.45 ? 184 ARG A CD  1 
ATOM   176 N NE  . ARG A 1 37  ? -7.161  8.727   -3.849  1.00 12.52 ? 184 ARG A NE  1 
ATOM   177 C CZ  . ARG A 1 37  ? -7.643  9.337   -4.929  1.00 12.23 ? 184 ARG A CZ  1 
ATOM   178 N NH1 . ARG A 1 37  ? -6.824  9.928   -5.793  1.00 11.98 ? 184 ARG A NH1 1 
ATOM   179 N NH2 . ARG A 1 37  ? -8.951  9.368   -5.140  1.00 11.08 ? 184 ARG A NH2 1 
ATOM   180 N N   . TRP A 1 38  ? -1.094  8.883   -3.035  1.00 8.76  ? 185 TRP A N   1 
ATOM   181 C CA  . TRP A 1 38  ? 0.245   9.025   -2.488  1.00 8.88  ? 185 TRP A CA  1 
ATOM   182 C C   . TRP A 1 38  ? 0.274   8.248   -1.178  1.00 9.41  ? 185 TRP A C   1 
ATOM   183 O O   . TRP A 1 38  ? -0.523  8.512   -0.283  1.00 9.54  ? 185 TRP A O   1 
ATOM   184 C CB  . TRP A 1 38  ? 0.535   10.510  -2.243  1.00 10.54 ? 185 TRP A CB  1 
ATOM   185 C CG  . TRP A 1 38  ? 1.852   10.809  -1.593  1.00 9.88  ? 185 TRP A CG  1 
ATOM   186 C CD1 . TRP A 1 38  ? 2.059   11.193  -0.297  1.00 9.54  ? 185 TRP A CD1 1 
ATOM   187 C CD2 . TRP A 1 38  ? 3.142   10.790  -2.217  1.00 10.35 ? 185 TRP A CD2 1 
ATOM   188 N NE1 . TRP A 1 38  ? 3.399   11.419  -0.077  1.00 11.44 ? 185 TRP A NE1 1 
ATOM   189 C CE2 . TRP A 1 38  ? 4.086   11.177  -1.239  1.00 10.97 ? 185 TRP A CE2 1 
ATOM   190 C CE3 . TRP A 1 38  ? 3.592   10.486  -3.511  1.00 11.43 ? 185 TRP A CE3 1 
ATOM   191 C CZ2 . TRP A 1 38  ? 5.458   11.268  -1.513  1.00 11.71 ? 185 TRP A CZ2 1 
ATOM   192 C CZ3 . TRP A 1 38  ? 4.958   10.577  -3.783  1.00 10.20 ? 185 TRP A CZ3 1 
ATOM   193 C CH2 . TRP A 1 38  ? 5.871   10.965  -2.787  1.00 12.13 ? 185 TRP A CH2 1 
ATOM   194 N N   . PHE A 1 39  ? 1.170   7.270   -1.091  1.00 8.83  ? 186 PHE A N   1 
ATOM   195 C CA  . PHE A 1 39  ? 1.303   6.462   0.111   1.00 9.96  ? 186 PHE A CA  1 
ATOM   196 C C   . PHE A 1 39  ? 2.565   6.823   0.875   1.00 10.36 ? 186 PHE A C   1 
ATOM   197 O O   . PHE A 1 39  ? 3.601   7.126   0.287   1.00 9.26  ? 186 PHE A O   1 
ATOM   198 C CB  . PHE A 1 39  ? 1.370   4.970   -0.233  1.00 9.52  ? 186 PHE A CB  1 
ATOM   199 C CG  . PHE A 1 39  ? 0.060   4.382   -0.649  1.00 9.75  ? 186 PHE A CG  1 
ATOM   200 C CD1 . PHE A 1 39  ? -0.497  4.689   -1.889  1.00 8.42  ? 186 PHE A CD1 1 
ATOM   201 C CD2 . PHE A 1 39  ? -0.630  3.527   0.207   1.00 10.48 ? 186 PHE A CD2 1 
ATOM   202 C CE1 . PHE A 1 39  ? -1.724  4.148   -2.267  1.00 9.30  ? 186 PHE A CE1 1 
ATOM   203 C CE2 . PHE A 1 39  ? -1.858  2.983   -0.163  1.00 9.87  ? 186 PHE A CE2 1 
ATOM   204 C CZ  . PHE A 1 39  ? -2.405  3.294   -1.403  1.00 7.56  ? 186 PHE A CZ  1 
ATOM   205 N N   . THR A 1 40  ? 2.478   6.800   2.198   1.00 9.78  ? 187 THR A N   1 
ATOM   206 C CA  . THR A 1 40  ? 3.652   7.066   3.005   1.00 10.12 ? 187 THR A CA  1 
ATOM   207 C C   . THR A 1 40  ? 3.688   5.974   4.056   1.00 10.59 ? 187 THR A C   1 
ATOM   208 O O   . THR A 1 40  ? 2.646   5.545   4.554   1.00 9.65  ? 187 THR A O   1 
ATOM   209 C CB  . THR A 1 40  ? 3.613   8.451   3.690   1.00 12.67 ? 187 THR A CB  1 
ATOM   210 O OG1 . THR A 1 40  ? 2.533   8.500   4.631   1.00 11.88 ? 187 THR A OG1 1 
ATOM   211 C CG2 . THR A 1 40  ? 3.439   9.556   2.637   1.00 10.38 ? 187 THR A CG2 1 
ATOM   212 N N   . LEU A 1 41  ? 4.891   5.506   4.356   1.00 10.11 ? 188 LEU A N   1 
ATOM   213 C CA  . LEU A 1 41  ? 5.088   4.463   5.345   1.00 11.22 ? 188 LEU A CA  1 
ATOM   214 C C   . LEU A 1 41  ? 6.153   4.939   6.322   1.00 11.13 ? 188 LEU A C   1 
ATOM   215 O O   . LEU A 1 41  ? 7.299   5.193   5.938   1.00 11.12 ? 188 LEU A O   1 
ATOM   216 C CB  . LEU A 1 41  ? 5.537   3.160   4.670   1.00 9.95  ? 188 LEU A CB  1 
ATOM   217 C CG  . LEU A 1 41  ? 5.898   2.011   5.613   1.00 10.93 ? 188 LEU A CG  1 
ATOM   218 C CD1 . LEU A 1 41  ? 4.686   1.655   6.456   1.00 7.35  ? 188 LEU A CD1 1 
ATOM   219 C CD2 . LEU A 1 41  ? 6.374   0.799   4.800   1.00 9.54  ? 188 LEU A CD2 1 
ATOM   220 N N   . HIS A 1 42  ? 5.751   5.079   7.580   1.00 11.34 ? 189 HIS A N   1 
ATOM   221 C CA  . HIS A 1 42  ? 6.637   5.510   8.652   1.00 12.27 ? 189 HIS A CA  1 
ATOM   222 C C   . HIS A 1 42  ? 6.227   4.672   9.855   1.00 12.59 ? 189 HIS A C   1 
ATOM   223 O O   . HIS A 1 42  ? 5.039   4.572   10.162  1.00 11.74 ? 189 HIS A O   1 
ATOM   224 C CB  . HIS A 1 42  ? 6.439   6.996   8.938   1.00 14.59 ? 189 HIS A CB  1 
ATOM   225 C CG  . HIS A 1 42  ? 6.898   7.886   7.827   1.00 19.17 ? 189 HIS A CG  1 
ATOM   226 N ND1 . HIS A 1 42  ? 8.210   8.286   7.687   1.00 20.01 ? 189 HIS A ND1 1 
ATOM   227 C CD2 . HIS A 1 42  ? 6.228   8.418   6.776   1.00 20.12 ? 189 HIS A CD2 1 
ATOM   228 C CE1 . HIS A 1 42  ? 8.328   9.027   6.600   1.00 19.33 ? 189 HIS A CE1 1 
ATOM   229 N NE2 . HIS A 1 42  ? 7.140   9.121   6.029   1.00 20.74 ? 189 HIS A NE2 1 
ATOM   230 N N   . ARG A 1 43  ? 7.203   4.063   10.521  1.00 12.88 ? 190 ARG A N   1 
ATOM   231 C CA  . ARG A 1 43  ? 6.908   3.203   11.660  1.00 14.42 ? 190 ARG A CA  1 
ATOM   232 C C   . ARG A 1 43  ? 5.926   2.151   11.150  1.00 14.18 ? 190 ARG A C   1 
ATOM   233 O O   . ARG A 1 43  ? 6.201   1.488   10.153  1.00 13.18 ? 190 ARG A O   1 
ATOM   234 C CB  . ARG A 1 43  ? 6.293   4.020   12.798  1.00 18.38 ? 190 ARG A CB  1 
ATOM   235 C CG  . ARG A 1 43  ? 7.095   5.265   13.146  1.00 23.50 ? 190 ARG A CG  1 
ATOM   236 C CD  . ARG A 1 43  ? 6.534   5.979   14.366  1.00 28.46 ? 190 ARG A CD  1 
ATOM   237 N NE  . ARG A 1 43  ? 7.108   7.313   14.533  1.00 32.51 ? 190 ARG A NE  1 
ATOM   238 C CZ  . ARG A 1 43  ? 8.408   7.568   14.666  1.00 35.00 ? 190 ARG A CZ  1 
ATOM   239 N NH1 . ARG A 1 43  ? 9.292   6.577   14.652  1.00 36.26 ? 190 ARG A NH1 1 
ATOM   240 N NH2 . ARG A 1 43  ? 8.827   8.820   14.808  1.00 35.92 ? 190 ARG A NH2 1 
ATOM   241 N N   . ASN A 1 44  ? 4.784   1.980   11.810  1.00 12.35 ? 191 ASN A N   1 
ATOM   242 C CA  . ASN A 1 44  ? 3.831   0.991   11.321  1.00 13.46 ? 191 ASN A CA  1 
ATOM   243 C C   . ASN A 1 44  ? 2.592   1.623   10.715  1.00 12.53 ? 191 ASN A C   1 
ATOM   244 O O   . ASN A 1 44  ? 1.567   0.967   10.550  1.00 12.99 ? 191 ASN A O   1 
ATOM   245 C CB  . ASN A 1 44  ? 3.433   0.016   12.433  1.00 13.81 ? 191 ASN A CB  1 
ATOM   246 C CG  . ASN A 1 44  ? 4.559   -0.925  12.799  1.00 17.75 ? 191 ASN A CG  1 
ATOM   247 O OD1 . ASN A 1 44  ? 5.228   -1.474  11.921  1.00 18.24 ? 191 ASN A OD1 1 
ATOM   248 N ND2 . ASN A 1 44  ? 4.773   -1.128  14.095  1.00 17.79 ? 191 ASN A ND2 1 
ATOM   249 N N   . GLU A 1 45  ? 2.695   2.900   10.370  1.00 13.20 ? 192 GLU A N   1 
ATOM   250 C CA  . GLU A 1 45  ? 1.570   3.602   9.785   1.00 13.11 ? 192 GLU A CA  1 
ATOM   251 C C   . GLU A 1 45  ? 1.698   3.740   8.279   1.00 12.21 ? 192 GLU A C   1 
ATOM   252 O O   . GLU A 1 45  ? 2.659   4.328   7.777   1.00 11.88 ? 192 GLU A O   1 
ATOM   253 C CB  . GLU A 1 45  ? 1.424   4.997   10.391  1.00 15.89 ? 192 GLU A CB  1 
ATOM   254 C CG  . GLU A 1 45  ? 1.092   5.010   11.869  1.00 22.64 ? 192 GLU A CG  1 
ATOM   255 C CD  . GLU A 1 45  ? 0.435   6.308   12.293  1.00 25.07 ? 192 GLU A CD  1 
ATOM   256 O OE1 . GLU A 1 45  ? 0.939   7.383   11.901  1.00 27.37 ? 192 GLU A OE1 1 
ATOM   257 O OE2 . GLU A 1 45  ? -0.581  6.250   13.021  1.00 26.11 ? 192 GLU A OE2 1 
ATOM   258 N N   . LEU A 1 46  ? 0.729   3.181   7.568   1.00 11.35 ? 193 LEU A N   1 
ATOM   259 C CA  . LEU A 1 46  ? 0.700   3.280   6.113   1.00 11.13 ? 193 LEU A CA  1 
ATOM   260 C C   . LEU A 1 46  ? -0.456  4.220   5.812   1.00 10.45 ? 193 LEU A C   1 
ATOM   261 O O   . LEU A 1 46  ? -1.618  3.877   6.017   1.00 11.33 ? 193 LEU A O   1 
ATOM   262 C CB  . LEU A 1 46  ? 0.445   1.916   5.464   1.00 11.16 ? 193 LEU A CB  1 
ATOM   263 C CG  . LEU A 1 46  ? 0.433   1.946   3.927   1.00 10.59 ? 193 LEU A CG  1 
ATOM   264 C CD1 . LEU A 1 46  ? 1.807   2.327   3.419   1.00 8.27  ? 193 LEU A CD1 1 
ATOM   265 C CD2 . LEU A 1 46  ? 0.026   0.589   3.383   1.00 12.48 ? 193 LEU A CD2 1 
ATOM   266 N N   . LYS A 1 47  ? -0.131  5.417   5.343   1.00 10.10 ? 194 LYS A N   1 
ATOM   267 C CA  . LYS A 1 47  ? -1.153  6.400   5.022   1.00 8.79  ? 194 LYS A CA  1 
ATOM   268 C C   . LYS A 1 47  ? -1.223  6.617   3.521   1.00 9.29  ? 194 LYS A C   1 
ATOM   269 O O   . LYS A 1 47  ? -0.255  6.369   2.812   1.00 7.26  ? 194 LYS A O   1 
ATOM   270 C CB  . LYS A 1 47  ? -0.811  7.744   5.662   1.00 10.08 ? 194 LYS A CB  1 
ATOM   271 C CG  . LYS A 1 47  ? -0.667  7.731   7.171   1.00 9.55  ? 194 LYS A CG  1 
ATOM   272 C CD  . LYS A 1 47  ? -0.155  9.077   7.662   1.00 12.50 ? 194 LYS A CD  1 
ATOM   273 C CE  . LYS A 1 47  ? -0.034  9.122   9.180   1.00 14.62 ? 194 LYS A CE  1 
ATOM   274 N NZ  . LYS A 1 47  ? 0.490   10.449  9.627   1.00 15.36 ? 194 LYS A NZ  1 
ATOM   275 N N   . TYR A 1 48  ? -2.381  7.035   3.031   1.00 9.44  ? 195 TYR A N   1 
ATOM   276 C CA  . TYR A 1 48  ? -2.473  7.384   1.627   1.00 10.26 ? 195 TYR A CA  1 
ATOM   277 C C   . TYR A 1 48  ? -3.257  8.679   1.541   1.00 11.18 ? 195 TYR A C   1 
ATOM   278 O O   . TYR A 1 48  ? -4.208  8.909   2.294   1.00 11.05 ? 195 TYR A O   1 
ATOM   279 C CB  . TYR A 1 48  ? -3.051  6.260   0.753   1.00 8.44  ? 195 TYR A CB  1 
ATOM   280 C CG  . TYR A 1 48  ? -4.445  5.770   1.027   1.00 9.00  ? 195 TYR A CG  1 
ATOM   281 C CD1 . TYR A 1 48  ? -5.561  6.422   0.499   1.00 8.78  ? 195 TYR A CD1 1 
ATOM   282 C CD2 . TYR A 1 48  ? -4.644  4.594   1.740   1.00 8.62  ? 195 TYR A CD2 1 
ATOM   283 C CE1 . TYR A 1 48  ? -6.844  5.899   0.673   1.00 9.24  ? 195 TYR A CE1 1 
ATOM   284 C CE2 . TYR A 1 48  ? -5.905  4.065   1.917   1.00 9.96  ? 195 TYR A CE2 1 
ATOM   285 C CZ  . TYR A 1 48  ? -7.001  4.712   1.388   1.00 9.40  ? 195 TYR A CZ  1 
ATOM   286 O OH  . TYR A 1 48  ? -8.237  4.143   1.568   1.00 10.87 ? 195 TYR A OH  1 
ATOM   287 N N   . PHE A 1 49  ? -2.796  9.542   0.648   1.00 10.18 ? 196 PHE A N   1 
ATOM   288 C CA  . PHE A 1 49  ? -3.357  10.868  0.440   1.00 11.18 ? 196 PHE A CA  1 
ATOM   289 C C   . PHE A 1 49  ? -3.829  11.008  -1.004  1.00 11.96 ? 196 PHE A C   1 
ATOM   290 O O   . PHE A 1 49  ? -3.457  10.207  -1.857  1.00 10.44 ? 196 PHE A O   1 
ATOM   291 C CB  . PHE A 1 49  ? -2.278  11.926  0.687   1.00 10.02 ? 196 PHE A CB  1 
ATOM   292 C CG  . PHE A 1 49  ? -1.622  11.850  2.046   1.00 10.72 ? 196 PHE A CG  1 
ATOM   293 C CD1 . PHE A 1 49  ? -0.781  10.790  2.378   1.00 9.72  ? 196 PHE A CD1 1 
ATOM   294 C CD2 . PHE A 1 49  ? -1.806  12.869  2.972   1.00 11.15 ? 196 PHE A CD2 1 
ATOM   295 C CE1 . PHE A 1 49  ? -0.128  10.749  3.614   1.00 10.66 ? 196 PHE A CE1 1 
ATOM   296 C CE2 . PHE A 1 49  ? -1.159  12.841  4.214   1.00 11.53 ? 196 PHE A CE2 1 
ATOM   297 C CZ  . PHE A 1 49  ? -0.318  11.780  4.533   1.00 11.97 ? 196 PHE A CZ  1 
ATOM   298 N N   . LYS A 1 50  ? -4.639  12.027  -1.274  1.00 11.51 ? 197 LYS A N   1 
ATOM   299 C CA  . LYS A 1 50  ? -5.115  12.263  -2.634  1.00 14.09 ? 197 LYS A CA  1 
ATOM   300 C C   . LYS A 1 50  ? -3.884  12.409  -3.518  1.00 13.04 ? 197 LYS A C   1 
ATOM   301 O O   . LYS A 1 50  ? -3.810  11.828  -4.603  1.00 13.47 ? 197 LYS A O   1 
ATOM   302 C CB  . LYS A 1 50  ? -5.953  13.543  -2.710  1.00 15.07 ? 197 LYS A CB  1 
ATOM   303 C CG  . LYS A 1 50  ? -7.312  13.439  -2.047  1.00 21.27 ? 197 LYS A CG  1 
ATOM   304 C CD  . LYS A 1 50  ? -8.151  12.329  -2.664  1.00 24.77 ? 197 LYS A CD  1 
ATOM   305 C CE  . LYS A 1 50  ? -9.532  12.273  -2.025  1.00 26.45 ? 197 LYS A CE  1 
ATOM   306 N NZ  . LYS A 1 50  ? -10.319 11.085  -2.452  1.00 26.10 ? 197 LYS A NZ  1 
ATOM   307 N N   . ASP A 1 51  ? -2.921  13.197  -3.051  1.00 12.77 ? 198 ASP A N   1 
ATOM   308 C CA  . ASP A 1 51  ? -1.677  13.386  -3.786  1.00 13.51 ? 198 ASP A CA  1 
ATOM   309 C C   . ASP A 1 51  ? -0.531  13.754  -2.853  1.00 13.94 ? 198 ASP A C   1 
ATOM   310 O O   . ASP A 1 51  ? -0.728  13.935  -1.647  1.00 13.41 ? 198 ASP A O   1 
ATOM   311 C CB  . ASP A 1 51  ? -1.839  14.436  -4.895  1.00 16.01 ? 198 ASP A CB  1 
ATOM   312 C CG  . ASP A 1 51  ? -2.195  15.799  -4.362  1.00 17.17 ? 198 ASP A CG  1 
ATOM   313 O OD1 . ASP A 1 51  ? -1.381  16.377  -3.615  1.00 18.84 ? 198 ASP A OD1 1 
ATOM   314 O OD2 . ASP A 1 51  ? -3.290  16.291  -4.696  1.00 23.37 ? 198 ASP A OD2 1 
ATOM   315 N N   . GLN A 1 52  ? 0.670   13.850  -3.414  1.00 12.31 ? 199 GLN A N   1 
ATOM   316 C CA  . GLN A 1 52  ? 1.862   14.140  -2.628  1.00 13.46 ? 199 GLN A CA  1 
ATOM   317 C C   . GLN A 1 52  ? 1.792   15.376  -1.743  1.00 15.23 ? 199 GLN A C   1 
ATOM   318 O O   . GLN A 1 52  ? 2.369   15.389  -0.655  1.00 15.55 ? 199 GLN A O   1 
ATOM   319 C CB  . GLN A 1 52  ? 3.079   14.247  -3.552  1.00 13.41 ? 199 GLN A CB  1 
ATOM   320 C CG  . GLN A 1 52  ? 4.410   14.399  -2.831  1.00 15.16 ? 199 GLN A CG  1 
ATOM   321 C CD  . GLN A 1 52  ? 5.587   14.354  -3.789  1.00 16.21 ? 199 GLN A CD  1 
ATOM   322 O OE1 . GLN A 1 52  ? 5.409   14.156  -4.990  1.00 18.19 ? 199 GLN A OE1 1 
ATOM   323 N NE2 . GLN A 1 52  ? 6.797   14.531  -3.262  1.00 15.91 ? 199 GLN A NE2 1 
ATOM   324 N N   . MET A 1 53  ? 1.089   16.406  -2.192  1.00 15.96 ? 200 MET A N   1 
ATOM   325 C CA  . MET A 1 53  ? 1.008   17.632  -1.414  1.00 19.03 ? 200 MET A CA  1 
ATOM   326 C C   . MET A 1 53  ? -0.257  17.761  -0.572  1.00 18.92 ? 200 MET A C   1 
ATOM   327 O O   . MET A 1 53  ? -0.545  18.833  -0.039  1.00 18.39 ? 200 MET A O   1 
ATOM   328 C CB  . MET A 1 53  ? 1.154   18.842  -2.340  1.00 23.33 ? 200 MET A CB  1 
ATOM   329 C CG  . MET A 1 53  ? 2.486   18.878  -3.077  1.00 27.47 ? 200 MET A CG  1 
ATOM   330 S SD  . MET A 1 53  ? 3.888   18.697  -1.953  1.00 35.57 ? 200 MET A SD  1 
ATOM   331 C CE  . MET A 1 53  ? 3.953   20.352  -1.238  1.00 33.19 ? 200 MET A CE  1 
ATOM   332 N N   . SER A 1 54  ? -1.004  16.670  -0.446  1.00 17.53 ? 201 SER A N   1 
ATOM   333 C CA  . SER A 1 54  ? -2.226  16.681  0.354   1.00 17.69 ? 201 SER A CA  1 
ATOM   334 C C   . SER A 1 54  ? -1.824  16.857  1.815   1.00 16.80 ? 201 SER A C   1 
ATOM   335 O O   . SER A 1 54  ? -0.992  16.108  2.334   1.00 16.15 ? 201 SER A O   1 
ATOM   336 C CB  . SER A 1 54  ? -2.996  15.370  0.179   1.00 16.95 ? 201 SER A CB  1 
ATOM   337 O OG  . SER A 1 54  ? -3.509  15.256  -1.136  1.00 17.45 ? 201 SER A OG  1 
ATOM   338 N N   . PRO A 1 55  ? -2.408  17.856  2.495   1.00 16.16 ? 202 PRO A N   1 
ATOM   339 C CA  . PRO A 1 55  ? -2.087  18.113  3.902   1.00 16.43 ? 202 PRO A CA  1 
ATOM   340 C C   . PRO A 1 55  ? -2.481  16.972  4.828   1.00 14.76 ? 202 PRO A C   1 
ATOM   341 O O   . PRO A 1 55  ? -1.733  16.613  5.739   1.00 16.66 ? 202 PRO A O   1 
ATOM   342 C CB  . PRO A 1 55  ? -2.878  19.387  4.214   1.00 16.56 ? 202 PRO A CB  1 
ATOM   343 C CG  . PRO A 1 55  ? -3.029  20.049  2.879   1.00 18.73 ? 202 PRO A CG  1 
ATOM   344 C CD  . PRO A 1 55  ? -3.326  18.881  1.974   1.00 17.09 ? 202 PRO A CD  1 
ATOM   345 N N   . GLU A 1 56  ? -3.661  16.409  4.595   1.00 14.47 ? 203 GLU A N   1 
ATOM   346 C CA  . GLU A 1 56  ? -4.159  15.331  5.437   1.00 14.87 ? 203 GLU A CA  1 
ATOM   347 C C   . GLU A 1 56  ? -4.435  14.058  4.654   1.00 14.01 ? 203 GLU A C   1 
ATOM   348 O O   . GLU A 1 56  ? -4.860  14.107  3.497   1.00 14.22 ? 203 GLU A O   1 
ATOM   349 C CB  . GLU A 1 56  ? -5.439  15.775  6.144   1.00 16.70 ? 203 GLU A CB  1 
ATOM   350 C CG  . GLU A 1 56  ? -5.264  16.981  7.059   1.00 20.83 ? 203 GLU A CG  1 
ATOM   351 C CD  . GLU A 1 56  ? -4.291  16.721  8.198   1.00 24.89 ? 203 GLU A CD  1 
ATOM   352 O OE1 . GLU A 1 56  ? -4.307  15.605  8.756   1.00 25.89 ? 203 GLU A OE1 1 
ATOM   353 O OE2 . GLU A 1 56  ? -3.517  17.640  8.545   1.00 26.50 ? 203 GLU A OE2 1 
ATOM   354 N N   . PRO A 1 57  ? -4.209  12.896  5.283   1.00 13.36 ? 204 PRO A N   1 
ATOM   355 C CA  . PRO A 1 57  ? -4.439  11.608  4.626   1.00 13.09 ? 204 PRO A CA  1 
ATOM   356 C C   . PRO A 1 57  ? -5.908  11.234  4.514   1.00 13.86 ? 204 PRO A C   1 
ATOM   357 O O   . PRO A 1 57  ? -6.752  11.721  5.269   1.00 13.69 ? 204 PRO A O   1 
ATOM   358 C CB  . PRO A 1 57  ? -3.668  10.633  5.511   1.00 13.67 ? 204 PRO A CB  1 
ATOM   359 C CG  . PRO A 1 57  ? -3.852  11.231  6.877   1.00 13.16 ? 204 PRO A CG  1 
ATOM   360 C CD  . PRO A 1 57  ? -3.603  12.706  6.614   1.00 13.63 ? 204 PRO A CD  1 
ATOM   361 N N   . ILE A 1 58  ? -6.208  10.373  3.550   1.00 12.25 ? 205 ILE A N   1 
ATOM   362 C CA  . ILE A 1 58  ? -7.568  9.895   3.353   1.00 13.32 ? 205 ILE A CA  1 
ATOM   363 C C   . ILE A 1 58  ? -7.785  8.836   4.418   1.00 13.61 ? 205 ILE A C   1 
ATOM   364 O O   . ILE A 1 58  ? -8.858  8.731   5.012   1.00 12.37 ? 205 ILE A O   1 
ATOM   365 C CB  . ILE A 1 58  ? -7.728  9.234   1.974   1.00 13.61 ? 205 ILE A CB  1 
ATOM   366 C CG1 . ILE A 1 58  ? -7.676  10.302  0.881   1.00 14.39 ? 205 ILE A CG1 1 
ATOM   367 C CG2 . ILE A 1 58  ? -9.030  8.456   1.911   1.00 12.33 ? 205 ILE A CG2 1 
ATOM   368 C CD1 . ILE A 1 58  ? -7.575  9.723   -0.515  1.00 11.76 ? 205 ILE A CD1 1 
ATOM   369 N N   . ARG A 1 59  ? -6.738  8.058   4.664   1.00 13.45 ? 206 ARG A N   1 
ATOM   370 C CA  . ARG A 1 59  ? -6.815  6.991   5.641   1.00 14.64 ? 206 ARG A CA  1 
ATOM   371 C C   . ARG A 1 59  ? -5.456  6.680   6.241   1.00 14.46 ? 206 ARG A C   1 
ATOM   372 O O   . ARG A 1 59  ? -4.423  6.836   5.591   1.00 12.32 ? 206 ARG A O   1 
ATOM   373 C CB  . ARG A 1 59  ? -7.396  5.741   4.973   1.00 17.83 ? 206 ARG A CB  1 
ATOM   374 C CG  . ARG A 1 59  ? -7.852  4.660   5.932   1.00 22.17 ? 206 ARG A CG  1 
ATOM   375 C CD  . ARG A 1 59  ? -8.821  3.718   5.245   1.00 25.20 ? 206 ARG A CD  1 
ATOM   376 N NE  . ARG A 1 59  ? -9.398  2.756   6.177   1.00 28.04 ? 206 ARG A NE  1 
ATOM   377 C CZ  . ARG A 1 59  ? -10.429 1.968   5.892   1.00 27.93 ? 206 ARG A CZ  1 
ATOM   378 N NH1 . ARG A 1 59  ? -11.005 2.030   4.700   1.00 29.34 ? 206 ARG A NH1 1 
ATOM   379 N NH2 . ARG A 1 59  ? -10.878 1.111   6.802   1.00 32.26 ? 206 ARG A NH2 1 
ATOM   380 N N   . ILE A 1 60  ? -5.467  6.263   7.503   1.00 12.78 ? 207 ILE A N   1 
ATOM   381 C CA  . ILE A 1 60  ? -4.245  5.892   8.195   1.00 12.73 ? 207 ILE A CA  1 
ATOM   382 C C   . ILE A 1 60  ? -4.400  4.417   8.539   1.00 14.44 ? 207 ILE A C   1 
ATOM   383 O O   . ILE A 1 60  ? -5.288  4.037   9.306   1.00 13.30 ? 207 ILE A O   1 
ATOM   384 C CB  . ILE A 1 60  ? -4.053  6.704   9.490   1.00 14.07 ? 207 ILE A CB  1 
ATOM   385 C CG1 . ILE A 1 60  ? -3.986  8.197   9.163   1.00 13.88 ? 207 ILE A CG1 1 
ATOM   386 C CG2 . ILE A 1 60  ? -2.777  6.258   10.198  1.00 14.08 ? 207 ILE A CG2 1 
ATOM   387 C CD1 . ILE A 1 60  ? -3.823  9.093   10.380  1.00 14.23 ? 207 ILE A CD1 1 
ATOM   388 N N   . LEU A 1 61  ? -3.552  3.584   7.951   1.00 12.19 ? 208 LEU A N   1 
ATOM   389 C CA  . LEU A 1 61  ? -3.615  2.156   8.203   1.00 13.25 ? 208 LEU A CA  1 
ATOM   390 C C   . LEU A 1 61  ? -2.509  1.765   9.164   1.00 12.96 ? 208 LEU A C   1 
ATOM   391 O O   . LEU A 1 61  ? -1.385  2.250   9.060   1.00 14.91 ? 208 LEU A O   1 
ATOM   392 C CB  . LEU A 1 61  ? -3.470  1.385   6.890   1.00 14.60 ? 208 LEU A CB  1 
ATOM   393 C CG  . LEU A 1 61  ? -4.559  1.651   5.846   1.00 15.03 ? 208 LEU A CG  1 
ATOM   394 C CD1 . LEU A 1 61  ? -4.222  0.926   4.556   1.00 13.96 ? 208 LEU A CD1 1 
ATOM   395 C CD2 . LEU A 1 61  ? -5.902  1.186   6.380   1.00 13.87 ? 208 LEU A CD2 1 
ATOM   396 N N   . ASP A 1 62  ? -2.836  0.902   10.115  1.00 13.26 ? 209 ASP A N   1 
ATOM   397 C CA  . ASP A 1 62  ? -1.854  0.453   11.086  1.00 14.12 ? 209 ASP A CA  1 
ATOM   398 C C   . ASP A 1 62  ? -1.477  -0.973  10.715  1.00 11.81 ? 209 ASP A C   1 
ATOM   399 O O   . ASP A 1 62  ? -2.307  -1.876  10.753  1.00 10.90 ? 209 ASP A O   1 
ATOM   400 C CB  . ASP A 1 62  ? -2.443  0.511   12.497  1.00 17.90 ? 209 ASP A CB  1 
ATOM   401 C CG  . ASP A 1 62  ? -1.405  0.265   13.569  1.00 20.91 ? 209 ASP A CG  1 
ATOM   402 O OD1 . ASP A 1 62  ? -1.442  0.969   14.601  1.00 25.33 ? 209 ASP A OD1 1 
ATOM   403 O OD2 . ASP A 1 62  ? -0.554  -0.631  13.385  1.00 20.92 ? 209 ASP A OD2 1 
ATOM   404 N N   . LEU A 1 63  ? -0.216  -1.174  10.347  1.00 12.27 ? 210 LEU A N   1 
ATOM   405 C CA  . LEU A 1 63  ? 0.240   -2.492  9.932   1.00 10.25 ? 210 LEU A CA  1 
ATOM   406 C C   . LEU A 1 63  ? 0.174   -3.552  11.024  1.00 10.99 ? 210 LEU A C   1 
ATOM   407 O O   . LEU A 1 63  ? 0.307   -4.737  10.737  1.00 10.43 ? 210 LEU A O   1 
ATOM   408 C CB  . LEU A 1 63  ? 1.658   -2.404  9.359   1.00 10.05 ? 210 LEU A CB  1 
ATOM   409 C CG  . LEU A 1 63  ? 1.742   -1.529  8.103   1.00 10.16 ? 210 LEU A CG  1 
ATOM   410 C CD1 . LEU A 1 63  ? 3.174   -1.495  7.598   1.00 10.44 ? 210 LEU A CD1 1 
ATOM   411 C CD2 . LEU A 1 63  ? 0.806   -2.069  7.032   1.00 9.82  ? 210 LEU A CD2 1 
ATOM   412 N N   . THR A 1 64  ? -0.036  -3.148  12.274  1.00 12.21 ? 211 THR A N   1 
ATOM   413 C CA  . THR A 1 64  ? -0.141  -4.152  13.327  1.00 13.18 ? 211 THR A CA  1 
ATOM   414 C C   . THR A 1 64  ? -1.441  -4.934  13.106  1.00 13.37 ? 211 THR A C   1 
ATOM   415 O O   . THR A 1 64  ? -1.611  -6.039  13.624  1.00 14.61 ? 211 THR A O   1 
ATOM   416 C CB  . THR A 1 64  ? -0.137  -3.511  14.739  1.00 13.95 ? 211 THR A CB  1 
ATOM   417 O OG1 . THR A 1 64  ? -1.303  -2.700  14.908  1.00 14.39 ? 211 THR A OG1 1 
ATOM   418 C CG2 . THR A 1 64  ? 1.096   -2.641  14.918  1.00 14.17 ? 211 THR A CG2 1 
ATOM   419 N N   . GLU A 1 65  ? -2.352  -4.364  12.318  1.00 12.07 ? 212 GLU A N   1 
ATOM   420 C CA  . GLU A 1 65  ? -3.628  -5.014  12.018  1.00 11.50 ? 212 GLU A CA  1 
ATOM   421 C C   . GLU A 1 65  ? -3.581  -5.788  10.703  1.00 11.63 ? 212 GLU A C   1 
ATOM   422 O O   . GLU A 1 65  ? -4.526  -6.497  10.360  1.00 10.84 ? 212 GLU A O   1 
ATOM   423 C CB  . GLU A 1 65  ? -4.760  -3.983  11.932  1.00 13.61 ? 212 GLU A CB  1 
ATOM   424 C CG  . GLU A 1 65  ? -4.927  -3.109  13.160  1.00 13.78 ? 212 GLU A CG  1 
ATOM   425 C CD  . GLU A 1 65  ? -6.199  -2.277  13.098  1.00 16.90 ? 212 GLU A CD  1 
ATOM   426 O OE1 . GLU A 1 65  ? -7.184  -2.651  13.765  1.00 15.03 ? 212 GLU A OE1 1 
ATOM   427 O OE2 . GLU A 1 65  ? -6.216  -1.259  12.371  1.00 17.03 ? 212 GLU A OE2 1 
ATOM   428 N N   . CYS A 1 66  ? -2.483  -5.638  9.969   1.00 10.82 ? 213 CYS A N   1 
ATOM   429 C CA  . CYS A 1 66  ? -2.306  -6.310  8.681   1.00 10.96 ? 213 CYS A CA  1 
ATOM   430 C C   . CYS A 1 66  ? -1.782  -7.736  8.877   1.00 10.87 ? 213 CYS A C   1 
ATOM   431 O O   . CYS A 1 66  ? -0.732  -7.940  9.489   1.00 11.57 ? 213 CYS A O   1 
ATOM   432 C CB  . CYS A 1 66  ? -1.332  -5.506  7.821   1.00 11.09 ? 213 CYS A CB  1 
ATOM   433 S SG  . CYS A 1 66  ? -1.028  -6.200  6.180   1.00 11.34 ? 213 CYS A SG  1 
ATOM   434 N N   . SER A 1 67  ? -2.510  -8.714  8.345   1.00 10.62 ? 214 SER A N   1 
ATOM   435 C CA  . SER A 1 67  ? -2.136  -10.121 8.483   1.00 13.04 ? 214 SER A CA  1 
ATOM   436 C C   . SER A 1 67  ? -1.234  -10.641 7.374   1.00 13.87 ? 214 SER A C   1 
ATOM   437 O O   . SER A 1 67  ? -0.580  -11.676 7.528   1.00 14.56 ? 214 SER A O   1 
ATOM   438 C CB  . SER A 1 67  ? -3.388  -10.995 8.527   1.00 13.36 ? 214 SER A CB  1 
ATOM   439 O OG  . SER A 1 67  ? -4.109  -10.913 7.311   1.00 13.62 ? 214 SER A OG  1 
ATOM   440 N N   . ALA A 1 68  ? -1.200  -9.940  6.250   1.00 12.99 ? 215 ALA A N   1 
ATOM   441 C CA  . ALA A 1 68  ? -0.371  -10.400 5.152   1.00 12.71 ? 215 ALA A CA  1 
ATOM   442 C C   . ALA A 1 68  ? -0.323  -9.437  3.985   1.00 12.93 ? 215 ALA A C   1 
ATOM   443 O O   . ALA A 1 68  ? -1.224  -8.627  3.788   1.00 10.22 ? 215 ALA A O   1 
ATOM   444 C CB  . ALA A 1 68  ? -0.877  -11.749 4.662   1.00 13.99 ? 215 ALA A CB  1 
ATOM   445 N N   . VAL A 1 69  ? 0.758   -9.539  3.224   1.00 12.47 ? 216 VAL A N   1 
ATOM   446 C CA  . VAL A 1 69  ? 0.943   -8.738  2.025   1.00 13.59 ? 216 VAL A CA  1 
ATOM   447 C C   . VAL A 1 69  ? 1.340   -9.787  0.993   1.00 15.16 ? 216 VAL A C   1 
ATOM   448 O O   . VAL A 1 69  ? 2.275   -10.570 1.198   1.00 13.70 ? 216 VAL A O   1 
ATOM   449 C CB  . VAL A 1 69  ? 2.050   -7.673  2.195   1.00 15.25 ? 216 VAL A CB  1 
ATOM   450 C CG1 . VAL A 1 69  ? 1.661   -6.694  3.293   1.00 14.40 ? 216 VAL A CG1 1 
ATOM   451 C CG2 . VAL A 1 69  ? 3.360   -8.323  2.538   1.00 16.30 ? 216 VAL A CG2 1 
ATOM   452 N N   . GLN A 1 70  ? 0.604   -9.827  -0.104  1.00 13.89 ? 217 GLN A N   1 
ATOM   453 C CA  . GLN A 1 70  ? 0.866   -10.822 -1.125  1.00 15.87 ? 217 GLN A CA  1 
ATOM   454 C C   . GLN A 1 70  ? 0.731   -10.255 -2.521  1.00 15.21 ? 217 GLN A C   1 
ATOM   455 O O   . GLN A 1 70  ? 0.070   -9.236  -2.733  1.00 11.30 ? 217 GLN A O   1 
ATOM   456 C CB  . GLN A 1 70  ? -0.105  -11.989 -0.944  1.00 19.55 ? 217 GLN A CB  1 
ATOM   457 C CG  . GLN A 1 70  ? -1.489  -11.550 -0.497  1.00 26.67 ? 217 GLN A CG  1 
ATOM   458 C CD  . GLN A 1 70  ? -2.416  -12.708 -0.178  1.00 29.96 ? 217 GLN A CD  1 
ATOM   459 O OE1 . GLN A 1 70  ? -2.903  -13.400 -1.075  1.00 34.31 ? 217 GLN A OE1 1 
ATOM   460 N NE2 . GLN A 1 70  ? -2.663  -12.927 1.108   1.00 32.23 ? 217 GLN A NE2 1 
ATOM   461 N N   . PHE A 1 71  ? 1.374   -10.913 -3.477  1.00 14.88 ? 218 PHE A N   1 
ATOM   462 C CA  . PHE A 1 71  ? 1.284   -10.459 -4.848  1.00 15.69 ? 218 PHE A CA  1 
ATOM   463 C C   . PHE A 1 71  ? -0.122  -10.788 -5.299  1.00 13.86 ? 218 PHE A C   1 
ATOM   464 O O   . PHE A 1 71  ? -0.753  -11.716 -4.782  1.00 14.33 ? 218 PHE A O   1 
ATOM   465 C CB  . PHE A 1 71  ? 2.306   -11.175 -5.732  1.00 18.49 ? 218 PHE A CB  1 
ATOM   466 C CG  . PHE A 1 71  ? 3.706   -11.120 -5.195  1.00 22.00 ? 218 PHE A CG  1 
ATOM   467 C CD1 . PHE A 1 71  ? 4.186   -12.127 -4.366  1.00 25.20 ? 218 PHE A CD1 1 
ATOM   468 C CD2 . PHE A 1 71  ? 4.532   -10.047 -5.489  1.00 24.71 ? 218 PHE A CD2 1 
ATOM   469 C CE1 . PHE A 1 71  ? 5.474   -12.064 -3.835  1.00 26.31 ? 218 PHE A CE1 1 
ATOM   470 C CE2 . PHE A 1 71  ? 5.824   -9.974  -4.962  1.00 25.66 ? 218 PHE A CE2 1 
ATOM   471 C CZ  . PHE A 1 71  ? 6.292   -10.982 -4.135  1.00 25.94 ? 218 PHE A CZ  1 
ATOM   472 N N   . ASP A 1 72  ? -0.614  -10.013 -6.255  1.00 12.47 ? 219 ASP A N   1 
ATOM   473 C CA  . ASP A 1 72  ? -1.950  -10.203 -6.786  1.00 13.44 ? 219 ASP A CA  1 
ATOM   474 C C   . ASP A 1 72  ? -1.849  -10.271 -8.308  1.00 12.45 ? 219 ASP A C   1 
ATOM   475 O O   . ASP A 1 72  ? -1.449  -9.303  -8.951  1.00 12.99 ? 219 ASP A O   1 
ATOM   476 C CB  . ASP A 1 72  ? -2.837  -9.030  -6.378  1.00 14.95 ? 219 ASP A CB  1 
ATOM   477 C CG  . ASP A 1 72  ? -4.290  -9.254  -6.724  1.00 16.31 ? 219 ASP A CG  1 
ATOM   478 O OD1 . ASP A 1 72  ? -4.568  -10.045 -7.648  1.00 16.50 ? 219 ASP A OD1 1 
ATOM   479 O OD2 . ASP A 1 72  ? -5.156  -8.624  -6.080  1.00 19.31 ? 219 ASP A OD2 1 
ATOM   480 N N   . TYR A 1 73  ? -2.216  -11.414 -8.873  1.00 12.77 ? 220 TYR A N   1 
ATOM   481 C CA  . TYR A 1 73  ? -2.142  -11.616 -10.314 1.00 13.90 ? 220 TYR A CA  1 
ATOM   482 C C   . TYR A 1 73  ? -3.509  -11.642 -10.984 1.00 16.25 ? 220 TYR A C   1 
ATOM   483 O O   . TYR A 1 73  ? -3.631  -12.043 -12.143 1.00 17.63 ? 220 TYR A O   1 
ATOM   484 C CB  . TYR A 1 73  ? -1.412  -12.929 -10.603 1.00 11.54 ? 220 TYR A CB  1 
ATOM   485 C CG  . TYR A 1 73  ? -0.050  -12.998 -9.964  1.00 10.75 ? 220 TYR A CG  1 
ATOM   486 C CD1 . TYR A 1 73  ? 0.184   -13.804 -8.846  1.00 10.29 ? 220 TYR A CD1 1 
ATOM   487 C CD2 . TYR A 1 73  ? 1.001   -12.223 -10.450 1.00 10.75 ? 220 TYR A CD2 1 
ATOM   488 C CE1 . TYR A 1 73  ? 1.433   -13.829 -8.231  1.00 11.76 ? 220 TYR A CE1 1 
ATOM   489 C CE2 . TYR A 1 73  ? 2.251   -12.240 -9.843  1.00 11.66 ? 220 TYR A CE2 1 
ATOM   490 C CZ  . TYR A 1 73  ? 2.462   -13.042 -8.739  1.00 10.45 ? 220 TYR A CZ  1 
ATOM   491 O OH  . TYR A 1 73  ? 3.699   -13.048 -8.145  1.00 15.29 ? 220 TYR A OH  1 
ATOM   492 N N   . SER A 1 74  ? -4.533  -11.197 -10.267 1.00 17.71 ? 221 SER A N   1 
ATOM   493 C CA  . SER A 1 74  ? -5.889  -11.224 -10.799 1.00 20.07 ? 221 SER A CA  1 
ATOM   494 C C   . SER A 1 74  ? -6.442  -9.874  -11.240 1.00 20.16 ? 221 SER A C   1 
ATOM   495 O O   . SER A 1 74  ? -7.613  -9.782  -11.604 1.00 20.68 ? 221 SER A O   1 
ATOM   496 C CB  . SER A 1 74  ? -6.829  -11.819 -9.752  1.00 21.08 ? 221 SER A CB  1 
ATOM   497 O OG  . SER A 1 74  ? -6.960  -10.932 -8.652  1.00 22.85 ? 221 SER A OG  1 
ATOM   498 N N   . GLN A 1 75  ? -5.612  -8.836  -11.214 1.00 21.21 ? 222 GLN A N   1 
ATOM   499 C CA  . GLN A 1 75  ? -6.059  -7.495  -11.593 1.00 22.19 ? 222 GLN A CA  1 
ATOM   500 C C   . GLN A 1 75  ? -5.861  -7.151  -13.065 1.00 23.80 ? 222 GLN A C   1 
ATOM   501 O O   . GLN A 1 75  ? -5.246  -7.904  -13.820 1.00 23.96 ? 222 GLN A O   1 
ATOM   502 C CB  . GLN A 1 75  ? -5.329  -6.444  -10.755 1.00 21.35 ? 222 GLN A CB  1 
ATOM   503 C CG  . GLN A 1 75  ? -5.484  -6.604  -9.258  1.00 20.23 ? 222 GLN A CG  1 
ATOM   504 C CD  . GLN A 1 75  ? -6.932  -6.707  -8.830  1.00 20.11 ? 222 GLN A CD  1 
ATOM   505 O OE1 . GLN A 1 75  ? -7.818  -6.092  -9.430  1.00 18.17 ? 222 GLN A OE1 1 
ATOM   506 N NE2 . GLN A 1 75  ? -7.181  -7.479  -7.775  1.00 19.87 ? 222 GLN A NE2 1 
ATOM   507 N N   . GLU A 1 76  ? -6.386  -5.995  -13.463 1.00 25.63 ? 223 GLU A N   1 
ATOM   508 C CA  . GLU A 1 76  ? -6.247  -5.523  -14.834 1.00 26.64 ? 223 GLU A CA  1 
ATOM   509 C C   . GLU A 1 76  ? -4.834  -4.992  -15.005 1.00 26.28 ? 223 GLU A C   1 
ATOM   510 O O   . GLU A 1 76  ? -4.278  -5.027  -16.103 1.00 26.86 ? 223 GLU A O   1 
ATOM   511 C CB  . GLU A 1 76  ? -7.252  -4.413  -15.135 1.00 30.04 ? 223 GLU A CB  1 
ATOM   512 C CG  . GLU A 1 76  ? -8.691  -4.890  -15.226 1.00 34.22 ? 223 GLU A CG  1 
ATOM   513 C CD  . GLU A 1 76  ? -9.619  -3.812  -15.740 1.00 37.27 ? 223 GLU A CD  1 
ATOM   514 O OE1 . GLU A 1 76  ? -9.342  -3.269  -16.832 1.00 39.64 ? 223 GLU A OE1 1 
ATOM   515 O OE2 . GLU A 1 76  ? -10.622 -3.508  -15.060 1.00 38.88 ? 223 GLU A OE2 1 
ATOM   516 N N   . ARG A 1 77  ? -4.265  -4.484  -13.914 1.00 23.94 ? 224 ARG A N   1 
ATOM   517 C CA  . ARG A 1 77  ? -2.900  -3.977  -13.947 1.00 22.44 ? 224 ARG A CA  1 
ATOM   518 C C   . ARG A 1 77  ? -1.997  -5.174  -13.708 1.00 21.04 ? 224 ARG A C   1 
ATOM   519 O O   . ARG A 1 77  ? -2.375  -6.120  -13.019 1.00 19.98 ? 224 ARG A O   1 
ATOM   520 C CB  . ARG A 1 77  ? -2.702  -2.889  -12.887 1.00 22.08 ? 224 ARG A CB  1 
ATOM   521 C CG  . ARG A 1 77  ? -3.446  -1.610  -13.253 1.00 22.95 ? 224 ARG A CG  1 
ATOM   522 C CD  . ARG A 1 77  ? -3.372  -0.519  -12.197 1.00 21.24 ? 224 ARG A CD  1 
ATOM   523 N NE  . ARG A 1 77  ? -4.111  0.668   -12.634 1.00 22.18 ? 224 ARG A NE  1 
ATOM   524 C CZ  . ARG A 1 77  ? -5.401  0.668   -12.965 1.00 20.49 ? 224 ARG A CZ  1 
ATOM   525 N NH1 . ARG A 1 77  ? -6.105  -0.454  -12.904 1.00 21.02 ? 224 ARG A NH1 1 
ATOM   526 N NH2 . ARG A 1 77  ? -5.992  1.785   -13.372 1.00 21.57 ? 224 ARG A NH2 1 
ATOM   527 N N   . VAL A 1 78  ? -0.806  -5.134  -14.285 1.00 21.07 ? 225 VAL A N   1 
ATOM   528 C CA  . VAL A 1 78  ? 0.118   -6.247  -14.187 1.00 20.54 ? 225 VAL A CA  1 
ATOM   529 C C   . VAL A 1 78  ? 0.854   -6.430  -12.869 1.00 19.18 ? 225 VAL A C   1 
ATOM   530 O O   . VAL A 1 78  ? 0.966   -7.554  -12.377 1.00 17.78 ? 225 VAL A O   1 
ATOM   531 C CB  . VAL A 1 78  ? 1.163   -6.181  -15.325 1.00 22.40 ? 225 VAL A CB  1 
ATOM   532 C CG1 . VAL A 1 78  ? 0.477   -6.364  -16.673 1.00 24.19 ? 225 VAL A CG1 1 
ATOM   533 C CG2 . VAL A 1 78  ? 1.880   -4.845  -15.294 1.00 25.40 ? 225 VAL A CG2 1 
ATOM   534 N N   . ASN A 1 79  ? 1.342   -5.336  -12.291 1.00 16.26 ? 226 ASN A N   1 
ATOM   535 C CA  . ASN A 1 79  ? 2.104   -5.418  -11.054 1.00 15.50 ? 226 ASN A CA  1 
ATOM   536 C C   . ASN A 1 79  ? 1.309   -4.967  -9.844  1.00 14.63 ? 226 ASN A C   1 
ATOM   537 O O   . ASN A 1 79  ? 1.355   -3.806  -9.445  1.00 15.83 ? 226 ASN A O   1 
ATOM   538 C CB  . ASN A 1 79  ? 3.376   -4.588  -11.183 1.00 16.78 ? 226 ASN A CB  1 
ATOM   539 C CG  . ASN A 1 79  ? 4.163   -4.942  -12.430 1.00 18.76 ? 226 ASN A CG  1 
ATOM   540 O OD1 . ASN A 1 79  ? 4.239   -4.157  -13.374 1.00 19.41 ? 226 ASN A OD1 1 
ATOM   541 N ND2 . ASN A 1 79  ? 4.735   -6.139  -12.445 1.00 18.40 ? 226 ASN A ND2 1 
ATOM   542 N N   . CYS A 1 80  ? 0.590   -5.907  -9.250  1.00 12.97 ? 227 CYS A N   1 
ATOM   543 C CA  . CYS A 1 80  ? -0.229  -5.583  -8.098  1.00 12.47 ? 227 CYS A CA  1 
ATOM   544 C C   . CYS A 1 80  ? 0.051   -6.472  -6.907  1.00 11.62 ? 227 CYS A C   1 
ATOM   545 O O   . CYS A 1 80  ? 0.637   -7.549  -7.024  1.00 11.36 ? 227 CYS A O   1 
ATOM   546 C CB  . CYS A 1 80  ? -1.704  -5.699  -8.465  1.00 12.57 ? 227 CYS A CB  1 
ATOM   547 S SG  . CYS A 1 80  ? -2.171  -4.800  -9.977  1.00 16.19 ? 227 CYS A SG  1 
ATOM   548 N N   . PHE A 1 81  ? -0.373  -5.997  -5.750  1.00 11.06 ? 228 PHE A N   1 
ATOM   549 C CA  . PHE A 1 81  ? -0.216  -6.743  -4.517  1.00 8.13  ? 228 PHE A CA  1 
ATOM   550 C C   . PHE A 1 81  ? -1.348  -6.280  -3.631  1.00 10.30 ? 228 PHE A C   1 
ATOM   551 O O   . PHE A 1 81  ? -2.042  -5.318  -3.951  1.00 10.80 ? 228 PHE A O   1 
ATOM   552 C CB  . PHE A 1 81  ? 1.156   -6.475  -3.867  1.00 9.40  ? 228 PHE A CB  1 
ATOM   553 C CG  . PHE A 1 81  ? 1.447   -5.022  -3.593  1.00 10.48 ? 228 PHE A CG  1 
ATOM   554 C CD1 . PHE A 1 81  ? 1.298   -4.498  -2.314  1.00 8.99  ? 228 PHE A CD1 1 
ATOM   555 C CD2 . PHE A 1 81  ? 1.921   -4.191  -4.603  1.00 9.94  ? 228 PHE A CD2 1 
ATOM   556 C CE1 . PHE A 1 81  ? 1.624   -3.166  -2.040  1.00 10.41 ? 228 PHE A CE1 1 
ATOM   557 C CE2 . PHE A 1 81  ? 2.247   -2.855  -4.341  1.00 10.86 ? 228 PHE A CE2 1 
ATOM   558 C CZ  . PHE A 1 81  ? 2.101   -2.343  -3.058  1.00 9.66  ? 228 PHE A CZ  1 
ATOM   559 N N   . CYS A 1 82  ? -1.561  -6.973  -2.530  1.00 10.74 ? 229 CYS A N   1 
ATOM   560 C CA  . CYS A 1 82  ? -2.633  -6.576  -1.644  1.00 10.56 ? 229 CYS A CA  1 
ATOM   561 C C   . CYS A 1 82  ? -2.184  -6.684  -0.208  1.00 9.97  ? 229 CYS A C   1 
ATOM   562 O O   . CYS A 1 82  ? -1.251  -7.422  0.116   1.00 9.80  ? 229 CYS A O   1 
ATOM   563 C CB  . CYS A 1 82  ? -3.868  -7.443  -1.887  1.00 12.78 ? 229 CYS A CB  1 
ATOM   564 S SG  . CYS A 1 82  ? -3.615  -9.200  -1.607  1.00 17.64 ? 229 CYS A SG  1 
ATOM   565 N N   . LEU A 1 83  ? -2.848  -5.909  0.641   1.00 9.24  ? 230 LEU A N   1 
ATOM   566 C CA  . LEU A 1 83  ? -2.570  -5.882  2.064   1.00 9.34  ? 230 LEU A CA  1 
ATOM   567 C C   . LEU A 1 83  ? -3.859  -6.387  2.681   1.00 9.69  ? 230 LEU A C   1 
ATOM   568 O O   . LEU A 1 83  ? -4.930  -5.824  2.438   1.00 9.31  ? 230 LEU A O   1 
ATOM   569 C CB  . LEU A 1 83  ? -2.293  -4.455  2.520   1.00 10.81 ? 230 LEU A CB  1 
ATOM   570 C CG  . LEU A 1 83  ? -1.305  -3.648  1.673   1.00 17.03 ? 230 LEU A CG  1 
ATOM   571 C CD1 . LEU A 1 83  ? -1.108  -2.283  2.310   1.00 19.33 ? 230 LEU A CD1 1 
ATOM   572 C CD2 . LEU A 1 83  ? 0.018   -4.382  1.557   1.00 19.49 ? 230 LEU A CD2 1 
ATOM   573 N N   . VAL A 1 84  ? -3.759  -7.456  3.457   1.00 8.13  ? 231 VAL A N   1 
ATOM   574 C CA  . VAL A 1 84  ? -4.939  -8.042  4.068   1.00 9.11  ? 231 VAL A CA  1 
ATOM   575 C C   . VAL A 1 84  ? -5.145  -7.577  5.498   1.00 9.00  ? 231 VAL A C   1 
ATOM   576 O O   . VAL A 1 84  ? -4.245  -7.684  6.329   1.00 8.27  ? 231 VAL A O   1 
ATOM   577 C CB  . VAL A 1 84  ? -4.852  -9.584  4.071   1.00 9.39  ? 231 VAL A CB  1 
ATOM   578 C CG1 . VAL A 1 84  ? -6.157  -10.178 4.602   1.00 9.88  ? 231 VAL A CG1 1 
ATOM   579 C CG2 . VAL A 1 84  ? -4.560  -10.093 2.663   1.00 11.28 ? 231 VAL A CG2 1 
ATOM   580 N N   . PHE A 1 85  ? -6.335  -7.039  5.759   1.00 9.40  ? 232 PHE A N   1 
ATOM   581 C CA  . PHE A 1 85  ? -6.729  -6.586  7.087   1.00 10.26 ? 232 PHE A CA  1 
ATOM   582 C C   . PHE A 1 85  ? -8.063  -7.280  7.339   1.00 11.32 ? 232 PHE A C   1 
ATOM   583 O O   . PHE A 1 85  ? -8.778  -7.625  6.399   1.00 11.54 ? 232 PHE A O   1 
ATOM   584 C CB  . PHE A 1 85  ? -6.958  -5.070  7.138   1.00 10.31 ? 232 PHE A CB  1 
ATOM   585 C CG  . PHE A 1 85  ? -5.717  -4.249  6.957   1.00 9.57  ? 232 PHE A CG  1 
ATOM   586 C CD1 . PHE A 1 85  ? -5.218  -3.990  5.685   1.00 8.77  ? 232 PHE A CD1 1 
ATOM   587 C CD2 . PHE A 1 85  ? -5.056  -3.710  8.059   1.00 9.21  ? 232 PHE A CD2 1 
ATOM   588 C CE1 . PHE A 1 85  ? -4.080  -3.203  5.515   1.00 9.51  ? 232 PHE A CE1 1 
ATOM   589 C CE2 . PHE A 1 85  ? -3.918  -2.925  7.901   1.00 9.98  ? 232 PHE A CE2 1 
ATOM   590 C CZ  . PHE A 1 85  ? -3.430  -2.672  6.619   1.00 9.63  ? 232 PHE A CZ  1 
ATOM   591 N N   . PRO A 1 86  ? -8.416  -7.500  8.610   1.00 12.41 ? 233 PRO A N   1 
ATOM   592 C CA  . PRO A 1 86  ? -9.691  -8.163  8.899   1.00 13.58 ? 233 PRO A CA  1 
ATOM   593 C C   . PRO A 1 86  ? -10.894 -7.436  8.303   1.00 13.20 ? 233 PRO A C   1 
ATOM   594 O O   . PRO A 1 86  ? -11.873 -8.061  7.890   1.00 14.27 ? 233 PRO A O   1 
ATOM   595 C CB  . PRO A 1 86  ? -9.736  -8.165  10.422  1.00 13.14 ? 233 PRO A CB  1 
ATOM   596 C CG  . PRO A 1 86  ? -8.292  -8.250  10.802  1.00 14.38 ? 233 PRO A CG  1 
ATOM   597 C CD  . PRO A 1 86  ? -7.640  -7.284  9.843   1.00 12.80 ? 233 PRO A CD  1 
ATOM   598 N N   . PHE A 1 87  ? -10.813 -6.111  8.262   1.00 13.18 ? 234 PHE A N   1 
ATOM   599 C CA  . PHE A 1 87  ? -11.911 -5.292  7.763   1.00 12.50 ? 234 PHE A CA  1 
ATOM   600 C C   . PHE A 1 87  ? -11.904 -5.074  6.262   1.00 14.50 ? 234 PHE A C   1 
ATOM   601 O O   . PHE A 1 87  ? -12.915 -4.677  5.680   1.00 14.34 ? 234 PHE A O   1 
ATOM   602 C CB  . PHE A 1 87  ? -11.900 -3.940  8.481   1.00 13.66 ? 234 PHE A CB  1 
ATOM   603 C CG  . PHE A 1 87  ? -10.567 -3.246  8.452   1.00 13.72 ? 234 PHE A CG  1 
ATOM   604 C CD1 . PHE A 1 87  ? -10.244 -2.367  7.425   1.00 15.12 ? 234 PHE A CD1 1 
ATOM   605 C CD2 . PHE A 1 87  ? -9.630  -3.479  9.454   1.00 13.74 ? 234 PHE A CD2 1 
ATOM   606 C CE1 . PHE A 1 87  ? -9.004  -1.727  7.398   1.00 15.61 ? 234 PHE A CE1 1 
ATOM   607 C CE2 . PHE A 1 87  ? -8.390  -2.848  9.437   1.00 14.15 ? 234 PHE A CE2 1 
ATOM   608 C CZ  . PHE A 1 87  ? -8.076  -1.970  8.407   1.00 14.82 ? 234 PHE A CZ  1 
ATOM   609 N N   . ARG A 1 88  ? -10.767 -5.334  5.631   1.00 13.38 ? 235 ARG A N   1 
ATOM   610 C CA  . ARG A 1 88  ? -10.669 -5.140  4.198   1.00 13.54 ? 235 ARG A CA  1 
ATOM   611 C C   . ARG A 1 88  ? -9.310  -5.521  3.651   1.00 13.21 ? 235 ARG A C   1 
ATOM   612 O O   . ARG A 1 88  ? -8.303  -5.474  4.356   1.00 12.98 ? 235 ARG A O   1 
ATOM   613 C CB  . ARG A 1 88  ? -10.945 -3.678  3.856   1.00 14.75 ? 235 ARG A CB  1 
ATOM   614 C CG  . ARG A 1 88  ? -10.666 -3.307  2.410   1.00 17.75 ? 235 ARG A CG  1 
ATOM   615 C CD  . ARG A 1 88  ? -11.051 -1.870  2.163   1.00 18.24 ? 235 ARG A CD  1 
ATOM   616 N NE  . ARG A 1 88  ? -10.686 -1.417  0.828   1.00 17.70 ? 235 ARG A NE  1 
ATOM   617 C CZ  . ARG A 1 88  ? -10.880 -0.178  0.398   1.00 17.00 ? 235 ARG A CZ  1 
ATOM   618 N NH1 . ARG A 1 88  ? -11.440 0.715   1.206   1.00 17.35 ? 235 ARG A NH1 1 
ATOM   619 N NH2 . ARG A 1 88  ? -10.498 0.173   -0.824  1.00 16.58 ? 235 ARG A NH2 1 
ATOM   620 N N   . THR A 1 89  ? -9.301  -5.910  2.386   1.00 11.69 ? 236 THR A N   1 
ATOM   621 C CA  . THR A 1 89  ? -8.065  -6.244  1.715   1.00 11.01 ? 236 THR A CA  1 
ATOM   622 C C   . THR A 1 89  ? -7.891  -5.127  0.705   1.00 10.07 ? 236 THR A C   1 
ATOM   623 O O   . THR A 1 89  ? -8.799  -4.840  -0.082  1.00 10.55 ? 236 THR A O   1 
ATOM   624 C CB  . THR A 1 89  ? -8.154  -7.589  0.985   1.00 11.98 ? 236 THR A CB  1 
ATOM   625 O OG1 . THR A 1 89  ? -8.244  -8.649  1.950   1.00 11.27 ? 236 THR A OG1 1 
ATOM   626 C CG2 . THR A 1 89  ? -6.918  -7.801  0.122   1.00 12.86 ? 236 THR A CG2 1 
ATOM   627 N N   . PHE A 1 90  ? -6.742  -4.467  0.756   1.00 9.25  ? 237 PHE A N   1 
ATOM   628 C CA  . PHE A 1 90  ? -6.469  -3.386  -0.166  1.00 9.37  ? 237 PHE A CA  1 
ATOM   629 C C   . PHE A 1 90  ? -5.714  -3.914  -1.368  1.00 9.94  ? 237 PHE A C   1 
ATOM   630 O O   . PHE A 1 90  ? -4.788  -4.707  -1.224  1.00 10.42 ? 237 PHE A O   1 
ATOM   631 C CB  . PHE A 1 90  ? -5.659  -2.287  0.522   1.00 10.80 ? 237 PHE A CB  1 
ATOM   632 C CG  . PHE A 1 90  ? -6.426  -1.552  1.581   1.00 11.45 ? 237 PHE A CG  1 
ATOM   633 C CD1 . PHE A 1 90  ? -6.602  -2.109  2.845   1.00 13.04 ? 237 PHE A CD1 1 
ATOM   634 C CD2 . PHE A 1 90  ? -7.002  -0.315  1.301   1.00 12.63 ? 237 PHE A CD2 1 
ATOM   635 C CE1 . PHE A 1 90  ? -7.344  -1.440  3.818   1.00 14.04 ? 237 PHE A CE1 1 
ATOM   636 C CE2 . PHE A 1 90  ? -7.747  0.362   2.267   1.00 12.82 ? 237 PHE A CE2 1 
ATOM   637 C CZ  . PHE A 1 90  ? -7.916  -0.205  3.526   1.00 13.13 ? 237 PHE A CZ  1 
ATOM   638 N N   . TYR A 1 91  ? -6.129  -3.491  -2.558  1.00 9.20  ? 238 TYR A N   1 
ATOM   639 C CA  . TYR A 1 91  ? -5.467  -3.928  -3.777  1.00 10.03 ? 238 TYR A CA  1 
ATOM   640 C C   . TYR A 1 91  ? -4.748  -2.718  -4.338  1.00 8.65  ? 238 TYR A C   1 
ATOM   641 O O   . TYR A 1 91  ? -5.373  -1.701  -4.646  1.00 7.93  ? 238 TYR A O   1 
ATOM   642 C CB  . TYR A 1 91  ? -6.493  -4.477  -4.769  1.00 13.30 ? 238 TYR A CB  1 
ATOM   643 C CG  . TYR A 1 91  ? -7.288  -5.626  -4.190  1.00 16.09 ? 238 TYR A CG  1 
ATOM   644 C CD1 . TYR A 1 91  ? -8.540  -5.415  -3.613  1.00 18.71 ? 238 TYR A CD1 1 
ATOM   645 C CD2 . TYR A 1 91  ? -6.762  -6.916  -4.169  1.00 19.37 ? 238 TYR A CD2 1 
ATOM   646 C CE1 . TYR A 1 91  ? -9.250  -6.464  -3.024  1.00 20.27 ? 238 TYR A CE1 1 
ATOM   647 C CE2 . TYR A 1 91  ? -7.460  -7.971  -3.584  1.00 20.17 ? 238 TYR A CE2 1 
ATOM   648 C CZ  . TYR A 1 91  ? -8.700  -7.738  -3.012  1.00 21.77 ? 238 TYR A CZ  1 
ATOM   649 O OH  . TYR A 1 91  ? -9.381  -8.780  -2.418  1.00 24.41 ? 238 TYR A OH  1 
ATOM   650 N N   . LEU A 1 92  ? -3.429  -2.835  -4.439  1.00 8.90  ? 239 LEU A N   1 
ATOM   651 C CA  . LEU A 1 92  ? -2.581  -1.758  -4.917  1.00 8.17  ? 239 LEU A CA  1 
ATOM   652 C C   . LEU A 1 92  ? -1.753  -2.238  -6.095  1.00 10.94 ? 239 LEU A C   1 
ATOM   653 O O   . LEU A 1 92  ? -1.394  -3.414  -6.183  1.00 11.45 ? 239 LEU A O   1 
ATOM   654 C CB  . LEU A 1 92  ? -1.624  -1.305  -3.806  1.00 11.35 ? 239 LEU A CB  1 
ATOM   655 C CG  . LEU A 1 92  ? -2.215  -1.138  -2.403  1.00 12.48 ? 239 LEU A CG  1 
ATOM   656 C CD1 . LEU A 1 92  ? -1.123  -0.717  -1.424  1.00 11.99 ? 239 LEU A CD1 1 
ATOM   657 C CD2 . LEU A 1 92  ? -3.336  -0.117  -2.441  1.00 12.49 ? 239 LEU A CD2 1 
ATOM   658 N N   . CYS A 1 93  ? -1.448  -1.325  -7.005  1.00 11.27 ? 240 CYS A N   1 
ATOM   659 C CA  . CYS A 1 93  ? -0.627  -1.694  -8.145  1.00 12.01 ? 240 CYS A CA  1 
ATOM   660 C C   . CYS A 1 93  ? 0.464   -0.648  -8.315  1.00 11.82 ? 240 CYS A C   1 
ATOM   661 O O   . CYS A 1 93  ? 0.241   0.551   -8.116  1.00 11.57 ? 240 CYS A O   1 
ATOM   662 C CB  . CYS A 1 93  ? -1.474  -1.818  -9.416  1.00 13.69 ? 240 CYS A CB  1 
ATOM   663 S SG  . CYS A 1 93  ? -2.864  -3.000  -9.326  1.00 18.29 ? 240 CYS A SG  1 
ATOM   664 N N   . ALA A 1 94  ? 1.660   -1.120  -8.642  1.00 11.64 ? 241 ALA A N   1 
ATOM   665 C CA  . ALA A 1 94  ? 2.798   -0.246  -8.839  1.00 13.18 ? 241 ALA A CA  1 
ATOM   666 C C   . ALA A 1 94  ? 3.008   -0.097  -10.343 1.00 15.37 ? 241 ALA A C   1 
ATOM   667 O O   . ALA A 1 94  ? 2.302   -0.720  -11.139 1.00 16.06 ? 241 ALA A O   1 
ATOM   668 C CB  . ALA A 1 94  ? 4.039   -0.849  -8.191  1.00 12.41 ? 241 ALA A CB  1 
ATOM   669 N N   . LYS A 1 95  ? 3.985   0.721   -10.716 1.00 18.27 ? 242 LYS A N   1 
ATOM   670 C CA  . LYS A 1 95  ? 4.302   0.968   -12.120 1.00 21.60 ? 242 LYS A CA  1 
ATOM   671 C C   . LYS A 1 95  ? 5.010   -0.229  -12.732 1.00 21.61 ? 242 LYS A C   1 
ATOM   672 O O   . LYS A 1 95  ? 4.765   -0.592  -13.880 1.00 22.03 ? 242 LYS A O   1 
ATOM   673 C CB  . LYS A 1 95  ? 5.218   2.183   -12.249 1.00 24.43 ? 242 LYS A CB  1 
ATOM   674 C CG  . LYS A 1 95  ? 4.625   3.495   -11.782 1.00 29.08 ? 242 LYS A CG  1 
ATOM   675 C CD  . LYS A 1 95  ? 5.675   4.601   -11.828 1.00 33.15 ? 242 LYS A CD  1 
ATOM   676 C CE  . LYS A 1 95  ? 6.289   4.732   -13.216 1.00 35.19 ? 242 LYS A CE  1 
ATOM   677 N NZ  . LYS A 1 95  ? 7.326   5.796   -13.274 1.00 37.61 ? 242 LYS A NZ  1 
ATOM   678 N N   . THR A 1 96  ? 5.896   -0.835  -11.953 1.00 19.46 ? 243 THR A N   1 
ATOM   679 C CA  . THR A 1 96  ? 6.668   -1.978  -12.418 1.00 18.37 ? 243 THR A CA  1 
ATOM   680 C C   . THR A 1 96  ? 6.764   -3.061  -11.356 1.00 18.37 ? 243 THR A C   1 
ATOM   681 O O   . THR A 1 96  ? 6.380   -2.853  -10.203 1.00 18.11 ? 243 THR A O   1 
ATOM   682 C CB  . THR A 1 96  ? 8.089   -1.549  -12.768 1.00 18.60 ? 243 THR A CB  1 
ATOM   683 O OG1 . THR A 1 96  ? 8.692   -0.944  -11.617 1.00 17.74 ? 243 THR A OG1 1 
ATOM   684 C CG2 . THR A 1 96  ? 8.077   -0.546  -13.918 1.00 20.15 ? 243 THR A CG2 1 
ATOM   685 N N   . GLY A 1 97  ? 7.282   -4.216  -11.751 1.00 16.68 ? 244 GLY A N   1 
ATOM   686 C CA  . GLY A 1 97  ? 7.441   -5.301  -10.805 1.00 17.18 ? 244 GLY A CA  1 
ATOM   687 C C   . GLY A 1 97  ? 8.456   -4.858  -9.772  1.00 16.25 ? 244 GLY A C   1 
ATOM   688 O O   . GLY A 1 97  ? 8.364   -5.211  -8.602  1.00 16.14 ? 244 GLY A O   1 
ATOM   689 N N   . VAL A 1 98  ? 9.426   -4.066  -10.219 1.00 15.99 ? 245 VAL A N   1 
ATOM   690 C CA  . VAL A 1 98  ? 10.468  -3.552  -9.342  1.00 14.94 ? 245 VAL A CA  1 
ATOM   691 C C   . VAL A 1 98  ? 9.877   -2.698  -8.228  1.00 14.29 ? 245 VAL A C   1 
ATOM   692 O O   . VAL A 1 98  ? 10.189  -2.896  -7.053  1.00 12.34 ? 245 VAL A O   1 
ATOM   693 C CB  . VAL A 1 98  ? 11.495  -2.710  -10.137 1.00 17.14 ? 245 VAL A CB  1 
ATOM   694 C CG1 . VAL A 1 98  ? 12.392  -1.931  -9.191  1.00 17.49 ? 245 VAL A CG1 1 
ATOM   695 C CG2 . VAL A 1 98  ? 12.334  -3.629  -11.010 1.00 18.30 ? 245 VAL A CG2 1 
ATOM   696 N N   . GLU A 1 99  ? 9.021   -1.751  -8.599  1.00 13.70 ? 246 GLU A N   1 
ATOM   697 C CA  . GLU A 1 99  ? 8.400   -0.871  -7.615  1.00 14.74 ? 246 GLU A CA  1 
ATOM   698 C C   . GLU A 1 99  ? 7.480   -1.672  -6.701  1.00 13.21 ? 246 GLU A C   1 
ATOM   699 O O   . GLU A 1 99  ? 7.413   -1.414  -5.495  1.00 13.12 ? 246 GLU A O   1 
ATOM   700 C CB  . GLU A 1 99  ? 7.606   0.241   -8.307  1.00 15.86 ? 246 GLU A CB  1 
ATOM   701 C CG  . GLU A 1 99  ? 6.993   1.236   -7.333  1.00 18.27 ? 246 GLU A CG  1 
ATOM   702 C CD  . GLU A 1 99  ? 6.274   2.376   -8.025  1.00 20.06 ? 246 GLU A CD  1 
ATOM   703 O OE1 . GLU A 1 99  ? 5.347   2.107   -8.815  1.00 23.18 ? 246 GLU A OE1 1 
ATOM   704 O OE2 . GLU A 1 99  ? 6.633   3.544   -7.774  1.00 21.75 ? 246 GLU A OE2 1 
ATOM   705 N N   . ALA A 1 100 ? 6.772   -2.640  -7.275  1.00 11.38 ? 247 ALA A N   1 
ATOM   706 C CA  . ALA A 1 100 ? 5.878   -3.478  -6.489  1.00 10.80 ? 247 ALA A CA  1 
ATOM   707 C C   . ALA A 1 100 ? 6.703   -4.239  -5.458  1.00 11.86 ? 247 ALA A C   1 
ATOM   708 O O   . ALA A 1 100 ? 6.342   -4.298  -4.279  1.00 10.87 ? 247 ALA A O   1 
ATOM   709 C CB  . ALA A 1 100 ? 5.131   -4.457  -7.387  1.00 9.05  ? 247 ALA A CB  1 
ATOM   710 N N   . ASP A 1 101 ? 7.810   -4.820  -5.911  1.00 9.95  ? 248 ASP A N   1 
ATOM   711 C CA  . ASP A 1 101 ? 8.696   -5.579  -5.038  1.00 12.21 ? 248 ASP A CA  1 
ATOM   712 C C   . ASP A 1 101 ? 9.229   -4.733  -3.889  1.00 11.40 ? 248 ASP A C   1 
ATOM   713 O O   . ASP A 1 101 ? 9.336   -5.211  -2.764  1.00 10.42 ? 248 ASP A O   1 
ATOM   714 C CB  . ASP A 1 101 ? 9.869   -6.161  -5.840  1.00 14.12 ? 248 ASP A CB  1 
ATOM   715 C CG  . ASP A 1 101 ? 9.512   -7.465  -6.525  1.00 17.15 ? 248 ASP A CG  1 
ATOM   716 O OD1 . ASP A 1 101 ? 10.292  -7.921  -7.389  1.00 18.73 ? 248 ASP A OD1 1 
ATOM   717 O OD2 . ASP A 1 101 ? 8.454   -8.042  -6.192  1.00 19.93 ? 248 ASP A OD2 1 
ATOM   718 N N   . GLU A 1 102 ? 9.566   -3.478  -4.175  1.00 10.17 ? 249 GLU A N   1 
ATOM   719 C CA  . GLU A 1 102 ? 10.074  -2.584  -3.141  1.00 10.73 ? 249 GLU A CA  1 
ATOM   720 C C   . GLU A 1 102 ? 9.046   -2.414  -2.037  1.00 9.91  ? 249 GLU A C   1 
ATOM   721 O O   . GLU A 1 102 ? 9.377   -2.503  -0.854  1.00 9.04  ? 249 GLU A O   1 
ATOM   722 C CB  . GLU A 1 102 ? 10.405  -1.214  -3.724  1.00 12.51 ? 249 GLU A CB  1 
ATOM   723 C CG  . GLU A 1 102 ? 11.703  -1.173  -4.495  1.00 17.28 ? 249 GLU A CG  1 
ATOM   724 C CD  . GLU A 1 102 ? 11.874  0.128   -5.247  1.00 20.94 ? 249 GLU A CD  1 
ATOM   725 O OE1 . GLU A 1 102 ? 11.191  1.115   -4.891  1.00 22.27 ? 249 GLU A OE1 1 
ATOM   726 O OE2 . GLU A 1 102 ? 12.696  0.166   -6.187  1.00 23.31 ? 249 GLU A OE2 1 
ATOM   727 N N   . TRP A 1 103 ? 7.800   -2.164  -2.430  1.00 8.95  ? 250 TRP A N   1 
ATOM   728 C CA  . TRP A 1 103 ? 6.726   -1.988  -1.458  1.00 8.56  ? 250 TRP A CA  1 
ATOM   729 C C   . TRP A 1 103 ? 6.465   -3.275  -0.692  1.00 9.12  ? 250 TRP A C   1 
ATOM   730 O O   . TRP A 1 103 ? 6.355   -3.267  0.536   1.00 9.57  ? 250 TRP A O   1 
ATOM   731 C CB  . TRP A 1 103 ? 5.433   -1.538  -2.144  1.00 7.87  ? 250 TRP A CB  1 
ATOM   732 C CG  . TRP A 1 103 ? 5.367   -0.066  -2.342  1.00 7.64  ? 250 TRP A CG  1 
ATOM   733 C CD1 . TRP A 1 103 ? 5.533   0.619   -3.512  1.00 7.91  ? 250 TRP A CD1 1 
ATOM   734 C CD2 . TRP A 1 103 ? 5.157   0.914   -1.325  1.00 8.56  ? 250 TRP A CD2 1 
ATOM   735 N NE1 . TRP A 1 103 ? 5.441   1.971   -3.284  1.00 8.62  ? 250 TRP A NE1 1 
ATOM   736 C CE2 . TRP A 1 103 ? 5.211   2.179   -1.947  1.00 8.21  ? 250 TRP A CE2 1 
ATOM   737 C CE3 . TRP A 1 103 ? 4.931   0.846   0.058   1.00 9.09  ? 250 TRP A CE3 1 
ATOM   738 C CZ2 . TRP A 1 103 ? 5.044   3.372   -1.235  1.00 9.44  ? 250 TRP A CZ2 1 
ATOM   739 C CZ3 . TRP A 1 103 ? 4.767   2.036   0.768   1.00 7.25  ? 250 TRP A CZ3 1 
ATOM   740 C CH2 . TRP A 1 103 ? 4.824   3.278   0.120   1.00 9.02  ? 250 TRP A CH2 1 
ATOM   741 N N   . ILE A 1 104 ? 6.375   -4.382  -1.419  1.00 8.69  ? 251 ILE A N   1 
ATOM   742 C CA  . ILE A 1 104 ? 6.117   -5.675  -0.793  1.00 10.53 ? 251 ILE A CA  1 
ATOM   743 C C   . ILE A 1 104 ? 7.229   -6.054  0.179   1.00 10.55 ? 251 ILE A C   1 
ATOM   744 O O   . ILE A 1 104 ? 6.964   -6.514  1.296   1.00 10.57 ? 251 ILE A O   1 
ATOM   745 C CB  . ILE A 1 104 ? 5.939   -6.765  -1.877  1.00 12.31 ? 251 ILE A CB  1 
ATOM   746 C CG1 . ILE A 1 104 ? 4.592   -6.552  -2.575  1.00 13.41 ? 251 ILE A CG1 1 
ATOM   747 C CG2 . ILE A 1 104 ? 6.027   -8.157  -1.263  1.00 15.09 ? 251 ILE A CG2 1 
ATOM   748 C CD1 . ILE A 1 104 ? 4.493   -7.188  -3.936  1.00 16.35 ? 251 ILE A CD1 1 
ATOM   749 N N   . LYS A 1 105 ? 8.477   -5.853  -0.228  1.00 9.52  ? 252 LYS A N   1 
ATOM   750 C CA  . LYS A 1 105 ? 9.588   -6.185  0.655   1.00 10.57 ? 252 LYS A CA  1 
ATOM   751 C C   . LYS A 1 105 ? 9.595   -5.352  1.931   1.00 10.39 ? 252 LYS A C   1 
ATOM   752 O O   . LYS A 1 105 ? 9.796   -5.890  3.025   1.00 12.06 ? 252 LYS A O   1 
ATOM   753 C CB  . LYS A 1 105 ? 10.921  -6.008  -0.065  1.00 12.21 ? 252 LYS A CB  1 
ATOM   754 C CG  . LYS A 1 105 ? 11.229  -7.113  -1.053  1.00 17.61 ? 252 LYS A CG  1 
ATOM   755 C CD  . LYS A 1 105 ? 12.525  -6.821  -1.791  1.00 20.00 ? 252 LYS A CD  1 
ATOM   756 C CE  . LYS A 1 105 ? 12.838  -7.908  -2.798  1.00 23.24 ? 252 LYS A CE  1 
ATOM   757 N NZ  . LYS A 1 105 ? 14.041  -7.546  -3.599  1.00 25.97 ? 252 LYS A NZ  1 
ATOM   758 N N   . ILE A 1 106 ? 9.379   -4.045  1.811   1.00 9.90  ? 253 ILE A N   1 
ATOM   759 C CA  . ILE A 1 106 ? 9.395   -3.211  3.005   1.00 8.11  ? 253 ILE A CA  1 
ATOM   760 C C   . ILE A 1 106 ? 8.182   -3.512  3.877   1.00 9.01  ? 253 ILE A C   1 
ATOM   761 O O   . ILE A 1 106 ? 8.297   -3.552  5.101   1.00 7.85  ? 253 ILE A O   1 
ATOM   762 C CB  . ILE A 1 106 ? 9.471   -1.693  2.668   1.00 9.36  ? 253 ILE A CB  1 
ATOM   763 C CG1 . ILE A 1 106 ? 9.846   -0.909  3.934   1.00 8.93  ? 253 ILE A CG1 1 
ATOM   764 C CG2 . ILE A 1 106 ? 8.147   -1.196  2.096   1.00 6.87  ? 253 ILE A CG2 1 
ATOM   765 C CD1 . ILE A 1 106 ? 10.229  0.546   3.693   1.00 8.34  ? 253 ILE A CD1 1 
ATOM   766 N N   . LEU A 1 107 ? 7.027   -3.748  3.260   1.00 7.74  ? 254 LEU A N   1 
ATOM   767 C CA  . LEU A 1 107 ? 5.829   -4.064  4.043   1.00 10.21 ? 254 LEU A CA  1 
ATOM   768 C C   . LEU A 1 107 ? 5.993   -5.391  4.786   1.00 10.58 ? 254 LEU A C   1 
ATOM   769 O O   . LEU A 1 107 ? 5.634   -5.495  5.959   1.00 11.21 ? 254 LEU A O   1 
ATOM   770 C CB  . LEU A 1 107 ? 4.590   -4.091  3.141   1.00 8.63  ? 254 LEU A CB  1 
ATOM   771 C CG  . LEU A 1 107 ? 4.176   -2.713  2.609   1.00 9.84  ? 254 LEU A CG  1 
ATOM   772 C CD1 . LEU A 1 107 ? 3.069   -2.859  1.565   1.00 9.26  ? 254 LEU A CD1 1 
ATOM   773 C CD2 . LEU A 1 107 ? 3.713   -1.838  3.767   1.00 10.95 ? 254 LEU A CD2 1 
ATOM   774 N N   . ARG A 1 108 ? 6.539   -6.407  4.118   1.00 11.16 ? 255 ARG A N   1 
ATOM   775 C CA  . ARG A 1 108 ? 6.754   -7.697  4.767   1.00 13.89 ? 255 ARG A CA  1 
ATOM   776 C C   . ARG A 1 108 ? 7.768   -7.538  5.887   1.00 13.68 ? 255 ARG A C   1 
ATOM   777 O O   . ARG A 1 108 ? 7.681   -8.204  6.917   1.00 14.35 ? 255 ARG A O   1 
ATOM   778 C CB  . ARG A 1 108 ? 7.268   -8.737  3.773   1.00 14.83 ? 255 ARG A CB  1 
ATOM   779 C CG  . ARG A 1 108 ? 6.247   -9.088  2.728   1.00 19.83 ? 255 ARG A CG  1 
ATOM   780 C CD  . ARG A 1 108 ? 6.508   -10.423 2.101   1.00 23.47 ? 255 ARG A CD  1 
ATOM   781 N NE  . ARG A 1 108 ? 5.341   -10.864 1.348   1.00 27.62 ? 255 ARG A NE  1 
ATOM   782 C CZ  . ARG A 1 108 ? 5.265   -12.028 0.718   1.00 30.39 ? 255 ARG A CZ  1 
ATOM   783 N NH1 . ARG A 1 108 ? 6.294   -12.865 0.756   1.00 32.70 ? 255 ARG A NH1 1 
ATOM   784 N NH2 . ARG A 1 108 ? 4.166   -12.353 0.051   1.00 29.74 ? 255 ARG A NH2 1 
ATOM   785 N N   . TRP A 1 109 ? 8.732   -6.651  5.668   1.00 13.34 ? 256 TRP A N   1 
ATOM   786 C CA  . TRP A 1 109 ? 9.768   -6.370  6.649   1.00 13.95 ? 256 TRP A CA  1 
ATOM   787 C C   . TRP A 1 109 ? 9.094   -5.777  7.883   1.00 14.30 ? 256 TRP A C   1 
ATOM   788 O O   . TRP A 1 109 ? 9.436   -6.115  9.019   1.00 14.46 ? 256 TRP A O   1 
ATOM   789 C CB  . TRP A 1 109 ? 10.767  -5.377  6.055   1.00 13.95 ? 256 TRP A CB  1 
ATOM   790 C CG  . TRP A 1 109 ? 11.866  -4.948  6.976   1.00 15.16 ? 256 TRP A CG  1 
ATOM   791 C CD1 . TRP A 1 109 ? 13.026  -5.620  7.244   1.00 16.23 ? 256 TRP A CD1 1 
ATOM   792 C CD2 . TRP A 1 109 ? 11.928  -3.725  7.717   1.00 14.18 ? 256 TRP A CD2 1 
ATOM   793 N NE1 . TRP A 1 109 ? 13.810  -4.883  8.104   1.00 15.77 ? 256 TRP A NE1 1 
ATOM   794 C CE2 . TRP A 1 109 ? 13.159  -3.717  8.410   1.00 15.81 ? 256 TRP A CE2 1 
ATOM   795 C CE3 . TRP A 1 109 ? 11.063  -2.631  7.861   1.00 14.54 ? 256 TRP A CE3 1 
ATOM   796 C CZ2 . TRP A 1 109 ? 13.549  -2.656  9.236   1.00 15.94 ? 256 TRP A CZ2 1 
ATOM   797 C CZ3 . TRP A 1 109 ? 11.451  -1.575  8.684   1.00 16.98 ? 256 TRP A CZ3 1 
ATOM   798 C CH2 . TRP A 1 109 ? 12.685  -1.598  9.360   1.00 17.37 ? 256 TRP A CH2 1 
ATOM   799 N N   . LYS A 1 110 ? 8.130   -4.889  7.657   1.00 12.38 ? 257 LYS A N   1 
ATOM   800 C CA  . LYS A 1 110 ? 7.405   -4.279  8.763   1.00 12.96 ? 257 LYS A CA  1 
ATOM   801 C C   . LYS A 1 110 ? 6.672   -5.363  9.538   1.00 12.34 ? 257 LYS A C   1 
ATOM   802 O O   . LYS A 1 110 ? 6.759   -5.426  10.765  1.00 13.13 ? 257 LYS A O   1 
ATOM   803 C CB  . LYS A 1 110 ? 6.389   -3.258  8.247   1.00 11.32 ? 257 LYS A CB  1 
ATOM   804 C CG  . LYS A 1 110 ? 6.999   -1.994  7.680   1.00 10.78 ? 257 LYS A CG  1 
ATOM   805 C CD  . LYS A 1 110 ? 7.666   -1.157  8.756   1.00 11.77 ? 257 LYS A CD  1 
ATOM   806 C CE  . LYS A 1 110 ? 8.159   0.158   8.174   1.00 12.16 ? 257 LYS A CE  1 
ATOM   807 N NZ  . LYS A 1 110 ? 8.726   1.071   9.212   1.00 10.97 ? 257 LYS A NZ  1 
ATOM   808 N N   . LEU A 1 111 ? 5.946   -6.210  8.814   1.00 12.51 ? 258 LEU A N   1 
ATOM   809 C CA  . LEU A 1 111 ? 5.186   -7.289  9.435   1.00 13.43 ? 258 LEU A CA  1 
ATOM   810 C C   . LEU A 1 111 ? 6.071   -8.266  10.202  1.00 14.40 ? 258 LEU A C   1 
ATOM   811 O O   . LEU A 1 111 ? 5.659   -8.803  11.231  1.00 12.88 ? 258 LEU A O   1 
ATOM   812 C CB  . LEU A 1 111 ? 4.375   -8.059  8.383   1.00 14.39 ? 258 LEU A CB  1 
ATOM   813 C CG  . LEU A 1 111 ? 3.326   -7.276  7.583   1.00 17.12 ? 258 LEU A CG  1 
ATOM   814 C CD1 . LEU A 1 111 ? 2.417   -8.262  6.859   1.00 17.59 ? 258 LEU A CD1 1 
ATOM   815 C CD2 . LEU A 1 111 ? 2.505   -6.388  8.512   1.00 16.47 ? 258 LEU A CD2 1 
ATOM   816 N N   . SER A 1 112 ? 7.283   -8.494  9.704   1.00 13.60 ? 259 SER A N   1 
ATOM   817 C CA  . SER A 1 112 ? 8.214   -9.415  10.351  1.00 16.44 ? 259 SER A CA  1 
ATOM   818 C C   . SER A 1 112 ? 8.684   -8.937  11.717  1.00 16.60 ? 259 SER A C   1 
ATOM   819 O O   . SER A 1 112 ? 9.034   -9.747  12.574  1.00 16.28 ? 259 SER A O   1 
ATOM   820 C CB  . SER A 1 112 ? 9.435   -9.653  9.459   1.00 17.07 ? 259 SER A CB  1 
ATOM   821 O OG  . SER A 1 112 ? 9.076   -10.388 8.303   1.00 21.34 ? 259 SER A OG  1 
ATOM   822 N N   . GLN A 1 113 ? 8.705   -7.624  11.911  1.00 17.18 ? 260 GLN A N   1 
ATOM   823 C CA  . GLN A 1 113 ? 9.135   -7.053  13.179  1.00 20.34 ? 260 GLN A CA  1 
ATOM   824 C C   . GLN A 1 113 ? 7.967   -6.933  14.147  1.00 20.31 ? 260 GLN A C   1 
ATOM   825 O O   . GLN A 1 113 ? 8.147   -6.559  15.302  1.00 20.91 ? 260 GLN A O   1 
ATOM   826 C CB  . GLN A 1 113 ? 9.762   -5.679  12.954  1.00 21.51 ? 260 GLN A CB  1 
ATOM   827 C CG  . GLN A 1 113 ? 11.074  -5.717  12.188  1.00 28.07 ? 260 GLN A CG  1 
ATOM   828 C CD  . GLN A 1 113 ? 11.640  -4.333  11.969  1.00 31.16 ? 260 GLN A CD  1 
ATOM   829 O OE1 . GLN A 1 113 ? 11.046  -3.513  11.269  1.00 34.50 ? 260 GLN A OE1 1 
ATOM   830 N NE2 . GLN A 1 113 ? 12.788  -4.058  12.575  1.00 32.47 ? 260 GLN A NE2 1 
ATOM   831 N N   . ILE A 1 114 ? 6.770   -7.244  13.660  1.00 19.43 ? 261 ILE A N   1 
ATOM   832 C CA  . ILE A 1 114 ? 5.566   -7.186  14.480  1.00 21.24 ? 261 ILE A CA  1 
ATOM   833 C C   . ILE A 1 114 ? 5.216   -8.585  14.979  1.00 20.42 ? 261 ILE A C   1 
ATOM   834 O O   . ILE A 1 114 ? 5.280   -8.858  16.176  1.00 22.97 ? 261 ILE A O   1 
ATOM   835 C CB  . ILE A 1 114 ? 4.365   -6.632  13.680  1.00 21.33 ? 261 ILE A CB  1 
ATOM   836 C CG1 . ILE A 1 114 ? 4.638   -5.184  13.263  1.00 21.55 ? 261 ILE A CG1 1 
ATOM   837 C CG2 . ILE A 1 114 ? 3.094   -6.718  14.519  1.00 21.64 ? 261 ILE A CG2 1 
ATOM   838 C CD1 . ILE A 1 114 ? 3.573   -4.600  12.346  1.00 21.25 ? 261 ILE A CD1 1 
HETATM 839 C C1  . 4IP B 2 .   ? -14.286 5.829   -4.539  1.00 15.84 ? 274 4IP A C1  1 
HETATM 840 O O1  . 4IP B 2 .   ? -14.743 5.778   -5.898  1.00 18.84 ? 274 4IP A O1  1 
HETATM 841 C C2  . 4IP B 2 .   ? -12.768 5.794   -4.502  1.00 15.97 ? 274 4IP A C2  1 
HETATM 842 O O2  . 4IP B 2 .   ? -12.297 4.588   -5.088  1.00 13.77 ? 274 4IP A O2  1 
HETATM 843 C C3  . 4IP B 2 .   ? -12.292 5.877   -3.068  1.00 14.57 ? 274 4IP A C3  1 
HETATM 844 O O3  . 4IP B 2 .   ? -10.858 5.914   -3.033  1.00 12.14 ? 274 4IP A O3  1 
HETATM 845 C C4  . 4IP B 2 .   ? -12.808 4.708   -2.233  1.00 14.08 ? 274 4IP A C4  1 
HETATM 846 O O4  . 4IP B 2 .   ? -12.445 4.889   -0.853  1.00 14.41 ? 274 4IP A O4  1 
HETATM 847 C C5  . 4IP B 2 .   ? -14.320 4.515   -2.334  1.00 16.15 ? 274 4IP A C5  1 
HETATM 848 O O5  . 4IP B 2 .   ? -14.670 3.228   -1.804  1.00 16.11 ? 274 4IP A O5  1 
HETATM 849 C C6  . 4IP B 2 .   ? -14.888 4.669   -3.751  1.00 16.81 ? 274 4IP A C6  1 
HETATM 850 O O6  . 4IP B 2 .   ? -16.298 4.839   -3.678  1.00 19.40 ? 274 4IP A O6  1 
HETATM 851 P P1  . 4IP B 2 .   ? -15.057 7.139   -6.732  1.00 22.15 ? 274 4IP A P1  1 
HETATM 852 O O1P . 4IP B 2 .   ? -15.038 6.710   -8.189  1.00 22.88 ? 274 4IP A O1P 1 
HETATM 853 O O2P . 4IP B 2 .   ? -13.951 8.113   -6.360  1.00 23.68 ? 274 4IP A O2P 1 
HETATM 854 O O3P . 4IP B 2 .   ? -16.424 7.607   -6.279  1.00 23.56 ? 274 4IP A O3P 1 
HETATM 855 P P3  . 4IP B 2 .   ? -10.087 7.181   -2.375  1.00 13.00 ? 274 4IP A P3  1 
HETATM 856 O O4P . 4IP B 2 .   ? -8.606  6.873   -2.508  1.00 12.09 ? 274 4IP A O4P 1 
HETATM 857 O O5P . 4IP B 2 .   ? -10.538 8.412   -3.140  1.00 13.12 ? 274 4IP A O5P 1 
HETATM 858 O O6P . 4IP B 2 .   ? -10.539 7.203   -0.918  1.00 14.39 ? 274 4IP A O6P 1 
HETATM 859 P P4  . 4IP B 2 .   ? -11.244 4.031   -0.169  1.00 14.67 ? 274 4IP A P4  1 
HETATM 860 O O7P . 4IP B 2 .   ? -10.767 3.021   -1.199  1.00 12.90 ? 274 4IP A O7P 1 
HETATM 861 O O8P . 4IP B 2 .   ? -10.183 5.054   0.178   1.00 13.62 ? 274 4IP A O8P 1 
HETATM 862 O O9P . 4IP B 2 .   ? -11.840 3.370   1.065   1.00 14.67 ? 274 4IP A O9P 1 
HETATM 863 P P5  . 4IP B 2 .   ? -16.057 2.997   -0.985  1.00 19.59 ? 274 4IP A P5  1 
HETATM 864 O OPF . 4IP B 2 .   ? -15.827 1.702   -0.226  1.00 18.08 ? 274 4IP A OPF 1 
HETATM 865 O OPG . 4IP B 2 .   ? -16.206 4.209   -0.077  1.00 18.72 ? 274 4IP A OPG 1 
HETATM 866 O OPH . 4IP B 2 .   ? -17.137 2.900   -2.050  1.00 18.72 ? 274 4IP A OPH 1 
HETATM 867 O O   . HOH C 3 .   ? -9.505  3.842   -5.158  1.00 9.10  ? 1   HOH A O   1 
HETATM 868 O O   . HOH C 3 .   ? -5.540  13.349  1.052   1.00 11.93 ? 2   HOH A O   1 
HETATM 869 O O   . HOH C 3 .   ? 5.984   7.631   -6.702  1.00 12.82 ? 3   HOH A O   1 
HETATM 870 O O   . HOH C 3 .   ? 7.354   -2.987  12.100  1.00 15.82 ? 4   HOH A O   1 
HETATM 871 O O   . HOH C 3 .   ? 5.423   4.003   -5.172  1.00 14.93 ? 5   HOH A O   1 
HETATM 872 O O   . HOH C 3 .   ? -8.343  -1.730  -2.376  1.00 13.00 ? 6   HOH A O   1 
HETATM 873 O O   . HOH C 3 .   ? -9.686  -8.810  4.231   1.00 12.29 ? 7   HOH A O   1 
HETATM 874 O O   . HOH C 3 .   ? 2.633   -11.598 4.246   1.00 18.80 ? 8   HOH A O   1 
HETATM 875 O O   . HOH C 3 .   ? -5.569  -0.278  9.947   1.00 16.89 ? 9   HOH A O   1 
HETATM 876 O O   . HOH C 3 .   ? -3.459  -13.462 -7.627  1.00 15.19 ? 10  HOH A O   1 
HETATM 877 O O   . HOH C 3 .   ? 4.826   12.837  1.946   1.00 21.18 ? 11  HOH A O   1 
HETATM 878 O O   . HOH C 3 .   ? -4.222  -14.360 -13.220 1.00 15.08 ? 12  HOH A O   1 
HETATM 879 O O   . HOH C 3 .   ? -8.468  13.830  4.019   1.00 19.55 ? 13  HOH A O   1 
HETATM 880 O O   . HOH C 3 .   ? 2.979   11.106  5.615   1.00 20.53 ? 14  HOH A O   1 
HETATM 881 O O   . HOH C 3 .   ? 0.945   -8.795  -9.890  1.00 18.65 ? 15  HOH A O   1 
HETATM 882 O O   . HOH C 3 .   ? -2.758  -8.497  -11.230 1.00 20.03 ? 16  HOH A O   1 
HETATM 883 O O   . HOH C 3 .   ? 9.152   4.934   -3.282  1.00 19.98 ? 17  HOH A O   1 
HETATM 884 O O   . HOH C 3 .   ? 3.960   -1.613  -16.009 1.00 27.15 ? 18  HOH A O   1 
HETATM 885 O O   . HOH C 3 .   ? -3.455  11.538  -7.192  1.00 24.32 ? 19  HOH A O   1 
HETATM 886 O O   . HOH C 3 .   ? -11.940 -6.593  1.260   1.00 15.93 ? 20  HOH A O   1 
HETATM 887 O O   . HOH C 3 .   ? -5.361  15.692  -6.007  1.00 28.34 ? 21  HOH A O   1 
HETATM 888 O O   . HOH C 3 .   ? 3.361   14.755  -6.904  1.00 15.64 ? 22  HOH A O   1 
HETATM 889 O O   . HOH C 3 .   ? -10.272 -2.846  -1.218  1.00 23.74 ? 23  HOH A O   1 
HETATM 890 O O   . HOH C 3 .   ? 12.552  -4.140  -6.380  1.00 23.80 ? 24  HOH A O   1 
HETATM 891 O O   . HOH C 3 .   ? -6.564  -10.035 8.256   1.00 14.06 ? 25  HOH A O   1 
HETATM 892 O O   . HOH C 3 .   ? 2.859   7.203   7.093   1.00 11.36 ? 26  HOH A O   1 
HETATM 893 O O   . HOH C 3 .   ? -4.188  -13.187 6.150   1.00 17.47 ? 27  HOH A O   1 
HETATM 894 O O   . HOH C 3 .   ? 3.475   3.227   14.021  1.00 16.53 ? 28  HOH A O   1 
HETATM 895 O O   . HOH C 3 .   ? -4.321  -13.574 -15.950 1.00 26.09 ? 29  HOH A O   1 
HETATM 896 O O   . HOH C 3 .   ? -11.494 -3.490  -3.711  1.00 23.84 ? 30  HOH A O   1 
HETATM 897 O O   . HOH C 3 .   ? -17.352 5.987   -9.621  1.00 23.39 ? 31  HOH A O   1 
HETATM 898 O O   . HOH C 3 .   ? -5.738  16.843  2.346   1.00 26.00 ? 32  HOH A O   1 
HETATM 899 O O   . HOH C 3 .   ? -6.777  -4.830  15.606  1.00 23.56 ? 33  HOH A O   1 
HETATM 900 O O   . HOH C 3 .   ? 12.090  1.187   -0.644  1.00 25.25 ? 34  HOH A O   1 
HETATM 901 O O   . HOH C 3 .   ? -2.575  -15.420 -5.918  1.00 23.90 ? 35  HOH A O   1 
HETATM 902 O O   . HOH C 3 .   ? -6.349  1.217   12.928  1.00 26.77 ? 36  HOH A O   1 
HETATM 903 O O   . HOH C 3 .   ? 10.424  0.506   11.291  1.00 28.44 ? 37  HOH A O   1 
HETATM 904 O O   . HOH C 3 .   ? 2.567   13.270  3.447   1.00 29.22 ? 38  HOH A O   1 
HETATM 905 O O   . HOH C 3 .   ? 0.856   14.363  1.506   1.00 22.26 ? 39  HOH A O   1 
HETATM 906 O O   . HOH C 3 .   ? 6.644   -10.689 6.765   1.00 22.03 ? 40  HOH A O   1 
HETATM 907 O O   . HOH C 3 .   ? 9.251   -8.540  -9.747  1.00 23.68 ? 41  HOH A O   1 
HETATM 908 O O   . HOH C 3 .   ? -5.056  -8.422  12.107  1.00 29.52 ? 42  HOH A O   1 
HETATM 909 O O   . HOH C 3 .   ? -5.671  -12.806 -6.032  1.00 26.42 ? 43  HOH A O   1 
HETATM 910 O O   . HOH C 3 .   ? -10.622 -6.809  -6.193  1.00 31.60 ? 44  HOH A O   1 
HETATM 911 O O   . HOH C 3 .   ? -3.510  -12.008 -3.930  1.00 33.32 ? 45  HOH A O   1 
HETATM 912 O O   . HOH C 3 .   ? 4.230   -15.101 -6.503  1.00 24.61 ? 46  HOH A O   1 
HETATM 913 O O   . HOH C 3 .   ? -8.054  -10.993 1.106   1.00 29.25 ? 47  HOH A O   1 
HETATM 914 O O   . HOH C 3 .   ? 12.708  -6.578  -7.967  1.00 26.43 ? 48  HOH A O   1 
HETATM 915 O O   . HOH C 3 .   ? -10.844 10.876  -6.599  1.00 26.07 ? 49  HOH A O   1 
HETATM 916 O O   . HOH C 3 .   ? 10.738  6.524   -0.301  1.00 12.88 ? 50  HOH A O   1 
HETATM 917 O O   . HOH C 3 .   ? 1.508   -2.680  -13.315 1.00 17.63 ? 51  HOH A O   1 
HETATM 918 O O   . HOH C 3 .   ? -0.617  -16.519 -7.061  1.00 15.27 ? 52  HOH A O   1 
HETATM 919 O O   . HOH C 3 .   ? -7.870  6.269   8.982   1.00 23.60 ? 53  HOH A O   1 
HETATM 920 O O   . HOH C 3 .   ? -6.789  -15.423 -13.270 1.00 26.01 ? 54  HOH A O   1 
HETATM 921 O O   . HOH C 3 .   ? 3.209   3.553   -8.961  1.00 22.27 ? 55  HOH A O   1 
HETATM 922 O O   . HOH C 3 .   ? -8.227  13.992  1.222   1.00 16.38 ? 56  HOH A O   1 
HETATM 923 O O   . HOH C 3 .   ? -12.647 8.335   0.250   1.00 20.16 ? 57  HOH A O   1 
HETATM 924 O O   . HOH C 3 .   ? 0.511   -7.242  11.695  1.00 27.41 ? 58  HOH A O   1 
HETATM 925 O O   . HOH C 3 .   ? 2.885   -9.121  11.655  1.00 24.03 ? 59  HOH A O   1 
HETATM 926 O O   . HOH C 3 .   ? -6.033  -10.796 10.998  1.00 24.55 ? 60  HOH A O   1 
HETATM 927 O O   . HOH C 3 .   ? -0.538  -2.775  -16.028 1.00 26.06 ? 61  HOH A O   1 
HETATM 928 O O   . HOH C 3 .   ? 8.149   0.509   12.958  1.00 25.30 ? 62  HOH A O   1 
HETATM 929 O O   . HOH C 3 .   ? -8.087  -4.504  -11.677 1.00 23.98 ? 63  HOH A O   1 
HETATM 930 O O   . HOH C 3 .   ? -13.766 10.431  -8.006  1.00 31.54 ? 64  HOH A O   1 
HETATM 931 O O   . HOH C 3 .   ? -9.473  -11.520 5.036   1.00 22.72 ? 65  HOH A O   1 
HETATM 932 O O   . HOH C 3 .   ? 3.135   8.578   9.334   1.00 21.39 ? 66  HOH A O   1 
HETATM 933 O O   . HOH C 3 .   ? -11.195 2.339   -12.394 1.00 24.40 ? 67  HOH A O   1 
HETATM 934 O O   . HOH C 3 .   ? 6.273   -7.584  -14.014 1.00 21.86 ? 68  HOH A O   1 
HETATM 935 O O   . HOH C 3 .   ? -5.110  11.211  -9.023  1.00 27.98 ? 69  HOH A O   1 
HETATM 936 O O   . HOH C 3 .   ? -8.305  -11.731 7.490   1.00 25.08 ? 70  HOH A O   1 
HETATM 937 O O   . HOH C 3 .   ? 3.127   0.062   16.046  1.00 24.52 ? 71  HOH A O   1 
HETATM 938 O O   . HOH C 3 .   ? -6.431  3.216   11.305  1.00 32.02 ? 72  HOH A O   1 
HETATM 939 O O   . HOH C 3 .   ? -2.341  6.262   -12.508 1.00 36.34 ? 73  HOH A O   1 
HETATM 940 O O   . HOH C 3 .   ? -17.622 -1.017  -8.349  1.00 27.37 ? 74  HOH A O   1 
HETATM 941 O O   . HOH C 3 .   ? -2.294  19.926  7.869   1.00 23.29 ? 75  HOH A O   1 
HETATM 942 O O   . HOH C 3 .   ? 10.130  3.571   10.656  1.00 34.23 ? 76  HOH A O   1 
HETATM 943 O O   . HOH C 3 .   ? -10.634 5.623   3.208   1.00 26.46 ? 77  HOH A O   1 
HETATM 944 O O   . HOH C 3 .   ? -5.558  -3.017  -11.594 1.00 21.53 ? 78  HOH A O   1 
HETATM 945 O O   . HOH C 3 .   ? 12.957  -5.621  15.145  1.00 27.81 ? 79  HOH A O   1 
HETATM 946 O O   . HOH C 3 .   ? -14.398 7.728   -10.418 1.00 27.26 ? 80  HOH A O   1 
HETATM 947 O O   . HOH C 3 .   ? -4.779  -10.438 -14.132 1.00 29.76 ? 81  HOH A O   1 
HETATM 948 O O   . HOH C 3 .   ? 2.536   -13.463 -2.389  1.00 24.58 ? 82  HOH A O   1 
HETATM 949 O O   . HOH C 3 .   ? 1.056   2.846   -10.160 1.00 28.44 ? 83  HOH A O   1 
HETATM 950 O O   . HOH C 3 .   ? 6.254   5.918   -8.744  1.00 29.14 ? 84  HOH A O   1 
HETATM 951 O O   . HOH C 3 .   ? 8.589   6.864   -9.852  1.00 28.78 ? 85  HOH A O   1 
HETATM 952 O O   . HOH C 3 .   ? -5.661  13.024  -6.567  1.00 27.58 ? 86  HOH A O   1 
HETATM 953 O O   . HOH C 3 .   ? 8.748   11.959  -0.180  1.00 32.42 ? 87  HOH A O   1 
HETATM 954 O O   . HOH C 3 .   ? -10.110 -3.023  -12.398 1.00 29.49 ? 88  HOH A O   1 
HETATM 955 O O   . HOH C 3 .   ? 12.607  -4.597  -3.811  1.00 32.85 ? 89  HOH A O   1 
HETATM 956 O O   . HOH C 3 .   ? 6.555   10.155  -7.981  1.00 34.28 ? 90  HOH A O   1 
HETATM 957 O O   . HOH C 3 .   ? -19.631 3.509   -2.084  1.00 26.84 ? 91  HOH A O   1 
HETATM 958 O O   . HOH C 3 .   ? -3.127  -10.809 -16.624 1.00 34.19 ? 92  HOH A O   1 
HETATM 959 O O   . HOH C 3 .   ? 1.106   9.864   12.617  1.00 38.05 ? 93  HOH A O   1 
HETATM 960 O O   . HOH C 3 .   ? -7.244  -13.159 2.293   1.00 44.95 ? 94  HOH A O   1 
HETATM 961 O O   . HOH C 3 .   ? -2.421  -8.197  -15.564 1.00 31.84 ? 95  HOH A O   1 
HETATM 962 O O   . HOH C 3 .   ? 7.377   -2.927  14.819  1.00 31.81 ? 96  HOH A O   1 
HETATM 963 O O   . HOH C 3 .   ? -14.372 -2.363  5.468   1.00 30.41 ? 97  HOH A O   1 
HETATM 964 O O   . HOH C 3 .   ? 7.373   12.495  -5.977  1.00 41.13 ? 98  HOH A O   1 
HETATM 965 O O   . HOH C 3 .   ? 10.084  7.929   10.065  1.00 43.33 ? 99  HOH A O   1 
HETATM 966 O O   . HOH C 3 .   ? 13.235  6.843   2.856   1.00 32.44 ? 100 HOH A O   1 
HETATM 967 O O   . HOH C 3 .   ? 7.551   -10.353 -13.053 1.00 31.44 ? 101 HOH A O   1 
HETATM 968 O O   . HOH C 3 .   ? -12.792 9.400   -4.325  1.00 31.47 ? 102 HOH A O   1 
HETATM 969 O O   . HOH C 3 .   ? -18.352 6.515   -5.259  1.00 42.51 ? 103 HOH A O   1 
HETATM 970 O O   . HOH C 3 .   ? 7.266   14.566  -0.372  1.00 36.47 ? 104 HOH A O   1 
HETATM 971 O O   . HOH C 3 .   ? 10.026  -4.598  -13.212 1.00 31.16 ? 105 HOH A O   1 
# 
